data_2MJD
#
_entry.id   2MJD
#
_cell.length_a   1.000
_cell.length_b   1.000
_cell.length_c   1.000
_cell.angle_alpha   90.00
_cell.angle_beta   90.00
_cell.angle_gamma   90.00
#
_symmetry.space_group_name_H-M   'P 1'
#
loop_
_entity.id
_entity.type
_entity.pdbx_description
1 polymer 'Adrenodoxin homolog, mitochondrial'
2 non-polymer 'FE2/S2 (INORGANIC) CLUSTER'
#
_entity_poly.entity_id   1
_entity_poly.type   'polypeptide(L)'
_entity_poly.pdbx_seq_one_letter_code
;GEELKITFILKDGSQKTYEVCEGETILDIAQGHNLDMEGACGGSCACSTCHVIVDPDYYDALPEPEDDENDMLDLAYGLT
ETSRLGCQIKMSKDIDGIRVALPQMTRNVNNNDFS
;
_entity_poly.pdbx_strand_id   A
#
loop_
_chem_comp.id
_chem_comp.type
_chem_comp.name
_chem_comp.formula
FES non-polymer 'FE2/S2 (INORGANIC) CLUSTER' 'Fe2 S2'
#
# COMPACT_ATOMS: atom_id res chain seq x y z
N GLY A 1 10.79 -17.32 -11.93
CA GLY A 1 9.96 -16.80 -13.04
C GLY A 1 9.92 -15.28 -13.01
N GLU A 2 10.18 -14.64 -14.16
CA GLU A 2 10.52 -13.21 -14.22
C GLU A 2 9.33 -12.27 -14.48
N GLU A 3 9.39 -11.11 -13.80
CA GLU A 3 8.47 -9.96 -13.78
C GLU A 3 6.97 -10.21 -13.50
N LEU A 4 6.36 -9.20 -12.86
CA LEU A 4 5.12 -9.30 -12.10
C LEU A 4 4.19 -8.09 -12.42
N LYS A 5 2.94 -8.11 -11.94
CA LYS A 5 2.03 -6.95 -11.97
C LYS A 5 1.30 -6.72 -10.64
N ILE A 6 0.85 -5.48 -10.43
CA ILE A 6 0.14 -4.95 -9.26
C ILE A 6 -1.05 -4.11 -9.74
N THR A 7 -2.25 -4.42 -9.28
CA THR A 7 -3.41 -3.50 -9.39
C THR A 7 -3.57 -2.72 -8.11
N PHE A 8 -3.75 -1.41 -8.26
CA PHE A 8 -4.20 -0.50 -7.23
C PHE A 8 -5.53 0.11 -7.66
N ILE A 9 -6.48 0.12 -6.73
CA ILE A 9 -7.66 0.96 -6.81
C ILE A 9 -7.30 2.33 -6.21
N LEU A 10 -7.56 3.40 -6.93
CA LEU A 10 -7.14 4.77 -6.65
C LEU A 10 -7.94 5.40 -5.49
N LYS A 11 -7.41 6.44 -4.82
CA LYS A 11 -8.22 7.24 -3.89
C LYS A 11 -9.45 7.86 -4.57
N ASP A 12 -9.31 8.33 -5.81
CA ASP A 12 -10.40 8.81 -6.68
C ASP A 12 -11.35 7.70 -7.17
N GLY A 13 -10.93 6.43 -7.08
CA GLY A 13 -11.75 5.23 -7.33
C GLY A 13 -11.45 4.45 -8.61
N SER A 14 -10.66 4.98 -9.56
CA SER A 14 -10.21 4.25 -10.76
C SER A 14 -9.40 2.99 -10.40
N GLN A 15 -9.15 2.10 -11.35
CA GLN A 15 -8.24 0.97 -11.23
C GLN A 15 -7.07 1.15 -12.14
N LYS A 16 -5.90 0.78 -11.64
CA LYS A 16 -4.65 0.96 -12.35
C LYS A 16 -3.69 -0.16 -12.05
N THR A 17 -3.23 -0.70 -13.15
CA THR A 17 -2.75 -2.06 -13.24
C THR A 17 -1.38 -2.09 -13.93
N TYR A 18 -0.31 -2.23 -13.14
CA TYR A 18 1.06 -1.83 -13.48
C TYR A 18 2.06 -2.99 -13.41
N GLU A 19 3.09 -2.97 -14.27
CA GLU A 19 4.16 -3.97 -14.28
C GLU A 19 5.39 -3.57 -13.44
N VAL A 20 5.94 -4.55 -12.71
CA VAL A 20 6.98 -4.39 -11.68
C VAL A 20 7.90 -5.61 -11.59
N CYS A 21 9.05 -5.38 -10.96
CA CYS A 21 9.96 -6.41 -10.48
C CYS A 21 9.53 -6.92 -9.09
N GLU A 22 10.08 -8.07 -8.69
CA GLU A 22 9.95 -8.56 -7.32
C GLU A 22 10.89 -7.79 -6.34
N GLY A 23 10.60 -7.79 -5.04
CA GLY A 23 11.33 -7.03 -4.03
C GLY A 23 10.85 -5.58 -3.86
N GLU A 24 9.92 -5.09 -4.69
CA GLU A 24 9.32 -3.75 -4.56
C GLU A 24 8.18 -3.67 -3.55
N THR A 25 8.23 -2.63 -2.70
CA THR A 25 7.19 -2.24 -1.74
C THR A 25 5.99 -1.62 -2.43
N ILE A 26 4.81 -1.74 -1.85
CA ILE A 26 3.60 -1.10 -2.37
C ILE A 26 3.71 0.43 -2.36
N LEU A 27 4.28 1.00 -1.29
CA LEU A 27 4.58 2.44 -1.24
C LEU A 27 5.57 2.85 -2.36
N ASP A 28 6.52 1.98 -2.71
CA ASP A 28 7.54 2.21 -3.74
C ASP A 28 7.01 2.07 -5.17
N ILE A 29 5.95 1.27 -5.40
CA ILE A 29 5.26 1.25 -6.71
C ILE A 29 4.27 2.40 -6.78
N ALA A 30 3.61 2.76 -5.67
CA ALA A 30 2.74 3.92 -5.65
C ALA A 30 3.52 5.22 -5.97
N GLN A 31 4.66 5.44 -5.31
CA GLN A 31 5.58 6.57 -5.53
C GLN A 31 6.55 6.43 -6.70
N GLY A 32 6.79 5.24 -7.21
CA GLY A 32 7.61 5.03 -8.41
C GLY A 32 6.82 5.14 -9.71
N HIS A 33 5.51 4.88 -9.64
CA HIS A 33 4.59 5.04 -10.78
C HIS A 33 3.82 6.36 -10.73
N ASN A 34 3.97 7.08 -9.60
CA ASN A 34 3.32 8.34 -9.27
C ASN A 34 1.80 8.23 -9.37
N LEU A 35 1.26 7.24 -8.65
CA LEU A 35 -0.18 7.16 -8.37
C LEU A 35 -0.65 8.43 -7.64
N ASP A 36 -1.83 8.96 -7.99
CA ASP A 36 -2.45 10.11 -7.31
C ASP A 36 -3.03 9.65 -5.98
N MET A 37 -2.19 9.72 -4.95
CA MET A 37 -2.36 8.94 -3.73
C MET A 37 -1.59 9.57 -2.55
N GLU A 38 -2.34 9.93 -1.52
CA GLU A 38 -1.85 10.42 -0.21
C GLU A 38 -2.26 9.52 0.98
N GLY A 39 -1.62 9.65 2.15
CA GLY A 39 -1.97 8.87 3.35
C GLY A 39 -1.22 9.27 4.64
N ALA A 40 -1.33 8.42 5.68
CA ALA A 40 -1.08 8.78 7.08
C ALA A 40 0.39 8.72 7.61
N CYS A 41 1.36 8.13 6.89
CA CYS A 41 2.74 7.96 7.33
C CYS A 41 3.73 8.93 6.64
N GLY A 42 4.87 9.20 7.29
CA GLY A 42 6.09 9.80 6.73
C GLY A 42 6.00 11.12 5.93
N GLY A 43 4.90 11.86 6.03
CA GLY A 43 4.63 13.05 5.20
C GLY A 43 4.19 12.74 3.76
N SER A 44 3.61 11.56 3.49
CA SER A 44 3.20 11.10 2.14
C SER A 44 4.37 11.08 1.14
N CYS A 45 5.51 10.53 1.56
CA CYS A 45 6.79 10.58 0.86
C CYS A 45 7.46 9.19 0.83
N ALA A 46 8.78 9.10 1.09
CA ALA A 46 9.59 7.87 1.11
C ALA A 46 9.16 6.87 2.21
N CYS A 47 8.61 7.37 3.31
CA CYS A 47 7.54 6.72 4.06
C CYS A 47 6.25 7.56 3.92
N SER A 48 5.08 6.94 3.89
CA SER A 48 4.19 7.14 2.74
C SER A 48 2.70 7.04 3.07
N THR A 49 1.85 6.76 2.08
CA THR A 49 0.40 6.55 2.32
C THR A 49 0.09 5.54 3.42
N CYS A 50 0.95 4.52 3.57
CA CYS A 50 0.81 3.29 4.34
C CYS A 50 -0.38 2.40 4.02
N HIS A 51 -1.58 2.96 3.88
CA HIS A 51 -2.80 2.17 4.00
C HIS A 51 -3.23 1.61 2.64
N VAL A 52 -3.37 0.28 2.62
CA VAL A 52 -3.92 -0.53 1.53
C VAL A 52 -4.84 -1.57 2.10
N ILE A 53 -5.76 -2.06 1.28
CA ILE A 53 -6.43 -3.30 1.52
C ILE A 53 -6.16 -4.27 0.36
N VAL A 54 -5.89 -5.53 0.68
CA VAL A 54 -5.55 -6.58 -0.29
C VAL A 54 -6.73 -7.45 -0.69
N ASP A 55 -6.63 -8.06 -1.86
CA ASP A 55 -7.47 -9.18 -2.24
C ASP A 55 -7.39 -10.32 -1.17
N PRO A 56 -8.50 -10.96 -0.78
CA PRO A 56 -8.51 -12.16 0.07
C PRO A 56 -7.75 -13.37 -0.49
N ASP A 57 -7.39 -13.35 -1.77
CA ASP A 57 -6.48 -14.31 -2.39
C ASP A 57 -5.02 -14.07 -1.95
N TYR A 58 -4.52 -12.82 -2.02
CA TYR A 58 -3.09 -12.59 -1.90
C TYR A 58 -2.66 -12.14 -0.51
N TYR A 59 -3.57 -11.72 0.37
CA TYR A 59 -3.23 -11.58 1.81
C TYR A 59 -2.92 -12.91 2.47
N ASP A 60 -3.52 -13.98 1.95
CA ASP A 60 -3.74 -15.16 2.79
C ASP A 60 -2.42 -15.88 3.14
N ALA A 61 -1.38 -15.49 2.41
CA ALA A 61 0.00 -15.93 2.53
C ALA A 61 0.87 -15.02 3.42
N LEU A 62 0.33 -13.89 3.89
CA LEU A 62 1.11 -12.70 4.28
C LEU A 62 1.25 -12.45 5.81
N PRO A 63 2.34 -11.78 6.25
CA PRO A 63 2.59 -11.40 7.65
C PRO A 63 1.78 -10.17 8.08
N GLU A 64 1.82 -9.85 9.38
CA GLU A 64 1.23 -8.63 9.97
C GLU A 64 2.25 -7.89 10.88
N PRO A 65 2.14 -6.56 11.04
CA PRO A 65 3.18 -5.72 11.67
C PRO A 65 2.84 -5.35 13.13
N GLU A 66 3.78 -4.71 13.83
CA GLU A 66 3.60 -4.21 15.21
C GLU A 66 2.39 -3.29 15.44
N ASP A 67 1.98 -3.21 16.71
CA ASP A 67 0.91 -2.33 17.19
C ASP A 67 1.18 -0.83 16.97
N ASP A 68 2.43 -0.44 16.72
CA ASP A 68 2.80 0.92 16.28
C ASP A 68 2.62 1.12 14.78
N GLU A 69 2.75 0.04 13.98
CA GLU A 69 2.64 0.09 12.53
C GLU A 69 1.20 -0.13 12.04
N ASN A 70 0.47 -1.13 12.57
CA ASN A 70 -0.94 -1.35 12.21
C ASN A 70 -1.91 -0.24 12.67
N ASP A 71 -1.44 0.61 13.58
CA ASP A 71 -2.10 1.86 13.98
C ASP A 71 -2.06 2.91 12.87
N MET A 72 -0.98 2.98 12.09
CA MET A 72 -0.78 3.94 10.97
C MET A 72 -1.86 3.77 9.88
N LEU A 73 -2.46 2.57 9.87
CA LEU A 73 -3.57 2.15 9.04
C LEU A 73 -4.92 2.54 9.67
N ASP A 74 -5.10 2.20 10.95
CA ASP A 74 -6.26 2.48 11.81
C ASP A 74 -6.70 3.94 11.91
N LEU A 75 -5.88 4.87 11.42
CA LEU A 75 -6.22 6.29 11.29
C LEU A 75 -7.18 6.54 10.11
N ALA A 76 -7.33 5.56 9.20
CA ALA A 76 -8.49 5.41 8.32
C ALA A 76 -9.71 4.87 9.08
N TYR A 77 -10.91 5.14 8.55
CA TYR A 77 -12.15 4.61 9.13
C TYR A 77 -12.37 3.13 8.78
N GLY A 78 -13.00 2.40 9.68
CA GLY A 78 -13.71 1.17 9.31
C GLY A 78 -12.83 0.02 8.80
N LEU A 79 -11.59 -0.05 9.31
CA LEU A 79 -10.48 -0.81 8.74
C LEU A 79 -10.74 -2.32 8.61
N THR A 80 -10.46 -2.85 7.41
CA THR A 80 -10.96 -4.11 6.87
C THR A 80 -10.16 -5.34 7.31
N GLU A 81 -10.75 -6.53 7.21
CA GLU A 81 -10.11 -7.82 7.54
C GLU A 81 -8.89 -8.16 6.67
N THR A 82 -8.68 -7.47 5.54
CA THR A 82 -7.44 -7.58 4.73
C THR A 82 -6.73 -6.24 4.54
N SER A 83 -7.05 -5.26 5.40
CA SER A 83 -6.40 -3.97 5.36
C SER A 83 -5.06 -4.01 6.10
N ARG A 84 -4.03 -3.44 5.48
CA ARG A 84 -2.62 -3.78 5.69
C ARG A 84 -1.67 -2.64 5.31
N LEU A 85 -0.43 -2.69 5.80
CA LEU A 85 0.58 -1.70 5.46
C LEU A 85 1.27 -2.04 4.14
N GLY A 86 1.53 -1.05 3.30
CA GLY A 86 2.23 -1.24 2.04
C GLY A 86 3.67 -1.79 2.15
N CYS A 87 4.22 -1.81 3.37
CA CYS A 87 5.60 -1.46 3.68
C CYS A 87 6.44 -2.60 4.25
N GLN A 88 5.81 -3.49 5.02
CA GLN A 88 6.37 -4.75 5.50
C GLN A 88 6.59 -5.74 4.36
N ILE A 89 5.64 -5.78 3.42
CA ILE A 89 5.45 -6.89 2.48
C ILE A 89 5.18 -6.43 1.05
N LYS A 90 5.95 -7.02 0.14
CA LYS A 90 6.34 -6.56 -1.20
C LYS A 90 5.80 -7.49 -2.31
N MET A 91 6.17 -7.20 -3.55
CA MET A 91 6.04 -8.14 -4.68
C MET A 91 7.02 -9.32 -4.52
N SER A 92 6.54 -10.56 -4.47
CA SER A 92 7.33 -11.80 -4.42
C SER A 92 6.80 -12.87 -5.38
N LYS A 93 7.45 -14.03 -5.50
CA LYS A 93 6.98 -15.13 -6.37
C LYS A 93 5.57 -15.66 -6.05
N ASP A 94 5.04 -15.38 -4.86
CA ASP A 94 3.68 -15.74 -4.43
C ASP A 94 2.56 -14.86 -5.03
N ILE A 95 2.90 -13.73 -5.66
CA ILE A 95 1.99 -12.60 -5.93
C ILE A 95 1.48 -12.50 -7.35
N ASP A 96 1.88 -13.37 -8.28
CA ASP A 96 1.72 -13.18 -9.74
C ASP A 96 0.27 -12.86 -10.19
N GLY A 97 -0.08 -11.58 -10.10
CA GLY A 97 -1.41 -11.00 -10.40
C GLY A 97 -2.13 -10.26 -9.25
N ILE A 98 -1.46 -9.97 -8.12
CA ILE A 98 -1.97 -9.28 -6.93
C ILE A 98 -2.75 -7.97 -7.17
N ARG A 99 -3.68 -7.68 -6.24
CA ARG A 99 -4.40 -6.40 -6.11
C ARG A 99 -4.24 -5.81 -4.73
N VAL A 100 -4.40 -4.51 -4.66
CA VAL A 100 -4.84 -3.78 -3.49
C VAL A 100 -5.83 -2.69 -3.85
N ALA A 101 -6.66 -2.25 -2.90
CA ALA A 101 -7.35 -0.97 -2.98
C ALA A 101 -6.68 0.04 -2.02
N LEU A 102 -6.74 1.33 -2.35
CA LEU A 102 -6.02 2.39 -1.64
C LEU A 102 -7.07 3.34 -0.99
N PRO A 103 -7.42 3.14 0.30
CA PRO A 103 -8.54 3.81 0.96
C PRO A 103 -8.26 5.27 1.34
N GLN A 104 -9.30 5.96 1.84
CA GLN A 104 -9.28 7.35 2.26
C GLN A 104 -9.22 7.49 3.80
N MET A 105 -8.39 8.41 4.31
CA MET A 105 -8.39 8.83 5.73
C MET A 105 -8.44 10.35 5.91
N THR A 106 -8.97 10.76 7.05
CA THR A 106 -8.76 12.06 7.73
C THR A 106 -9.24 11.90 9.18
N ARG A 107 -8.36 12.09 10.15
CA ARG A 107 -8.65 11.83 11.58
C ARG A 107 -9.06 13.11 12.32
N ASN A 108 -9.85 12.99 13.38
CA ASN A 108 -10.32 14.10 14.22
C ASN A 108 -9.21 14.84 15.00
N VAL A 109 -8.11 14.13 15.33
CA VAL A 109 -6.87 14.65 15.95
C VAL A 109 -5.67 14.28 15.08
N ASN A 110 -4.69 15.18 14.95
CA ASN A 110 -3.55 15.02 14.02
C ASN A 110 -2.21 15.39 14.67
N ASN A 111 -1.13 14.76 14.20
CA ASN A 111 0.24 14.97 14.67
C ASN A 111 1.25 14.88 13.51
N ASN A 112 2.49 15.32 13.76
CA ASN A 112 3.61 15.26 12.81
C ASN A 112 4.85 14.59 13.45
N ASP A 113 5.74 14.02 12.64
CA ASP A 113 7.04 13.48 13.06
C ASP A 113 8.15 13.78 12.04
N PHE A 114 9.39 13.90 12.51
CA PHE A 114 10.58 14.29 11.72
C PHE A 114 11.87 13.72 12.36
N SER A 115 12.94 13.57 11.58
CA SER A 115 14.24 13.01 12.04
C SER A 115 15.20 14.05 12.59
FE1 FES B . 5.53 4.11 6.30
FE2 FES B . 3.88 2.33 5.86
S1 FES B . 5.39 2.25 7.45
S2 FES B . 4.08 4.16 4.68
N GLY A 1 14.24 -11.99 -18.04
CA GLY A 1 12.85 -11.54 -17.83
C GLY A 1 12.19 -12.34 -16.72
N GLU A 2 11.85 -11.70 -15.61
CA GLU A 2 11.30 -12.34 -14.39
C GLU A 2 10.10 -11.57 -13.78
N GLU A 3 9.46 -10.71 -14.56
CA GLU A 3 8.58 -9.62 -14.10
C GLU A 3 7.25 -10.09 -13.46
N LEU A 4 6.78 -9.29 -12.50
CA LEU A 4 5.54 -9.45 -11.74
C LEU A 4 4.57 -8.30 -12.09
N LYS A 5 3.32 -8.33 -11.58
CA LYS A 5 2.38 -7.19 -11.69
C LYS A 5 1.66 -6.85 -10.38
N ILE A 6 1.13 -5.64 -10.31
CA ILE A 6 0.36 -5.04 -9.22
C ILE A 6 -0.84 -4.31 -9.82
N THR A 7 -1.99 -4.43 -9.18
CA THR A 7 -3.20 -3.68 -9.55
C THR A 7 -3.63 -2.81 -8.39
N PHE A 8 -3.84 -1.53 -8.66
CA PHE A 8 -4.34 -0.57 -7.68
C PHE A 8 -5.69 0.05 -8.12
N ILE A 9 -6.61 0.15 -7.15
CA ILE A 9 -7.83 0.97 -7.26
C ILE A 9 -7.52 2.36 -6.70
N LEU A 10 -7.83 3.40 -7.46
CA LEU A 10 -7.41 4.77 -7.20
C LEU A 10 -8.34 5.50 -6.22
N LYS A 11 -7.87 6.60 -5.63
CA LYS A 11 -8.69 7.51 -4.79
C LYS A 11 -9.81 8.23 -5.56
N ASP A 12 -9.72 8.37 -6.88
CA ASP A 12 -10.83 8.78 -7.75
C ASP A 12 -11.55 7.60 -8.43
N GLY A 13 -11.29 6.36 -7.95
CA GLY A 13 -11.96 5.12 -8.31
C GLY A 13 -11.55 4.48 -9.65
N SER A 14 -10.53 5.01 -10.34
CA SER A 14 -9.89 4.37 -11.50
C SER A 14 -9.21 3.06 -11.14
N GLN A 15 -8.93 2.24 -12.14
CA GLN A 15 -8.15 1.02 -12.07
C GLN A 15 -6.88 1.20 -12.86
N LYS A 16 -5.77 0.77 -12.26
CA LYS A 16 -4.46 0.82 -12.85
C LYS A 16 -3.73 -0.46 -12.53
N THR A 17 -3.36 -1.14 -13.58
CA THR A 17 -2.56 -2.38 -13.53
C THR A 17 -1.18 -2.17 -14.16
N TYR A 18 -0.13 -2.47 -13.41
CA TYR A 18 1.27 -2.07 -13.65
C TYR A 18 2.25 -3.23 -13.45
N GLU A 19 3.36 -3.23 -14.19
CA GLU A 19 4.41 -4.26 -14.14
C GLU A 19 5.63 -3.85 -13.29
N VAL A 20 6.09 -4.74 -12.40
CA VAL A 20 7.04 -4.45 -11.31
C VAL A 20 8.03 -5.59 -11.03
N CYS A 21 9.07 -5.27 -10.26
CA CYS A 21 10.07 -6.21 -9.75
C CYS A 21 9.74 -6.74 -8.33
N GLU A 22 10.44 -7.80 -7.95
CA GLU A 22 10.48 -8.41 -6.63
C GLU A 22 11.15 -7.50 -5.56
N GLY A 23 10.67 -7.51 -4.32
CA GLY A 23 11.22 -6.72 -3.20
C GLY A 23 10.69 -5.28 -3.11
N GLU A 24 10.01 -4.79 -4.15
CA GLU A 24 9.38 -3.47 -4.15
C GLU A 24 8.08 -3.46 -3.31
N THR A 25 7.88 -2.42 -2.50
CA THR A 25 6.78 -2.25 -1.54
C THR A 25 5.54 -1.69 -2.21
N ILE A 26 4.35 -2.05 -1.75
CA ILE A 26 3.07 -1.56 -2.30
C ILE A 26 2.99 -0.03 -2.34
N LEU A 27 3.37 0.66 -1.25
CA LEU A 27 3.42 2.13 -1.27
C LEU A 27 4.58 2.68 -2.11
N ASP A 28 5.69 1.95 -2.23
CA ASP A 28 6.85 2.33 -3.05
C ASP A 28 6.60 2.16 -4.56
N ILE A 29 5.59 1.36 -4.96
CA ILE A 29 5.10 1.34 -6.34
C ILE A 29 4.03 2.43 -6.52
N ALA A 30 3.19 2.70 -5.52
CA ALA A 30 2.24 3.80 -5.63
C ALA A 30 2.94 5.17 -5.76
N GLN A 31 4.04 5.35 -5.04
CA GLN A 31 4.97 6.46 -5.21
C GLN A 31 5.87 6.29 -6.43
N GLY A 32 6.59 5.17 -6.59
CA GLY A 32 7.53 4.97 -7.70
C GLY A 32 6.89 5.12 -9.08
N HIS A 33 5.67 4.60 -9.28
CA HIS A 33 4.96 4.75 -10.55
C HIS A 33 4.25 6.10 -10.68
N ASN A 34 4.28 6.90 -9.61
CA ASN A 34 3.60 8.18 -9.46
C ASN A 34 2.11 8.05 -9.79
N LEU A 35 1.46 7.11 -9.09
CA LEU A 35 -0.01 6.95 -9.11
C LEU A 35 -0.71 8.26 -8.71
N ASP A 36 -1.84 8.53 -9.36
CA ASP A 36 -2.77 9.59 -8.98
C ASP A 36 -3.49 9.24 -7.68
N MET A 37 -2.79 9.55 -6.61
CA MET A 37 -3.07 9.05 -5.28
C MET A 37 -2.66 10.12 -4.25
N GLU A 38 -3.63 10.51 -3.43
CA GLU A 38 -3.41 11.40 -2.28
C GLU A 38 -2.56 10.68 -1.22
N GLY A 39 -1.50 11.33 -0.76
CA GLY A 39 -0.37 10.68 -0.11
C GLY A 39 -0.73 9.99 1.20
N ALA A 40 -0.66 8.65 1.21
CA ALA A 40 -0.88 7.84 2.42
C ALA A 40 0.39 7.80 3.28
N CYS A 41 1.53 7.47 2.68
CA CYS A 41 2.86 7.58 3.27
C CYS A 41 3.95 7.69 2.18
N GLY A 42 5.07 6.98 2.35
CA GLY A 42 6.30 7.08 1.57
C GLY A 42 7.56 7.34 2.39
N GLY A 43 7.57 6.98 3.68
CA GLY A 43 8.81 6.90 4.46
C GLY A 43 9.39 8.26 4.85
N SER A 44 8.53 9.21 5.23
CA SER A 44 8.93 10.48 5.85
C SER A 44 9.59 10.28 7.22
N CYS A 45 10.17 11.32 7.81
CA CYS A 45 10.87 11.25 9.10
C CYS A 45 10.00 10.74 10.27
N ALA A 46 8.68 10.93 10.21
CA ALA A 46 7.71 10.34 11.14
C ALA A 46 7.03 9.04 10.62
N CYS A 47 6.95 8.85 9.29
CA CYS A 47 6.06 7.90 8.62
C CYS A 47 4.54 8.15 8.89
N SER A 48 3.68 7.72 7.96
CA SER A 48 2.27 8.18 7.84
C SER A 48 1.30 7.02 7.53
N THR A 49 -0.01 7.26 7.33
CA THR A 49 -1.06 6.23 7.46
C THR A 49 -1.03 5.01 6.53
N CYS A 50 -0.27 5.00 5.43
CA CYS A 50 0.09 3.79 4.65
C CYS A 50 -1.08 2.86 4.25
N HIS A 51 -2.29 3.40 4.04
CA HIS A 51 -3.52 2.63 4.17
C HIS A 51 -3.96 2.02 2.84
N VAL A 52 -3.75 0.70 2.73
CA VAL A 52 -4.25 -0.17 1.65
C VAL A 52 -5.22 -1.22 2.18
N ILE A 53 -5.94 -1.82 1.25
CA ILE A 53 -6.63 -3.09 1.41
C ILE A 53 -6.30 -3.99 0.22
N VAL A 54 -6.13 -5.28 0.48
CA VAL A 54 -5.79 -6.33 -0.49
C VAL A 54 -6.97 -7.16 -0.96
N ASP A 55 -6.79 -7.78 -2.11
CA ASP A 55 -7.59 -8.92 -2.55
C ASP A 55 -7.61 -10.02 -1.46
N PRO A 56 -8.76 -10.66 -1.17
CA PRO A 56 -8.83 -11.83 -0.30
C PRO A 56 -8.04 -13.04 -0.81
N ASP A 57 -7.60 -13.05 -2.07
CA ASP A 57 -6.67 -14.05 -2.60
C ASP A 57 -5.24 -13.87 -2.06
N TYR A 58 -4.74 -12.62 -2.02
CA TYR A 58 -3.32 -12.39 -1.76
C TYR A 58 -3.01 -12.06 -0.31
N TYR A 59 -3.95 -11.47 0.45
CA TYR A 59 -3.84 -11.36 1.94
C TYR A 59 -3.57 -12.71 2.59
N ASP A 60 -4.12 -13.75 1.95
CA ASP A 60 -4.41 -14.99 2.62
C ASP A 60 -3.12 -15.74 3.04
N ALA A 61 -2.01 -15.28 2.46
CA ALA A 61 -0.64 -15.78 2.59
C ALA A 61 0.32 -14.73 3.18
N LEU A 62 -0.21 -13.61 3.69
CA LEU A 62 0.60 -12.46 4.12
C LEU A 62 1.11 -12.52 5.57
N PRO A 63 2.33 -12.02 5.85
CA PRO A 63 2.87 -11.82 7.20
C PRO A 63 2.33 -10.55 7.88
N GLU A 64 2.44 -10.46 9.21
CA GLU A 64 2.00 -9.32 10.04
C GLU A 64 3.12 -8.34 10.47
N PRO A 65 2.79 -7.07 10.84
CA PRO A 65 3.74 -6.02 11.23
C PRO A 65 3.91 -5.81 12.74
N GLU A 66 4.79 -4.89 13.15
CA GLU A 66 4.84 -4.35 14.52
C GLU A 66 3.51 -3.65 14.93
N ASP A 67 3.22 -3.59 16.23
CA ASP A 67 2.10 -2.84 16.83
C ASP A 67 2.22 -1.30 16.67
N ASP A 68 3.39 -0.77 16.28
CA ASP A 68 3.56 0.61 15.79
C ASP A 68 3.41 0.77 14.27
N GLU A 69 3.53 -0.32 13.51
CA GLU A 69 3.38 -0.36 12.05
C GLU A 69 1.91 -0.58 11.65
N ASN A 70 1.22 -1.54 12.26
CA ASN A 70 -0.23 -1.76 12.07
C ASN A 70 -1.10 -0.62 12.66
N ASP A 71 -0.53 0.18 13.55
CA ASP A 71 -1.15 1.36 14.14
C ASP A 71 -1.32 2.48 13.12
N MET A 72 -0.38 2.61 12.18
CA MET A 72 -0.39 3.61 11.08
C MET A 72 -1.72 3.52 10.31
N LEU A 73 -2.25 2.30 10.22
CA LEU A 73 -3.45 1.88 9.53
C LEU A 73 -4.71 2.14 10.38
N ASP A 74 -4.70 1.62 11.61
CA ASP A 74 -5.70 1.83 12.67
C ASP A 74 -6.02 3.31 12.97
N LEU A 75 -5.25 4.27 12.47
CA LEU A 75 -5.60 5.70 12.55
C LEU A 75 -6.83 6.03 11.69
N ALA A 76 -7.03 5.30 10.58
CA ALA A 76 -8.23 5.39 9.75
C ALA A 76 -9.45 4.71 10.42
N TYR A 77 -10.66 5.16 10.07
CA TYR A 77 -11.90 4.53 10.54
C TYR A 77 -12.10 3.15 9.92
N GLY A 78 -12.69 2.24 10.70
CA GLY A 78 -13.39 1.09 10.15
C GLY A 78 -12.48 0.10 9.42
N LEU A 79 -11.29 -0.15 9.95
CA LEU A 79 -10.24 -0.90 9.25
C LEU A 79 -10.68 -2.35 8.87
N THR A 80 -10.56 -2.65 7.58
CA THR A 80 -11.26 -3.75 6.90
C THR A 80 -10.52 -5.08 7.06
N GLU A 81 -11.21 -6.20 6.83
CA GLU A 81 -10.71 -7.54 7.16
C GLU A 81 -9.63 -8.08 6.20
N THR A 82 -9.22 -7.29 5.20
CA THR A 82 -7.96 -7.42 4.43
C THR A 82 -7.19 -6.10 4.32
N SER A 83 -7.42 -5.14 5.22
CA SER A 83 -6.66 -3.89 5.22
C SER A 83 -5.26 -4.11 5.81
N ARG A 84 -4.26 -3.63 5.08
CA ARG A 84 -2.83 -3.88 5.30
C ARG A 84 -2.05 -2.56 5.23
N LEU A 85 -0.78 -2.65 5.59
CA LEU A 85 0.22 -1.61 5.40
C LEU A 85 0.83 -1.66 3.99
N GLY A 86 1.53 -0.60 3.61
CA GLY A 86 2.60 -0.72 2.62
C GLY A 86 3.86 -1.38 3.21
N CYS A 87 4.44 -0.81 4.27
CA CYS A 87 5.85 -0.93 4.64
C CYS A 87 6.46 -2.36 4.65
N GLN A 88 5.75 -3.33 5.23
CA GLN A 88 6.22 -4.71 5.39
C GLN A 88 5.55 -5.71 4.44
N ILE A 89 4.92 -5.25 3.35
CA ILE A 89 4.53 -6.13 2.23
C ILE A 89 5.06 -5.62 0.89
N LYS A 90 5.79 -6.51 0.23
CA LYS A 90 6.58 -6.34 -0.98
C LYS A 90 6.43 -7.56 -1.89
N MET A 91 6.92 -7.43 -3.12
CA MET A 91 6.70 -8.44 -4.15
C MET A 91 7.61 -9.66 -4.03
N SER A 92 7.01 -10.83 -4.23
CA SER A 92 7.55 -12.18 -4.06
C SER A 92 6.89 -13.16 -5.04
N LYS A 93 7.39 -14.38 -5.25
CA LYS A 93 6.84 -15.32 -6.27
C LYS A 93 5.39 -15.76 -6.06
N ASP A 94 4.82 -15.57 -4.86
CA ASP A 94 3.40 -15.83 -4.56
C ASP A 94 2.45 -14.76 -5.13
N ILE A 95 2.94 -13.52 -5.30
CA ILE A 95 2.11 -12.31 -5.56
C ILE A 95 1.63 -12.20 -7.00
N ASP A 96 1.87 -13.18 -7.86
CA ASP A 96 1.67 -13.07 -9.29
C ASP A 96 0.18 -12.80 -9.63
N GLY A 97 -0.11 -11.51 -9.70
CA GLY A 97 -1.46 -10.94 -9.92
C GLY A 97 -2.11 -10.20 -8.75
N ILE A 98 -1.35 -9.84 -7.71
CA ILE A 98 -1.80 -9.11 -6.52
C ILE A 98 -2.53 -7.80 -6.86
N ARG A 99 -3.62 -7.56 -6.14
CA ARG A 99 -4.41 -6.31 -6.17
C ARG A 99 -4.40 -5.67 -4.80
N VAL A 100 -4.56 -4.35 -4.80
CA VAL A 100 -5.03 -3.60 -3.65
C VAL A 100 -5.98 -2.48 -4.04
N ALA A 101 -6.80 -2.01 -3.10
CA ALA A 101 -7.46 -0.71 -3.23
C ALA A 101 -6.78 0.34 -2.33
N LEU A 102 -6.71 1.60 -2.80
CA LEU A 102 -6.24 2.76 -2.04
C LEU A 102 -7.23 3.94 -2.16
N PRO A 103 -8.45 3.81 -1.58
CA PRO A 103 -9.55 4.77 -1.70
C PRO A 103 -9.28 6.12 -1.00
N GLN A 104 -10.18 7.10 -1.23
CA GLN A 104 -10.10 8.44 -0.63
C GLN A 104 -10.02 8.42 0.89
N MET A 105 -9.34 9.41 1.48
CA MET A 105 -9.07 9.48 2.92
C MET A 105 -9.55 10.78 3.56
N THR A 106 -9.92 10.72 4.84
CA THR A 106 -10.24 11.89 5.69
C THR A 106 -9.01 12.45 6.43
N ARG A 107 -7.81 12.12 5.93
CA ARG A 107 -6.51 12.62 6.38
C ARG A 107 -6.35 14.11 6.07
N ASN A 108 -5.79 14.87 7.01
CA ASN A 108 -5.39 16.27 6.81
C ASN A 108 -4.01 16.51 7.44
N VAL A 109 -3.03 16.99 6.66
CA VAL A 109 -1.62 17.15 7.06
C VAL A 109 -0.99 18.38 6.40
N ASN A 110 -0.45 19.29 7.22
CA ASN A 110 0.14 20.56 6.79
C ASN A 110 1.39 20.91 7.61
N ASN A 111 2.30 21.67 7.01
CA ASN A 111 3.57 22.17 7.57
C ASN A 111 4.48 21.10 8.20
N ASN A 112 4.64 19.95 7.53
CA ASN A 112 5.69 18.96 7.83
C ASN A 112 7.01 19.36 7.12
N ASP A 113 8.16 19.25 7.78
CA ASP A 113 9.45 19.74 7.29
C ASP A 113 10.20 18.71 6.41
N PHE A 114 10.94 19.19 5.40
CA PHE A 114 11.70 18.39 4.43
C PHE A 114 13.11 18.96 4.18
N SER A 115 14.09 18.10 3.87
CA SER A 115 15.50 18.46 3.63
C SER A 115 16.21 17.52 2.66
FE1 FES B . 5.45 4.58 6.20
FE2 FES B . 4.28 2.39 5.79
S1 FES B . 6.14 3.05 4.80
S2 FES B . 3.89 3.71 7.47
N GLY A 1 12.98 -5.11 -17.91
CA GLY A 1 12.99 -4.99 -16.45
C GLY A 1 11.60 -5.22 -15.88
N GLU A 2 11.05 -6.41 -16.05
CA GLU A 2 9.71 -6.78 -15.56
C GLU A 2 9.73 -8.21 -14.99
N GLU A 3 8.94 -8.51 -13.95
CA GLU A 3 8.95 -9.84 -13.30
C GLU A 3 7.59 -10.26 -12.71
N LEU A 4 6.75 -9.31 -12.29
CA LEU A 4 5.50 -9.48 -11.54
C LEU A 4 4.47 -8.39 -11.97
N LYS A 5 3.27 -8.32 -11.38
CA LYS A 5 2.37 -7.16 -11.50
C LYS A 5 1.65 -6.82 -10.19
N ILE A 6 1.23 -5.56 -10.07
CA ILE A 6 0.44 -4.97 -8.99
C ILE A 6 -0.78 -4.24 -9.58
N THR A 7 -1.91 -4.27 -8.90
CA THR A 7 -3.11 -3.51 -9.24
C THR A 7 -3.51 -2.59 -8.10
N PHE A 8 -3.86 -1.35 -8.44
CA PHE A 8 -4.31 -0.34 -7.48
C PHE A 8 -5.71 0.19 -7.81
N ILE A 9 -6.55 0.33 -6.78
CA ILE A 9 -7.82 1.08 -6.83
C ILE A 9 -7.54 2.55 -6.48
N LEU A 10 -7.64 3.42 -7.47
CA LEU A 10 -7.18 4.81 -7.43
C LEU A 10 -7.91 5.69 -6.40
N LYS A 11 -7.34 6.86 -6.05
CA LYS A 11 -8.04 7.91 -5.28
C LYS A 11 -9.14 8.60 -6.11
N ASP A 12 -9.05 8.49 -7.44
CA ASP A 12 -10.14 8.75 -8.40
C ASP A 12 -11.05 7.52 -8.67
N GLY A 13 -10.83 6.39 -7.99
CA GLY A 13 -11.64 5.15 -8.09
C GLY A 13 -11.49 4.33 -9.36
N SER A 14 -10.59 4.70 -10.28
CA SER A 14 -10.15 3.87 -11.41
C SER A 14 -9.40 2.61 -10.95
N GLN A 15 -9.20 1.65 -11.85
CA GLN A 15 -8.32 0.49 -11.68
C GLN A 15 -7.16 0.58 -12.65
N LYS A 16 -5.98 0.25 -12.15
CA LYS A 16 -4.75 0.30 -12.92
C LYS A 16 -3.85 -0.85 -12.49
N THR A 17 -3.56 -1.68 -13.46
CA THR A 17 -2.71 -2.89 -13.33
C THR A 17 -1.36 -2.69 -14.06
N TYR A 18 -0.25 -2.80 -13.31
CA TYR A 18 1.09 -2.33 -13.66
C TYR A 18 2.17 -3.40 -13.43
N GLU A 19 3.16 -3.52 -14.33
CA GLU A 19 4.19 -4.57 -14.30
C GLU A 19 5.50 -4.14 -13.62
N VAL A 20 5.91 -4.87 -12.58
CA VAL A 20 6.94 -4.49 -11.59
C VAL A 20 7.94 -5.62 -11.33
N CYS A 21 8.86 -5.37 -10.40
CA CYS A 21 9.92 -6.28 -9.97
C CYS A 21 9.85 -6.58 -8.45
N GLU A 22 10.55 -7.63 -8.01
CA GLU A 22 10.44 -8.21 -6.66
C GLU A 22 11.13 -7.38 -5.56
N GLY A 23 10.57 -7.36 -4.33
CA GLY A 23 11.06 -6.56 -3.20
C GLY A 23 10.54 -5.11 -3.17
N GLU A 24 10.00 -4.61 -4.28
CA GLU A 24 9.39 -3.28 -4.36
C GLU A 24 8.13 -3.18 -3.49
N THR A 25 8.02 -2.10 -2.73
CA THR A 25 7.00 -1.84 -1.70
C THR A 25 5.74 -1.21 -2.29
N ILE A 26 4.59 -1.42 -1.69
CA ILE A 26 3.29 -0.94 -2.22
C ILE A 26 3.21 0.60 -2.21
N LEU A 27 3.65 1.25 -1.12
CA LEU A 27 3.87 2.71 -1.12
C LEU A 27 4.87 3.13 -2.21
N ASP A 28 5.92 2.33 -2.40
CA ASP A 28 7.03 2.62 -3.32
C ASP A 28 6.64 2.49 -4.81
N ILE A 29 5.70 1.62 -5.19
CA ILE A 29 5.16 1.55 -6.56
C ILE A 29 4.11 2.64 -6.79
N ALA A 30 3.36 3.07 -5.77
CA ALA A 30 2.38 4.14 -5.97
C ALA A 30 3.04 5.44 -6.45
N GLN A 31 4.16 5.86 -5.84
CA GLN A 31 4.98 6.98 -6.35
C GLN A 31 6.01 6.55 -7.40
N GLY A 32 6.50 5.31 -7.40
CA GLY A 32 7.41 4.78 -8.43
C GLY A 32 6.79 4.72 -9.82
N HIS A 33 5.46 4.62 -9.89
CA HIS A 33 4.65 4.70 -11.11
C HIS A 33 3.90 6.04 -11.27
N ASN A 34 4.02 6.94 -10.29
CA ASN A 34 3.34 8.24 -10.26
C ASN A 34 1.83 8.14 -10.47
N LEU A 35 1.21 7.24 -9.71
CA LEU A 35 -0.24 7.28 -9.45
C LEU A 35 -0.63 8.64 -8.87
N ASP A 36 -1.74 9.23 -9.34
CA ASP A 36 -2.17 10.58 -8.98
C ASP A 36 -2.92 10.55 -7.66
N MET A 37 -2.10 10.56 -6.63
CA MET A 37 -2.39 10.01 -5.33
C MET A 37 -1.56 10.79 -4.30
N GLU A 38 -2.21 11.22 -3.24
CA GLU A 38 -1.58 11.83 -2.06
C GLU A 38 -1.97 11.16 -0.72
N GLY A 39 -1.10 11.24 0.30
CA GLY A 39 -1.39 10.70 1.65
C GLY A 39 -0.35 11.03 2.74
N ALA A 40 -0.68 10.77 4.00
CA ALA A 40 0.04 11.28 5.18
C ALA A 40 1.46 10.74 5.45
N CYS A 41 1.82 9.49 5.09
CA CYS A 41 3.15 8.90 5.34
C CYS A 41 4.33 9.72 4.78
N GLY A 42 4.11 10.54 3.74
CA GLY A 42 4.97 11.66 3.33
C GLY A 42 6.44 11.40 3.00
N GLY A 43 6.92 10.15 3.06
CA GLY A 43 8.35 9.84 3.10
C GLY A 43 9.06 10.33 4.36
N SER A 44 8.36 10.47 5.49
CA SER A 44 8.89 11.04 6.74
C SER A 44 9.63 10.00 7.61
N CYS A 45 10.58 10.44 8.43
CA CYS A 45 11.52 9.56 9.14
C CYS A 45 10.86 8.54 10.11
N ALA A 46 9.78 8.92 10.80
CA ALA A 46 9.01 8.00 11.66
C ALA A 46 7.87 7.26 10.92
N CYS A 47 7.54 7.69 9.70
CA CYS A 47 6.37 7.27 8.91
C CYS A 47 5.02 7.64 9.58
N SER A 48 3.89 7.30 8.94
CA SER A 48 2.53 7.72 9.33
C SER A 48 1.46 6.68 8.95
N THR A 49 0.19 7.09 8.85
CA THR A 49 -1.02 6.23 8.73
C THR A 49 -1.16 5.34 7.48
N CYS A 50 -0.15 5.28 6.59
CA CYS A 50 0.10 4.24 5.57
C CYS A 50 -0.91 3.97 4.43
N HIS A 51 -2.17 3.71 4.74
CA HIS A 51 -2.60 2.30 4.68
C HIS A 51 -3.26 1.84 3.36
N VAL A 52 -3.23 0.52 3.19
CA VAL A 52 -3.78 -0.29 2.10
C VAL A 52 -4.84 -1.24 2.60
N ILE A 53 -5.59 -1.80 1.66
CA ILE A 53 -6.27 -3.07 1.83
C ILE A 53 -5.97 -3.92 0.58
N VAL A 54 -5.86 -5.24 0.76
CA VAL A 54 -5.58 -6.25 -0.25
C VAL A 54 -6.81 -7.00 -0.75
N ASP A 55 -6.65 -7.57 -1.94
CA ASP A 55 -7.43 -8.66 -2.48
C ASP A 55 -7.52 -9.88 -1.51
N PRO A 56 -8.69 -10.53 -1.36
CA PRO A 56 -8.83 -11.79 -0.61
C PRO A 56 -8.03 -12.99 -1.17
N ASP A 57 -7.51 -12.88 -2.40
CA ASP A 57 -6.62 -13.87 -3.03
C ASP A 57 -5.24 -13.83 -2.38
N TYR A 58 -4.68 -12.63 -2.21
CA TYR A 58 -3.26 -12.50 -1.93
C TYR A 58 -2.96 -12.19 -0.47
N TYR A 59 -3.91 -11.62 0.30
CA TYR A 59 -3.84 -11.58 1.77
C TYR A 59 -3.59 -12.92 2.40
N ASP A 60 -4.12 -13.96 1.76
CA ASP A 60 -4.44 -15.19 2.47
C ASP A 60 -3.19 -15.90 3.02
N ALA A 61 -2.04 -15.47 2.47
CA ALA A 61 -0.68 -15.96 2.66
C ALA A 61 0.21 -14.95 3.41
N LEU A 62 -0.33 -13.78 3.76
CA LEU A 62 0.45 -12.61 4.21
C LEU A 62 0.87 -12.59 5.70
N PRO A 63 2.00 -11.93 6.03
CA PRO A 63 2.55 -11.80 7.39
C PRO A 63 2.04 -10.55 8.16
N GLU A 64 2.10 -10.62 9.49
CA GLU A 64 1.78 -9.52 10.42
C GLU A 64 3.03 -8.72 10.89
N PRO A 65 2.92 -7.39 11.10
CA PRO A 65 4.02 -6.52 11.51
C PRO A 65 3.97 -6.14 13.01
N GLU A 66 4.99 -5.44 13.50
CA GLU A 66 5.07 -4.87 14.85
C GLU A 66 3.88 -4.00 15.30
N ASP A 67 3.72 -3.87 16.63
CA ASP A 67 2.65 -3.11 17.31
C ASP A 67 2.62 -1.60 17.00
N ASP A 68 3.72 -1.02 16.52
CA ASP A 68 3.78 0.35 16.00
C ASP A 68 3.35 0.43 14.54
N GLU A 69 3.58 -0.64 13.76
CA GLU A 69 3.31 -0.67 12.33
C GLU A 69 1.85 -1.09 12.02
N ASN A 70 1.24 -1.99 12.82
CA ASN A 70 -0.19 -2.32 12.74
C ASN A 70 -1.13 -1.24 13.34
N ASP A 71 -0.61 -0.36 14.20
CA ASP A 71 -1.31 0.79 14.80
C ASP A 71 -1.25 2.06 13.93
N MET A 72 -0.45 2.08 12.86
CA MET A 72 -0.63 3.09 11.80
C MET A 72 -1.96 2.89 11.04
N LEU A 73 -2.48 1.67 11.06
CA LEU A 73 -3.66 1.20 10.34
C LEU A 73 -4.94 1.35 11.16
N ASP A 74 -4.98 0.69 12.31
CA ASP A 74 -6.11 0.47 13.24
C ASP A 74 -6.97 1.70 13.54
N LEU A 75 -6.36 2.89 13.45
CA LEU A 75 -6.97 4.19 13.72
C LEU A 75 -7.95 4.62 12.61
N ALA A 76 -7.84 4.04 11.41
CA ALA A 76 -8.85 4.16 10.36
C ALA A 76 -10.07 3.28 10.70
N TYR A 77 -11.27 3.87 10.80
CA TYR A 77 -12.43 3.20 11.39
C TYR A 77 -12.86 1.89 10.70
N GLY A 78 -13.15 0.88 11.53
CA GLY A 78 -13.73 -0.38 11.08
C GLY A 78 -12.79 -1.25 10.26
N LEU A 79 -11.51 -1.30 10.64
CA LEU A 79 -10.42 -1.89 9.86
C LEU A 79 -10.70 -3.33 9.40
N THR A 80 -10.49 -3.56 8.10
CA THR A 80 -11.11 -4.65 7.33
C THR A 80 -10.42 -5.99 7.50
N GLU A 81 -11.11 -7.07 7.14
CA GLU A 81 -10.58 -8.45 7.18
C GLU A 81 -9.38 -8.69 6.23
N THR A 82 -9.04 -7.77 5.33
CA THR A 82 -7.81 -7.80 4.52
C THR A 82 -7.02 -6.47 4.52
N SER A 83 -7.24 -5.60 5.51
CA SER A 83 -6.53 -4.32 5.58
C SER A 83 -5.06 -4.48 5.98
N ARG A 84 -4.19 -3.58 5.48
CA ARG A 84 -2.72 -3.75 5.40
C ARG A 84 -1.97 -2.44 5.59
N LEU A 85 -0.72 -2.56 6.01
CA LEU A 85 0.32 -1.56 5.80
C LEU A 85 0.99 -1.79 4.44
N GLY A 86 1.40 -0.71 3.78
CA GLY A 86 2.01 -0.75 2.45
C GLY A 86 3.55 -0.69 2.46
N CYS A 87 4.16 -0.84 3.64
CA CYS A 87 5.59 -0.89 3.91
C CYS A 87 6.10 -2.33 4.17
N GLN A 88 5.52 -3.00 5.17
CA GLN A 88 5.82 -4.41 5.51
C GLN A 88 5.03 -5.42 4.65
N ILE A 89 4.78 -5.06 3.39
CA ILE A 89 4.49 -5.99 2.29
C ILE A 89 5.07 -5.43 0.99
N LYS A 90 5.67 -6.31 0.17
CA LYS A 90 6.37 -6.05 -1.07
C LYS A 90 6.07 -7.10 -2.13
N MET A 91 6.55 -6.88 -3.34
CA MET A 91 6.44 -7.85 -4.42
C MET A 91 7.26 -9.14 -4.15
N SER A 92 6.68 -10.31 -4.45
CA SER A 92 7.23 -11.66 -4.24
C SER A 92 6.70 -12.64 -5.32
N LYS A 93 7.07 -13.93 -5.31
CA LYS A 93 6.52 -14.90 -6.28
C LYS A 93 5.10 -15.41 -5.98
N ASP A 94 4.60 -15.30 -4.75
CA ASP A 94 3.24 -15.75 -4.37
C ASP A 94 2.12 -14.89 -4.99
N ILE A 95 2.43 -13.62 -5.23
CA ILE A 95 1.52 -12.48 -5.42
C ILE A 95 1.29 -12.14 -6.89
N ASP A 96 1.64 -13.02 -7.82
CA ASP A 96 1.74 -12.67 -9.23
C ASP A 96 0.36 -12.34 -9.85
N GLY A 97 -0.02 -11.07 -9.70
CA GLY A 97 -1.36 -10.53 -10.00
C GLY A 97 -2.08 -9.78 -8.87
N ILE A 98 -1.43 -9.55 -7.71
CA ILE A 98 -1.95 -8.86 -6.52
C ILE A 98 -2.64 -7.51 -6.75
N ARG A 99 -3.79 -7.32 -6.08
CA ARG A 99 -4.50 -6.02 -5.95
C ARG A 99 -4.35 -5.44 -4.56
N VAL A 100 -4.45 -4.12 -4.51
CA VAL A 100 -4.82 -3.39 -3.30
C VAL A 100 -5.68 -2.16 -3.61
N ALA A 101 -6.40 -1.65 -2.61
CA ALA A 101 -6.92 -0.28 -2.68
C ALA A 101 -5.90 0.73 -2.08
N LEU A 102 -5.60 1.81 -2.81
CA LEU A 102 -4.27 2.46 -2.90
C LEU A 102 -3.71 3.11 -1.59
N PRO A 103 -2.37 3.05 -1.34
CA PRO A 103 -1.65 3.59 -0.17
C PRO A 103 -1.39 5.13 -0.16
N GLN A 104 -0.69 5.61 0.87
CA GLN A 104 -0.18 6.98 1.03
C GLN A 104 1.23 7.23 0.39
N MET A 105 1.86 8.39 0.68
CA MET A 105 3.11 8.88 0.06
C MET A 105 4.41 8.40 0.77
N THR A 106 5.51 8.29 0.02
CA THR A 106 6.71 7.50 0.37
C THR A 106 8.06 8.23 0.23
N ARG A 107 9.14 7.52 0.56
CA ARG A 107 10.58 7.83 0.49
C ARG A 107 11.09 8.49 -0.80
N ASN A 108 12.31 9.00 -0.73
CA ASN A 108 13.12 9.38 -1.89
C ASN A 108 13.89 8.17 -2.50
N VAL A 109 14.06 8.18 -3.82
CA VAL A 109 14.86 7.22 -4.61
C VAL A 109 15.54 7.98 -5.76
N ASN A 110 16.85 7.77 -5.95
CA ASN A 110 17.63 8.37 -7.04
C ASN A 110 18.28 7.33 -7.97
N ASN A 111 18.65 6.16 -7.46
CA ASN A 111 19.53 5.21 -8.15
C ASN A 111 18.97 3.77 -8.14
N ASN A 112 17.73 3.60 -8.58
CA ASN A 112 17.06 2.32 -8.80
C ASN A 112 17.22 1.82 -10.24
N ASP A 113 17.19 0.50 -10.45
CA ASP A 113 17.33 -0.10 -11.79
C ASP A 113 16.85 -1.57 -11.83
N PHE A 114 16.08 -1.93 -12.87
CA PHE A 114 15.67 -3.30 -13.19
C PHE A 114 15.90 -3.62 -14.67
N SER A 115 16.56 -4.76 -14.95
CA SER A 115 17.07 -5.14 -16.28
C SER A 115 16.09 -5.93 -17.11
FE1 FES B . 4.44 4.36 6.30
FE2 FES B . 3.47 2.05 5.98
S1 FES B . 4.64 3.15 4.50
S2 FES B . 3.64 3.09 7.89
N GLY A 1 6.87 -16.81 -14.09
CA GLY A 1 7.47 -16.01 -15.17
C GLY A 1 8.78 -15.40 -14.72
N GLU A 2 9.24 -14.37 -15.42
CA GLU A 2 10.47 -13.61 -15.12
C GLU A 2 10.20 -12.30 -14.36
N GLU A 3 9.00 -11.73 -14.52
CA GLU A 3 8.55 -10.45 -13.91
C GLU A 3 7.18 -10.58 -13.22
N LEU A 4 6.75 -9.52 -12.53
CA LEU A 4 5.51 -9.44 -11.76
C LEU A 4 4.56 -8.34 -12.29
N LYS A 5 3.33 -8.30 -11.77
CA LYS A 5 2.43 -7.12 -11.83
C LYS A 5 1.76 -6.83 -10.49
N ILE A 6 1.31 -5.59 -10.32
CA ILE A 6 0.58 -5.05 -9.17
C ILE A 6 -0.61 -4.23 -9.68
N THR A 7 -1.80 -4.44 -9.11
CA THR A 7 -2.98 -3.61 -9.40
C THR A 7 -3.34 -2.75 -8.20
N PHE A 8 -3.65 -1.49 -8.47
CA PHE A 8 -4.19 -0.54 -7.49
C PHE A 8 -5.53 0.02 -7.98
N ILE A 9 -6.51 0.03 -7.08
CA ILE A 9 -7.77 0.78 -7.23
C ILE A 9 -7.56 2.19 -6.67
N LEU A 10 -7.95 3.21 -7.42
CA LEU A 10 -7.63 4.60 -7.13
C LEU A 10 -8.68 5.31 -6.24
N LYS A 11 -8.32 6.46 -5.68
CA LYS A 11 -9.24 7.36 -4.97
C LYS A 11 -10.35 7.96 -5.85
N ASP A 12 -10.19 7.95 -7.17
CA ASP A 12 -11.21 8.30 -8.17
C ASP A 12 -11.95 7.07 -8.73
N GLY A 13 -11.64 5.88 -8.20
CA GLY A 13 -12.17 4.58 -8.60
C GLY A 13 -11.59 4.00 -9.90
N SER A 14 -10.53 4.56 -10.50
CA SER A 14 -9.82 3.91 -11.63
C SER A 14 -9.10 2.63 -11.21
N GLN A 15 -8.71 1.85 -12.21
CA GLN A 15 -7.88 0.64 -12.10
C GLN A 15 -6.60 0.86 -12.87
N LYS A 16 -5.49 0.69 -12.17
CA LYS A 16 -4.18 0.82 -12.73
C LYS A 16 -3.42 -0.44 -12.37
N THR A 17 -3.04 -1.14 -13.41
CA THR A 17 -2.28 -2.40 -13.32
C THR A 17 -0.90 -2.26 -13.97
N TYR A 18 0.15 -2.51 -13.22
CA TYR A 18 1.51 -2.03 -13.48
C TYR A 18 2.55 -3.15 -13.34
N GLU A 19 3.49 -3.25 -14.29
CA GLU A 19 4.61 -4.21 -14.22
C GLU A 19 5.75 -3.73 -13.31
N VAL A 20 6.21 -4.59 -12.40
CA VAL A 20 7.25 -4.29 -11.38
C VAL A 20 8.20 -5.47 -11.14
N CYS A 21 9.14 -5.31 -10.19
CA CYS A 21 10.04 -6.36 -9.73
C CYS A 21 9.75 -6.80 -8.28
N GLU A 22 10.44 -7.84 -7.84
CA GLU A 22 10.34 -8.42 -6.51
C GLU A 22 11.06 -7.54 -5.46
N GLY A 23 10.61 -7.54 -4.20
CA GLY A 23 11.19 -6.75 -3.11
C GLY A 23 10.83 -5.25 -3.17
N GLU A 24 10.15 -4.78 -4.21
CA GLU A 24 9.54 -3.44 -4.27
C GLU A 24 8.28 -3.39 -3.37
N THR A 25 8.03 -2.25 -2.76
CA THR A 25 7.05 -2.06 -1.66
C THR A 25 5.77 -1.41 -2.17
N ILE A 26 4.59 -1.77 -1.63
CA ILE A 26 3.29 -1.33 -2.18
C ILE A 26 3.12 0.21 -2.15
N LEU A 27 3.54 0.90 -1.08
CA LEU A 27 3.54 2.37 -1.06
C LEU A 27 4.65 2.96 -1.95
N ASP A 28 5.80 2.28 -2.04
CA ASP A 28 6.91 2.64 -2.92
C ASP A 28 6.60 2.47 -4.41
N ILE A 29 5.64 1.62 -4.81
CA ILE A 29 5.11 1.57 -6.19
C ILE A 29 4.04 2.64 -6.37
N ALA A 30 3.16 2.87 -5.39
CA ALA A 30 2.18 3.95 -5.48
C ALA A 30 2.82 5.36 -5.62
N GLN A 31 3.97 5.56 -4.98
CA GLN A 31 4.82 6.75 -5.13
C GLN A 31 5.78 6.66 -6.31
N GLY A 32 6.49 5.55 -6.52
CA GLY A 32 7.42 5.40 -7.63
C GLY A 32 6.74 5.56 -9.00
N HIS A 33 5.51 5.06 -9.13
CA HIS A 33 4.72 5.17 -10.36
C HIS A 33 3.86 6.45 -10.42
N ASN A 34 3.85 7.24 -9.34
CA ASN A 34 3.02 8.44 -9.16
C ASN A 34 1.55 8.19 -9.50
N LEU A 35 0.99 7.19 -8.83
CA LEU A 35 -0.46 6.93 -8.86
C LEU A 35 -1.24 8.19 -8.41
N ASP A 36 -2.36 8.46 -9.07
CA ASP A 36 -3.29 9.55 -8.70
C ASP A 36 -4.05 9.24 -7.43
N MET A 37 -3.32 9.46 -6.34
CA MET A 37 -3.59 8.92 -5.03
C MET A 37 -3.17 9.98 -3.99
N GLU A 38 -4.14 10.37 -3.16
CA GLU A 38 -3.92 11.31 -2.04
C GLU A 38 -2.83 10.83 -1.08
N GLY A 39 -1.97 11.74 -0.62
CA GLY A 39 -0.70 11.45 0.06
C GLY A 39 -0.84 10.67 1.36
N ALA A 40 -0.83 9.34 1.25
CA ALA A 40 -1.09 8.43 2.37
C ALA A 40 0.16 8.16 3.23
N CYS A 41 1.29 7.88 2.58
CA CYS A 41 2.65 7.80 3.12
C CYS A 41 3.64 7.69 1.93
N GLY A 42 4.83 7.11 2.14
CA GLY A 42 5.79 6.82 1.06
C GLY A 42 6.83 7.91 0.82
N GLY A 43 7.50 8.35 1.89
CA GLY A 43 8.49 9.43 1.90
C GLY A 43 8.22 10.54 2.91
N SER A 44 7.29 10.30 3.84
CA SER A 44 7.02 11.14 5.00
C SER A 44 8.13 10.98 6.03
N CYS A 45 8.69 12.09 6.54
CA CYS A 45 9.89 12.09 7.37
C CYS A 45 9.77 11.28 8.69
N ALA A 46 8.55 11.15 9.24
CA ALA A 46 8.20 10.30 10.39
C ALA A 46 7.27 9.10 10.04
N CYS A 47 7.10 8.80 8.75
CA CYS A 47 6.02 7.98 8.19
C CYS A 47 4.60 8.53 8.44
N SER A 48 3.60 8.05 7.68
CA SER A 48 2.21 8.54 7.72
C SER A 48 1.18 7.39 7.68
N THR A 49 -0.09 7.68 7.40
CA THR A 49 -1.23 6.77 7.63
C THR A 49 -1.42 5.63 6.61
N CYS A 50 -0.62 5.56 5.54
CA CYS A 50 -0.39 4.37 4.71
C CYS A 50 -1.66 3.58 4.33
N HIS A 51 -2.48 4.13 3.42
CA HIS A 51 -3.85 3.65 3.17
C HIS A 51 -3.86 2.60 2.06
N VAL A 52 -3.94 1.31 2.42
CA VAL A 52 -4.23 0.19 1.51
C VAL A 52 -5.13 -0.87 2.15
N ILE A 53 -5.78 -1.61 1.27
CA ILE A 53 -6.43 -2.87 1.53
C ILE A 53 -6.11 -3.82 0.37
N VAL A 54 -5.94 -5.10 0.66
CA VAL A 54 -5.63 -6.16 -0.29
C VAL A 54 -6.85 -6.95 -0.73
N ASP A 55 -6.66 -7.68 -1.82
CA ASP A 55 -7.53 -8.73 -2.35
C ASP A 55 -7.94 -9.82 -1.31
N PRO A 56 -8.91 -10.69 -1.61
CA PRO A 56 -9.28 -11.79 -0.72
C PRO A 56 -8.26 -12.96 -0.70
N ASP A 57 -7.47 -13.15 -1.76
CA ASP A 57 -6.60 -14.33 -1.99
C ASP A 57 -5.14 -14.20 -1.51
N TYR A 58 -4.45 -13.09 -1.79
CA TYR A 58 -3.03 -12.95 -1.52
C TYR A 58 -2.76 -12.48 -0.09
N TYR A 59 -3.67 -11.68 0.53
CA TYR A 59 -3.70 -11.43 2.00
C TYR A 59 -3.62 -12.72 2.79
N ASP A 60 -4.24 -13.76 2.25
CA ASP A 60 -4.83 -14.82 3.06
C ASP A 60 -3.75 -15.76 3.61
N ALA A 61 -2.52 -15.51 3.16
CA ALA A 61 -1.29 -16.20 3.47
C ALA A 61 -0.25 -15.26 4.13
N LEU A 62 -0.52 -13.95 4.15
CA LEU A 62 0.42 -12.88 4.50
C LEU A 62 0.97 -12.94 5.95
N PRO A 63 2.21 -12.48 6.17
CA PRO A 63 2.75 -12.17 7.49
C PRO A 63 2.13 -10.88 8.07
N GLU A 64 2.17 -10.72 9.39
CA GLU A 64 1.66 -9.56 10.14
C GLU A 64 2.74 -8.46 10.31
N PRO A 65 2.38 -7.16 10.44
CA PRO A 65 3.35 -6.09 10.66
C PRO A 65 3.76 -5.94 12.13
N GLU A 66 4.77 -5.11 12.40
CA GLU A 66 5.18 -4.71 13.77
C GLU A 66 4.11 -3.90 14.52
N ASP A 67 4.29 -3.74 15.84
CA ASP A 67 3.47 -2.90 16.72
C ASP A 67 3.52 -1.38 16.41
N ASP A 68 4.51 -0.92 15.63
CA ASP A 68 4.54 0.42 15.02
C ASP A 68 3.74 0.48 13.72
N GLU A 69 3.72 -0.62 12.97
CA GLU A 69 3.19 -0.71 11.62
C GLU A 69 1.67 -1.00 11.65
N ASN A 70 1.23 -2.01 12.41
CA ASN A 70 -0.19 -2.28 12.72
C ASN A 70 -0.95 -1.14 13.41
N ASP A 71 -0.21 -0.15 13.93
CA ASP A 71 -0.75 1.08 14.50
C ASP A 71 -1.00 2.15 13.42
N MET A 72 -0.17 2.24 12.35
CA MET A 72 -0.38 3.13 11.19
C MET A 72 -1.71 2.83 10.47
N LEU A 73 -2.14 1.57 10.51
CA LEU A 73 -3.42 1.07 10.02
C LEU A 73 -4.56 1.74 10.81
N ASP A 74 -4.60 1.43 12.10
CA ASP A 74 -5.52 1.87 13.15
C ASP A 74 -5.86 3.37 13.16
N LEU A 75 -4.97 4.21 12.60
CA LEU A 75 -5.17 5.65 12.43
C LEU A 75 -6.27 5.98 11.40
N ALA A 76 -6.53 5.10 10.43
CA ALA A 76 -7.66 5.21 9.51
C ALA A 76 -8.97 4.69 10.13
N TYR A 77 -10.11 5.04 9.53
CA TYR A 77 -11.44 4.59 9.94
C TYR A 77 -11.80 3.21 9.40
N GLY A 78 -12.60 2.46 10.17
CA GLY A 78 -13.40 1.38 9.60
C GLY A 78 -12.55 0.21 9.05
N LEU A 79 -11.46 -0.13 9.73
CA LEU A 79 -10.35 -0.90 9.15
C LEU A 79 -10.69 -2.37 8.84
N THR A 80 -10.42 -2.77 7.59
CA THR A 80 -11.02 -3.94 6.93
C THR A 80 -10.34 -5.27 7.25
N GLU A 81 -11.09 -6.34 6.99
CA GLU A 81 -10.68 -7.74 7.05
C GLU A 81 -9.43 -8.12 6.22
N THR A 82 -9.05 -7.29 5.25
CA THR A 82 -7.80 -7.40 4.49
C THR A 82 -7.03 -6.07 4.40
N SER A 83 -7.26 -5.14 5.32
CA SER A 83 -6.45 -3.93 5.37
C SER A 83 -5.01 -4.27 5.75
N ARG A 84 -4.05 -3.64 5.07
CA ARG A 84 -2.61 -3.82 5.26
C ARG A 84 -1.92 -2.48 5.01
N LEU A 85 -0.59 -2.42 5.10
CA LEU A 85 0.18 -1.21 4.84
C LEU A 85 1.35 -1.48 3.88
N GLY A 86 1.93 -0.43 3.31
CA GLY A 86 2.71 -0.52 2.07
C GLY A 86 4.22 -0.66 2.20
N CYS A 87 4.74 -0.99 3.39
CA CYS A 87 6.13 -0.77 3.79
C CYS A 87 6.93 -2.00 4.28
N GLN A 88 6.26 -3.12 4.57
CA GLN A 88 6.87 -4.37 5.08
C GLN A 88 6.38 -5.63 4.36
N ILE A 89 5.17 -5.60 3.78
CA ILE A 89 4.79 -6.46 2.68
C ILE A 89 5.22 -5.80 1.36
N LYS A 90 5.83 -6.60 0.50
CA LYS A 90 6.49 -6.26 -0.76
C LYS A 90 6.21 -7.35 -1.79
N MET A 91 6.67 -7.11 -3.01
CA MET A 91 6.48 -8.04 -4.11
C MET A 91 7.33 -9.32 -4.00
N SER A 92 6.79 -10.47 -4.41
CA SER A 92 7.48 -11.75 -4.63
C SER A 92 6.90 -12.49 -5.85
N LYS A 93 7.45 -13.65 -6.26
CA LYS A 93 6.91 -14.42 -7.39
C LYS A 93 5.60 -15.19 -7.10
N ASP A 94 5.25 -15.43 -5.84
CA ASP A 94 4.02 -16.18 -5.49
C ASP A 94 2.74 -15.39 -5.80
N ILE A 95 2.82 -14.08 -5.58
CA ILE A 95 1.79 -13.02 -5.69
C ILE A 95 1.63 -12.45 -7.09
N ASP A 96 2.07 -13.17 -8.12
CA ASP A 96 2.16 -12.63 -9.47
C ASP A 96 0.77 -12.38 -10.08
N GLY A 97 0.25 -11.18 -9.79
CA GLY A 97 -1.14 -10.76 -9.99
C GLY A 97 -1.88 -10.16 -8.77
N ILE A 98 -1.18 -9.85 -7.67
CA ILE A 98 -1.66 -9.10 -6.50
C ILE A 98 -2.47 -7.84 -6.85
N ARG A 99 -3.51 -7.54 -6.05
CA ARG A 99 -4.26 -6.28 -6.06
C ARG A 99 -4.26 -5.65 -4.69
N VAL A 100 -4.37 -4.33 -4.68
CA VAL A 100 -4.87 -3.58 -3.55
C VAL A 100 -5.86 -2.50 -3.97
N ALA A 101 -6.67 -2.01 -3.04
CA ALA A 101 -7.41 -0.76 -3.21
C ALA A 101 -6.79 0.32 -2.31
N LEU A 102 -6.82 1.59 -2.76
CA LEU A 102 -6.14 2.72 -2.15
C LEU A 102 -7.18 3.77 -1.68
N PRO A 103 -7.90 3.50 -0.57
CA PRO A 103 -9.26 4.01 -0.30
C PRO A 103 -9.36 5.52 -0.07
N GLN A 104 -10.56 6.07 -0.26
CA GLN A 104 -10.88 7.45 0.12
C GLN A 104 -11.02 7.53 1.65
N MET A 105 -10.24 8.40 2.30
CA MET A 105 -10.05 8.37 3.76
C MET A 105 -9.75 9.76 4.35
N THR A 106 -10.33 10.07 5.51
CA THR A 106 -10.09 11.35 6.20
C THR A 106 -8.85 11.26 7.10
N ARG A 107 -8.05 12.33 7.14
CA ARG A 107 -6.98 12.56 8.12
C ARG A 107 -7.03 13.99 8.67
N ASN A 108 -6.99 14.13 9.99
CA ASN A 108 -6.91 15.39 10.74
C ASN A 108 -5.51 15.54 11.39
N VAL A 109 -5.13 16.76 11.81
CA VAL A 109 -3.77 17.03 12.35
C VAL A 109 -3.54 16.44 13.76
N ASN A 110 -2.48 15.65 13.89
CA ASN A 110 -2.11 14.90 15.10
C ASN A 110 -0.62 15.05 15.49
N ASN A 111 0.27 15.40 14.56
CA ASN A 111 1.69 15.71 14.82
C ASN A 111 2.21 16.92 14.01
N ASN A 112 1.52 18.06 14.12
CA ASN A 112 1.86 19.35 13.49
C ASN A 112 1.73 20.53 14.49
N ASP A 113 2.03 20.30 15.77
CA ASP A 113 1.81 21.27 16.85
C ASP A 113 2.87 22.38 16.92
N PHE A 114 2.46 23.53 17.44
CA PHE A 114 3.33 24.63 17.88
C PHE A 114 2.82 25.21 19.22
N SER A 115 3.73 25.76 20.03
CA SER A 115 3.51 26.17 21.42
C SER A 115 2.98 25.03 22.33
FE1 FES B . 5.02 4.59 5.95
FE2 FES B . 3.71 2.51 5.39
S1 FES B . 3.57 3.62 7.27
S2 FES B . 5.16 3.49 4.07
N GLY A 1 11.81 -2.94 -13.76
CA GLY A 1 11.60 -4.37 -14.05
C GLY A 1 10.16 -4.66 -14.41
N GLU A 2 9.90 -5.86 -14.94
CA GLU A 2 8.62 -6.25 -15.56
C GLU A 2 8.31 -7.76 -15.43
N GLU A 3 8.81 -8.42 -14.39
CA GLU A 3 8.54 -9.86 -14.13
C GLU A 3 7.16 -10.09 -13.46
N LEU A 4 6.69 -9.11 -12.70
CA LEU A 4 5.50 -9.18 -11.85
C LEU A 4 4.52 -8.03 -12.19
N LYS A 5 3.30 -8.08 -11.64
CA LYS A 5 2.29 -7.01 -11.74
C LYS A 5 1.70 -6.66 -10.38
N ILE A 6 1.18 -5.44 -10.29
CA ILE A 6 0.44 -4.91 -9.14
C ILE A 6 -0.77 -4.16 -9.68
N THR A 7 -1.95 -4.40 -9.12
CA THR A 7 -3.15 -3.65 -9.44
C THR A 7 -3.59 -2.83 -8.25
N PHE A 8 -3.93 -1.57 -8.49
CA PHE A 8 -4.44 -0.65 -7.51
C PHE A 8 -5.82 -0.09 -7.92
N ILE A 9 -6.74 -0.05 -6.96
CA ILE A 9 -8.04 0.63 -7.07
C ILE A 9 -7.85 2.08 -6.61
N LEU A 10 -8.06 3.04 -7.51
CA LEU A 10 -7.67 4.44 -7.34
C LEU A 10 -8.49 5.17 -6.25
N LYS A 11 -7.95 6.26 -5.67
CA LYS A 11 -8.73 7.16 -4.79
C LYS A 11 -9.98 7.78 -5.46
N ASP A 12 -9.97 7.88 -6.79
CA ASP A 12 -11.12 8.25 -7.64
C ASP A 12 -12.06 7.07 -7.98
N GLY A 13 -11.60 5.84 -7.81
CA GLY A 13 -12.31 4.59 -8.12
C GLY A 13 -12.07 4.01 -9.53
N SER A 14 -11.12 4.55 -10.31
CA SER A 14 -10.54 3.84 -11.47
C SER A 14 -9.80 2.58 -11.02
N GLN A 15 -9.55 1.64 -11.92
CA GLN A 15 -8.64 0.52 -11.72
C GLN A 15 -7.43 0.71 -12.61
N LYS A 16 -6.25 0.46 -12.04
CA LYS A 16 -5.00 0.60 -12.75
C LYS A 16 -4.08 -0.54 -12.38
N THR A 17 -3.69 -1.26 -13.40
CA THR A 17 -2.73 -2.37 -13.30
C THR A 17 -1.37 -2.00 -13.91
N TYR A 18 -0.30 -2.11 -13.12
CA TYR A 18 1.08 -1.69 -13.43
C TYR A 18 2.02 -2.91 -13.46
N GLU A 19 3.22 -2.77 -14.03
CA GLU A 19 4.27 -3.81 -14.00
C GLU A 19 5.46 -3.41 -13.12
N VAL A 20 5.91 -4.35 -12.28
CA VAL A 20 6.93 -4.18 -11.23
C VAL A 20 7.88 -5.37 -11.16
N CYS A 21 8.87 -5.32 -10.27
CA CYS A 21 9.77 -6.43 -9.94
C CYS A 21 9.72 -6.82 -8.45
N GLU A 22 10.39 -7.92 -8.13
CA GLU A 22 10.35 -8.58 -6.83
C GLU A 22 11.17 -7.82 -5.75
N GLY A 23 10.56 -7.56 -4.58
CA GLY A 23 11.12 -6.77 -3.48
C GLY A 23 10.56 -5.35 -3.36
N GLU A 24 9.78 -4.87 -4.35
CA GLU A 24 9.12 -3.56 -4.33
C GLU A 24 7.93 -3.50 -3.35
N THR A 25 7.82 -2.40 -2.59
CA THR A 25 6.88 -2.14 -1.47
C THR A 25 5.62 -1.44 -2.01
N ILE A 26 4.42 -1.69 -1.46
CA ILE A 26 3.15 -1.31 -2.12
C ILE A 26 2.95 0.22 -2.17
N LEU A 27 3.23 0.98 -1.10
CA LEU A 27 3.18 2.45 -1.18
C LEU A 27 4.41 3.03 -1.90
N ASP A 28 5.54 2.33 -1.86
CA ASP A 28 6.73 2.61 -2.68
C ASP A 28 6.52 2.40 -4.19
N ILE A 29 5.57 1.55 -4.63
CA ILE A 29 5.13 1.50 -6.03
C ILE A 29 4.12 2.60 -6.28
N ALA A 30 3.13 2.78 -5.42
CA ALA A 30 2.08 3.77 -5.67
C ALA A 30 2.64 5.19 -5.83
N GLN A 31 3.55 5.56 -4.93
CA GLN A 31 4.23 6.86 -4.91
C GLN A 31 5.47 6.88 -5.81
N GLY A 32 6.22 5.78 -5.90
CA GLY A 32 7.38 5.65 -6.80
C GLY A 32 7.02 5.66 -8.29
N HIS A 33 5.80 5.25 -8.66
CA HIS A 33 5.30 5.35 -10.03
C HIS A 33 4.48 6.62 -10.26
N ASN A 34 4.17 7.36 -9.18
CA ASN A 34 3.23 8.48 -9.15
C ASN A 34 1.90 8.13 -9.82
N LEU A 35 1.27 7.09 -9.26
CA LEU A 35 -0.18 6.88 -9.40
C LEU A 35 -0.90 8.17 -8.96
N ASP A 36 -1.95 8.55 -9.69
CA ASP A 36 -2.78 9.72 -9.40
C ASP A 36 -3.73 9.47 -8.24
N MET A 37 -3.11 9.38 -7.07
CA MET A 37 -3.74 9.31 -5.78
C MET A 37 -2.89 10.05 -4.73
N GLU A 38 -3.58 10.68 -3.78
CA GLU A 38 -3.00 11.45 -2.67
C GLU A 38 -2.01 10.61 -1.83
N GLY A 39 -0.78 11.11 -1.63
CA GLY A 39 0.32 10.39 -0.97
C GLY A 39 0.03 10.03 0.50
N ALA A 40 0.28 8.77 0.89
CA ALA A 40 0.01 8.26 2.22
C ALA A 40 1.18 8.46 3.22
N CYS A 41 2.40 8.06 2.83
CA CYS A 41 3.60 8.11 3.68
C CYS A 41 4.76 8.91 3.05
N GLY A 42 4.73 9.16 1.73
CA GLY A 42 5.50 10.21 1.05
C GLY A 42 7.02 10.08 1.11
N GLY A 43 7.54 8.85 1.30
CA GLY A 43 8.96 8.57 1.51
C GLY A 43 9.52 9.14 2.82
N SER A 44 8.67 9.63 3.72
CA SER A 44 9.05 10.51 4.83
C SER A 44 9.92 9.82 5.88
N CYS A 45 10.94 10.52 6.38
CA CYS A 45 11.76 10.07 7.51
C CYS A 45 10.97 10.10 8.84
N ALA A 46 9.83 10.80 8.89
CA ALA A 46 8.85 10.75 9.97
C ALA A 46 7.94 9.50 9.93
N CYS A 47 7.67 8.95 8.74
CA CYS A 47 6.67 7.91 8.44
C CYS A 47 5.22 8.24 8.85
N SER A 48 4.24 7.82 8.04
CA SER A 48 2.83 8.21 8.12
C SER A 48 1.88 7.10 7.59
N THR A 49 0.62 7.42 7.32
CA THR A 49 -0.51 6.46 7.34
C THR A 49 -0.55 5.33 6.28
N CYS A 50 0.33 5.33 5.28
CA CYS A 50 0.74 4.16 4.47
C CYS A 50 -0.36 3.15 4.01
N HIS A 51 -1.50 3.64 3.52
CA HIS A 51 -2.76 2.88 3.57
C HIS A 51 -3.07 2.06 2.30
N VAL A 52 -3.28 0.75 2.49
CA VAL A 52 -3.86 -0.21 1.52
C VAL A 52 -4.79 -1.21 2.19
N ILE A 53 -5.57 -1.90 1.37
CA ILE A 53 -6.23 -3.15 1.67
C ILE A 53 -6.04 -4.09 0.46
N VAL A 54 -5.91 -5.40 0.70
CA VAL A 54 -5.67 -6.44 -0.31
C VAL A 54 -6.91 -7.23 -0.73
N ASP A 55 -6.80 -7.81 -1.92
CA ASP A 55 -7.64 -8.91 -2.37
C ASP A 55 -7.61 -10.06 -1.32
N PRO A 56 -8.74 -10.71 -0.99
CA PRO A 56 -8.78 -11.92 -0.17
C PRO A 56 -7.93 -13.09 -0.70
N ASP A 57 -7.55 -13.07 -1.98
CA ASP A 57 -6.64 -14.02 -2.61
C ASP A 57 -5.20 -13.83 -2.13
N TYR A 58 -4.70 -12.58 -2.10
CA TYR A 58 -3.26 -12.33 -1.92
C TYR A 58 -2.88 -11.93 -0.51
N TYR A 59 -3.84 -11.58 0.35
CA TYR A 59 -3.63 -11.58 1.81
C TYR A 59 -3.31 -12.95 2.36
N ASP A 60 -3.83 -13.99 1.71
CA ASP A 60 -4.05 -15.24 2.43
C ASP A 60 -2.75 -16.00 2.75
N ALA A 61 -1.66 -15.44 2.23
CA ALA A 61 -0.28 -15.87 2.36
C ALA A 61 0.55 -14.95 3.29
N LEU A 62 -0.11 -13.96 3.93
CA LEU A 62 0.56 -12.78 4.52
C LEU A 62 0.56 -12.73 6.06
N PRO A 63 1.65 -12.20 6.67
CA PRO A 63 1.82 -11.96 8.11
C PRO A 63 1.32 -10.57 8.56
N GLU A 64 1.29 -10.32 9.87
CA GLU A 64 1.08 -8.97 10.45
C GLU A 64 2.37 -8.40 11.09
N PRO A 65 2.62 -7.08 10.97
CA PRO A 65 3.83 -6.41 11.46
C PRO A 65 3.79 -6.12 12.97
N GLU A 66 4.84 -5.48 13.49
CA GLU A 66 4.79 -4.80 14.80
C GLU A 66 3.50 -3.96 14.98
N ASP A 67 2.99 -3.90 16.21
CA ASP A 67 1.67 -3.31 16.46
C ASP A 67 1.62 -1.78 16.30
N ASP A 68 2.78 -1.11 16.30
CA ASP A 68 2.95 0.31 15.98
C ASP A 68 3.07 0.56 14.48
N GLU A 69 3.42 -0.46 13.69
CA GLU A 69 3.32 -0.40 12.23
C GLU A 69 1.87 -0.71 11.76
N ASN A 70 1.15 -1.63 12.42
CA ASN A 70 -0.33 -1.76 12.31
C ASN A 70 -1.11 -0.50 12.74
N ASP A 71 -0.50 0.35 13.57
CA ASP A 71 -1.09 1.59 14.10
C ASP A 71 -1.00 2.74 13.10
N MET A 72 -0.20 2.60 12.04
CA MET A 72 -0.13 3.54 10.90
C MET A 72 -1.42 3.42 10.06
N LEU A 73 -2.05 2.24 10.12
CA LEU A 73 -3.27 1.85 9.41
C LEU A 73 -4.54 2.26 10.16
N ASP A 74 -4.65 1.88 11.44
CA ASP A 74 -5.73 2.23 12.39
C ASP A 74 -6.18 3.70 12.39
N LEU A 75 -5.32 4.61 11.95
CA LEU A 75 -5.63 6.04 11.85
C LEU A 75 -6.67 6.33 10.76
N ALA A 76 -6.70 5.51 9.70
CA ALA A 76 -7.69 5.54 8.63
C ALA A 76 -9.10 5.16 9.13
N TYR A 77 -10.12 5.50 8.35
CA TYR A 77 -11.50 5.07 8.63
C TYR A 77 -11.72 3.60 8.26
N GLY A 78 -12.47 2.89 9.10
CA GLY A 78 -13.23 1.72 8.69
C GLY A 78 -12.38 0.56 8.19
N LEU A 79 -11.22 0.34 8.82
CA LEU A 79 -10.19 -0.60 8.39
C LEU A 79 -10.68 -2.07 8.35
N THR A 80 -10.44 -2.75 7.22
CA THR A 80 -10.99 -4.07 6.86
C THR A 80 -10.10 -5.24 7.28
N GLU A 81 -10.65 -6.45 7.25
CA GLU A 81 -10.02 -7.72 7.64
C GLU A 81 -8.91 -8.22 6.69
N THR A 82 -8.67 -7.54 5.57
CA THR A 82 -7.49 -7.69 4.71
C THR A 82 -6.70 -6.38 4.55
N SER A 83 -6.82 -5.45 5.50
CA SER A 83 -6.04 -4.22 5.44
C SER A 83 -4.54 -4.47 5.52
N ARG A 84 -3.77 -3.59 4.89
CA ARG A 84 -2.34 -3.74 4.64
C ARG A 84 -1.59 -2.43 4.83
N LEU A 85 -0.27 -2.62 4.93
CA LEU A 85 0.74 -1.62 5.22
C LEU A 85 1.73 -1.58 4.06
N GLY A 86 2.09 -0.39 3.57
CA GLY A 86 2.92 -0.27 2.38
C GLY A 86 4.34 -0.85 2.51
N CYS A 87 4.91 -0.83 3.71
CA CYS A 87 6.30 -1.14 4.00
C CYS A 87 6.61 -2.60 4.39
N GLN A 88 5.65 -3.30 5.00
CA GLN A 88 5.83 -4.67 5.52
C GLN A 88 5.11 -5.74 4.67
N ILE A 89 4.86 -5.43 3.41
CA ILE A 89 4.61 -6.39 2.34
C ILE A 89 5.21 -5.85 1.05
N LYS A 90 5.74 -6.74 0.21
CA LYS A 90 6.40 -6.45 -1.05
C LYS A 90 6.18 -7.57 -2.06
N MET A 91 6.50 -7.28 -3.32
CA MET A 91 6.37 -8.23 -4.41
C MET A 91 7.28 -9.47 -4.19
N SER A 92 6.72 -10.67 -4.29
CA SER A 92 7.35 -11.99 -4.09
C SER A 92 6.73 -13.03 -5.03
N LYS A 93 7.23 -14.27 -5.07
CA LYS A 93 6.73 -15.29 -6.02
C LYS A 93 5.26 -15.71 -5.85
N ASP A 94 4.65 -15.43 -4.69
CA ASP A 94 3.23 -15.69 -4.42
C ASP A 94 2.27 -14.57 -4.90
N ILE A 95 2.80 -13.40 -5.25
CA ILE A 95 2.00 -12.22 -5.61
C ILE A 95 1.55 -12.18 -7.05
N ASP A 96 1.90 -13.17 -7.88
CA ASP A 96 1.91 -13.07 -9.35
C ASP A 96 0.50 -12.82 -9.96
N GLY A 97 0.06 -11.57 -9.91
CA GLY A 97 -1.30 -11.09 -10.20
C GLY A 97 -2.04 -10.26 -9.12
N ILE A 98 -1.38 -9.86 -8.04
CA ILE A 98 -1.92 -9.15 -6.85
C ILE A 98 -2.67 -7.85 -7.12
N ARG A 99 -3.75 -7.63 -6.34
CA ARG A 99 -4.50 -6.38 -6.21
C ARG A 99 -4.41 -5.81 -4.81
N VAL A 100 -4.61 -4.51 -4.74
CA VAL A 100 -5.01 -3.80 -3.53
C VAL A 100 -6.01 -2.68 -3.84
N ALA A 101 -6.87 -2.34 -2.90
CA ALA A 101 -7.57 -1.06 -2.93
C ALA A 101 -6.78 -0.02 -2.13
N LEU A 102 -6.70 1.21 -2.66
CA LEU A 102 -5.84 2.26 -2.13
C LEU A 102 -6.68 3.51 -1.74
N PRO A 103 -6.93 3.74 -0.44
CA PRO A 103 -7.73 4.87 0.04
C PRO A 103 -7.04 6.24 -0.15
N GLN A 104 -7.73 7.30 0.26
CA GLN A 104 -7.14 8.57 0.67
C GLN A 104 -7.62 8.96 2.09
N MET A 105 -6.72 9.45 2.93
CA MET A 105 -7.00 9.85 4.32
C MET A 105 -6.29 11.16 4.68
N THR A 106 -6.75 11.86 5.71
CA THR A 106 -6.01 12.96 6.34
C THR A 106 -4.88 12.45 7.25
N ARG A 107 -4.13 13.37 7.89
CA ARG A 107 -2.92 13.08 8.69
C ARG A 107 -1.86 12.27 7.93
N ASN A 108 -1.77 12.54 6.63
CA ASN A 108 -0.97 11.84 5.62
C ASN A 108 0.22 12.68 5.13
N VAL A 109 1.20 12.04 4.49
CA VAL A 109 2.35 12.72 3.88
C VAL A 109 2.50 12.34 2.40
N ASN A 110 2.65 13.36 1.55
CA ASN A 110 2.93 13.29 0.11
C ASN A 110 4.24 14.03 -0.16
N ASN A 111 5.12 13.51 -1.03
CA ASN A 111 6.49 14.03 -1.14
C ASN A 111 6.56 15.41 -1.82
N ASN A 112 7.57 16.18 -1.43
CA ASN A 112 7.86 17.52 -1.92
C ASN A 112 8.99 17.55 -2.98
N ASP A 113 9.88 16.55 -2.97
CA ASP A 113 10.99 16.38 -3.91
C ASP A 113 11.40 14.90 -4.06
N PHE A 114 11.52 14.41 -5.29
CA PHE A 114 11.63 12.99 -5.64
C PHE A 114 13.08 12.51 -5.84
N SER A 115 13.32 11.19 -5.79
CA SER A 115 14.58 10.51 -6.14
C SER A 115 14.40 9.01 -6.44
FE1 FES B . 5.86 4.55 6.44
FE2 FES B . 4.80 2.40 5.76
S1 FES B . 6.55 3.31 4.79
S2 FES B . 4.35 3.47 7.61
N GLY A 1 15.36 -13.66 -12.32
CA GLY A 1 14.52 -13.04 -13.35
C GLY A 1 13.07 -13.43 -13.13
N GLU A 2 12.21 -12.46 -12.79
CA GLU A 2 10.80 -12.71 -12.44
C GLU A 2 9.92 -11.58 -12.99
N GLU A 3 8.80 -11.92 -13.64
CA GLU A 3 7.88 -10.98 -14.28
C GLU A 3 6.59 -10.87 -13.48
N LEU A 4 6.33 -9.74 -12.82
CA LEU A 4 5.22 -9.55 -11.87
C LEU A 4 4.37 -8.30 -12.20
N LYS A 5 3.07 -8.31 -11.86
CA LYS A 5 2.19 -7.13 -11.93
C LYS A 5 1.38 -6.88 -10.66
N ILE A 6 1.03 -5.61 -10.44
CA ILE A 6 0.29 -5.08 -9.28
C ILE A 6 -0.90 -4.22 -9.77
N THR A 7 -2.08 -4.46 -9.22
CA THR A 7 -3.29 -3.67 -9.47
C THR A 7 -3.61 -2.81 -8.27
N PHE A 8 -3.91 -1.54 -8.52
CA PHE A 8 -4.38 -0.58 -7.54
C PHE A 8 -5.68 0.13 -7.97
N ILE A 9 -6.52 0.45 -6.98
CA ILE A 9 -7.67 1.35 -7.11
C ILE A 9 -7.26 2.78 -6.73
N LEU A 10 -7.64 3.78 -7.52
CA LEU A 10 -7.22 5.18 -7.34
C LEU A 10 -8.11 5.95 -6.34
N LYS A 11 -7.64 7.07 -5.79
CA LYS A 11 -8.52 8.03 -5.06
C LYS A 11 -9.58 8.65 -5.98
N ASP A 12 -9.31 8.77 -7.29
CA ASP A 12 -10.29 9.11 -8.34
C ASP A 12 -11.25 7.94 -8.71
N GLY A 13 -11.03 6.75 -8.14
CA GLY A 13 -11.79 5.50 -8.35
C GLY A 13 -11.46 4.70 -9.60
N SER A 14 -10.49 5.15 -10.42
CA SER A 14 -9.91 4.37 -11.53
C SER A 14 -9.26 3.08 -11.04
N GLN A 15 -9.01 2.16 -11.95
CA GLN A 15 -8.19 0.96 -11.76
C GLN A 15 -6.95 1.09 -12.61
N LYS A 16 -5.83 0.64 -12.08
CA LYS A 16 -4.54 0.69 -12.75
C LYS A 16 -3.77 -0.55 -12.38
N THR A 17 -3.38 -1.28 -13.41
CA THR A 17 -2.53 -2.47 -13.30
C THR A 17 -1.18 -2.30 -14.02
N TYR A 18 -0.08 -2.57 -13.30
CA TYR A 18 1.28 -2.08 -13.59
C TYR A 18 2.37 -3.17 -13.45
N GLU A 19 3.44 -3.07 -14.23
CA GLU A 19 4.49 -4.09 -14.41
C GLU A 19 5.74 -3.82 -13.53
N VAL A 20 6.06 -4.72 -12.60
CA VAL A 20 7.05 -4.52 -11.51
C VAL A 20 7.94 -5.75 -11.27
N CYS A 21 8.90 -5.59 -10.37
CA CYS A 21 9.85 -6.62 -9.95
C CYS A 21 9.72 -7.00 -8.46
N GLU A 22 10.30 -8.13 -8.07
CA GLU A 22 10.33 -8.60 -6.68
C GLU A 22 11.25 -7.78 -5.76
N GLY A 23 10.89 -7.67 -4.47
CA GLY A 23 11.50 -6.77 -3.48
C GLY A 23 10.92 -5.35 -3.47
N GLU A 24 10.18 -4.93 -4.50
CA GLU A 24 9.42 -3.67 -4.51
C GLU A 24 8.28 -3.68 -3.48
N THR A 25 7.97 -2.52 -2.91
CA THR A 25 7.06 -2.33 -1.77
C THR A 25 5.81 -1.59 -2.23
N ILE A 26 4.64 -1.84 -1.65
CA ILE A 26 3.37 -1.25 -2.11
C ILE A 26 3.42 0.29 -2.08
N LEU A 27 3.94 0.89 -0.99
CA LEU A 27 4.16 2.35 -0.91
C LEU A 27 5.12 2.81 -2.04
N ASP A 28 6.20 2.07 -2.29
CA ASP A 28 7.19 2.36 -3.34
C ASP A 28 6.69 2.21 -4.78
N ILE A 29 5.68 1.38 -5.06
CA ILE A 29 5.05 1.33 -6.40
C ILE A 29 3.98 2.40 -6.50
N ALA A 30 3.25 2.67 -5.42
CA ALA A 30 2.26 3.74 -5.43
C ALA A 30 2.92 5.11 -5.68
N GLN A 31 3.99 5.43 -4.95
CA GLN A 31 4.84 6.61 -5.20
C GLN A 31 5.66 6.47 -6.47
N GLY A 32 6.36 5.36 -6.74
CA GLY A 32 7.19 5.27 -7.94
C GLY A 32 6.42 5.47 -9.25
N HIS A 33 5.18 4.95 -9.31
CA HIS A 33 4.29 5.10 -10.45
C HIS A 33 3.41 6.37 -10.41
N ASN A 34 3.57 7.17 -9.36
CA ASN A 34 2.82 8.39 -9.12
C ASN A 34 1.30 8.18 -9.25
N LEU A 35 0.80 7.14 -8.59
CA LEU A 35 -0.65 6.87 -8.50
C LEU A 35 -1.39 8.10 -7.95
N ASP A 36 -2.62 8.35 -8.43
CA ASP A 36 -3.53 9.34 -7.88
C ASP A 36 -4.10 8.82 -6.56
N MET A 37 -3.24 8.99 -5.55
CA MET A 37 -3.29 8.41 -4.23
C MET A 37 -2.31 9.25 -3.36
N GLU A 38 -2.71 9.68 -2.16
CA GLU A 38 -1.88 10.55 -1.30
C GLU A 38 -1.19 9.88 -0.08
N GLY A 39 0.10 9.54 -0.21
CA GLY A 39 1.00 9.20 0.90
C GLY A 39 2.47 9.05 0.50
N ALA A 40 3.41 9.78 1.11
CA ALA A 40 4.85 9.79 0.75
C ALA A 40 5.75 8.75 1.45
N CYS A 41 5.69 8.63 2.78
CA CYS A 41 6.56 7.77 3.62
C CYS A 41 8.08 8.02 3.43
N GLY A 42 8.91 7.00 3.68
CA GLY A 42 10.38 7.07 3.54
C GLY A 42 11.12 7.60 4.78
N GLY A 43 10.53 7.47 5.98
CA GLY A 43 11.04 7.97 7.26
C GLY A 43 10.81 9.47 7.49
N SER A 44 10.85 10.29 6.43
CA SER A 44 10.58 11.73 6.46
C SER A 44 9.12 12.03 6.79
N CYS A 45 8.86 12.96 7.71
CA CYS A 45 7.54 13.21 8.32
C CYS A 45 6.92 11.96 9.02
N ALA A 46 5.70 12.11 9.53
CA ALA A 46 4.97 11.05 10.25
C ALA A 46 4.56 9.81 9.41
N CYS A 47 4.82 9.85 8.10
CA CYS A 47 4.17 9.04 7.06
C CYS A 47 2.68 9.37 6.84
N SER A 48 2.18 8.77 5.78
CA SER A 48 0.78 8.56 5.41
C SER A 48 -0.05 7.86 6.50
N THR A 49 -1.28 7.44 6.17
CA THR A 49 -2.00 6.46 7.02
C THR A 49 -1.56 5.00 6.82
N CYS A 50 -0.55 4.71 5.98
CA CYS A 50 -0.02 3.37 5.66
C CYS A 50 -1.06 2.36 5.12
N HIS A 51 -2.28 2.78 4.83
CA HIS A 51 -3.41 1.86 4.67
C HIS A 51 -3.61 1.47 3.22
N VAL A 52 -3.47 0.17 2.95
CA VAL A 52 -4.05 -0.51 1.80
C VAL A 52 -5.07 -1.51 2.28
N ILE A 53 -5.95 -1.93 1.39
CA ILE A 53 -6.65 -3.17 1.52
C ILE A 53 -6.34 -4.07 0.33
N VAL A 54 -6.09 -5.35 0.58
CA VAL A 54 -5.74 -6.37 -0.38
C VAL A 54 -6.91 -7.22 -0.83
N ASP A 55 -6.75 -7.81 -2.00
CA ASP A 55 -7.51 -8.97 -2.45
C ASP A 55 -7.47 -10.13 -1.41
N PRO A 56 -8.57 -10.85 -1.13
CA PRO A 56 -8.58 -12.11 -0.37
C PRO A 56 -7.68 -13.23 -0.93
N ASP A 57 -7.20 -13.10 -2.16
CA ASP A 57 -6.26 -13.99 -2.84
C ASP A 57 -4.78 -13.73 -2.49
N TYR A 58 -4.40 -12.50 -2.10
CA TYR A 58 -3.01 -12.15 -1.88
C TYR A 58 -2.68 -11.67 -0.46
N TYR A 59 -3.68 -11.41 0.40
CA TYR A 59 -3.47 -11.34 1.87
C TYR A 59 -3.21 -12.70 2.49
N ASP A 60 -3.75 -13.76 1.89
CA ASP A 60 -4.02 -14.98 2.66
C ASP A 60 -2.73 -15.68 3.14
N ALA A 61 -1.63 -15.29 2.49
CA ALA A 61 -0.26 -15.76 2.66
C ALA A 61 0.59 -14.82 3.55
N LEU A 62 0.02 -13.71 4.03
CA LEU A 62 0.79 -12.56 4.54
C LEU A 62 1.05 -12.59 6.08
N PRO A 63 2.22 -12.11 6.55
CA PRO A 63 2.60 -11.98 7.99
C PRO A 63 1.93 -10.79 8.70
N GLU A 64 2.06 -10.64 10.03
CA GLU A 64 1.53 -9.50 10.81
C GLU A 64 2.60 -8.53 11.36
N PRO A 65 2.29 -7.24 11.66
CA PRO A 65 3.30 -6.18 11.90
C PRO A 65 3.60 -5.87 13.37
N GLU A 66 4.60 -5.01 13.59
CA GLU A 66 4.90 -4.34 14.87
C GLU A 66 3.77 -3.41 15.35
N ASP A 67 3.74 -3.08 16.65
CA ASP A 67 2.75 -2.15 17.23
C ASP A 67 2.82 -0.74 16.62
N ASP A 68 3.99 -0.33 16.12
CA ASP A 68 4.20 0.96 15.47
C ASP A 68 3.74 0.94 14.01
N GLU A 69 3.68 -0.25 13.41
CA GLU A 69 3.26 -0.48 12.02
C GLU A 69 1.72 -0.65 11.91
N ASN A 70 1.11 -1.58 12.67
CA ASN A 70 -0.34 -1.88 12.68
C ASN A 70 -1.23 -0.77 13.27
N ASP A 71 -0.65 0.15 14.04
CA ASP A 71 -1.33 1.35 14.55
C ASP A 71 -1.31 2.51 13.55
N MET A 72 -0.52 2.46 12.47
CA MET A 72 -0.68 3.42 11.36
C MET A 72 -2.07 3.24 10.70
N LEU A 73 -2.54 1.99 10.67
CA LEU A 73 -3.68 1.51 9.90
C LEU A 73 -5.01 1.79 10.60
N ASP A 74 -5.13 1.33 11.85
CA ASP A 74 -6.26 1.51 12.80
C ASP A 74 -6.89 2.91 12.87
N LEU A 75 -6.14 3.93 12.47
CA LEU A 75 -6.52 5.34 12.54
C LEU A 75 -7.23 5.84 11.25
N ALA A 76 -7.09 5.11 10.13
CA ALA A 76 -8.01 5.19 9.00
C ALA A 76 -9.35 4.53 9.38
N TYR A 77 -10.47 5.03 8.86
CA TYR A 77 -11.79 4.55 9.24
C TYR A 77 -12.06 3.13 8.76
N GLY A 78 -12.82 2.37 9.55
CA GLY A 78 -13.55 1.21 9.03
C GLY A 78 -12.65 0.09 8.51
N LEU A 79 -11.54 -0.15 9.22
CA LEU A 79 -10.43 -1.02 8.79
C LEU A 79 -10.88 -2.47 8.54
N THR A 80 -10.57 -2.96 7.34
CA THR A 80 -11.17 -4.16 6.73
C THR A 80 -10.53 -5.48 7.14
N GLU A 81 -11.24 -6.57 6.89
CA GLU A 81 -10.80 -7.97 7.04
C GLU A 81 -9.57 -8.35 6.21
N THR A 82 -9.17 -7.53 5.23
CA THR A 82 -7.91 -7.64 4.49
C THR A 82 -7.13 -6.32 4.39
N SER A 83 -7.26 -5.44 5.38
CA SER A 83 -6.44 -4.23 5.41
C SER A 83 -4.97 -4.56 5.76
N ARG A 84 -4.05 -4.17 4.86
CA ARG A 84 -2.59 -4.35 4.95
C ARG A 84 -1.90 -2.99 5.14
N LEU A 85 -0.65 -3.04 5.58
CA LEU A 85 0.27 -1.90 5.62
C LEU A 85 0.98 -1.65 4.28
N GLY A 86 1.50 -0.43 4.08
CA GLY A 86 2.14 -0.02 2.82
C GLY A 86 3.57 -0.53 2.61
N CYS A 87 4.30 -0.83 3.68
CA CYS A 87 5.76 -0.89 3.70
C CYS A 87 6.36 -2.28 4.02
N GLN A 88 5.85 -2.94 5.05
CA GLN A 88 6.34 -4.25 5.52
C GLN A 88 5.69 -5.45 4.79
N ILE A 89 5.28 -5.29 3.52
CA ILE A 89 5.19 -6.42 2.58
C ILE A 89 5.53 -5.98 1.16
N LYS A 90 6.04 -6.91 0.34
CA LYS A 90 6.72 -6.66 -0.93
C LYS A 90 6.41 -7.69 -2.00
N MET A 91 6.77 -7.36 -3.24
CA MET A 91 6.56 -8.18 -4.43
C MET A 91 7.49 -9.41 -4.48
N SER A 92 6.98 -10.53 -5.00
CA SER A 92 7.68 -11.79 -5.37
C SER A 92 6.68 -12.69 -6.13
N LYS A 93 7.02 -13.94 -6.48
CA LYS A 93 6.09 -14.91 -7.11
C LYS A 93 4.76 -15.12 -6.38
N ASP A 94 4.69 -14.77 -5.10
CA ASP A 94 3.46 -14.80 -4.29
C ASP A 94 2.43 -13.74 -4.72
N ILE A 95 2.88 -12.67 -5.37
CA ILE A 95 2.05 -11.53 -5.81
C ILE A 95 1.58 -11.65 -7.25
N ASP A 96 1.78 -12.79 -7.92
CA ASP A 96 1.57 -12.93 -9.36
C ASP A 96 0.10 -12.70 -9.76
N GLY A 97 -0.22 -11.40 -9.95
CA GLY A 97 -1.53 -10.82 -10.27
C GLY A 97 -2.20 -9.97 -9.17
N ILE A 98 -1.48 -9.59 -8.10
CA ILE A 98 -2.00 -8.97 -6.87
C ILE A 98 -2.85 -7.72 -7.09
N ARG A 99 -3.82 -7.49 -6.20
CA ARG A 99 -4.60 -6.26 -6.10
C ARG A 99 -4.51 -5.62 -4.72
N VAL A 100 -4.65 -4.31 -4.71
CA VAL A 100 -5.10 -3.56 -3.54
C VAL A 100 -6.02 -2.40 -3.90
N ALA A 101 -6.80 -1.93 -2.92
CA ALA A 101 -7.30 -0.55 -2.88
C ALA A 101 -6.52 0.24 -1.82
N LEU A 102 -6.57 1.56 -1.90
CA LEU A 102 -5.53 2.49 -1.45
C LEU A 102 -6.10 3.58 -0.50
N PRO A 103 -5.26 4.41 0.16
CA PRO A 103 -5.74 5.27 1.23
C PRO A 103 -6.53 6.47 0.70
N GLN A 104 -7.66 6.75 1.35
CA GLN A 104 -8.44 7.98 1.15
C GLN A 104 -8.03 9.09 2.15
N MET A 105 -7.56 8.72 3.34
CA MET A 105 -7.33 9.66 4.44
C MET A 105 -6.16 10.61 4.18
N THR A 106 -6.46 11.92 4.17
CA THR A 106 -5.50 13.00 3.98
C THR A 106 -4.67 13.22 5.26
N ARG A 107 -3.56 12.48 5.37
CA ARG A 107 -2.53 12.60 6.44
C ARG A 107 -1.14 12.36 5.86
N ASN A 108 -0.14 13.14 6.28
CA ASN A 108 1.26 12.98 5.90
C ASN A 108 2.23 13.80 6.79
N VAL A 109 1.81 14.99 7.24
CA VAL A 109 2.65 16.12 7.71
C VAL A 109 3.50 16.73 6.59
N ASN A 110 3.59 18.06 6.57
CA ASN A 110 4.37 18.88 5.63
C ASN A 110 4.96 20.13 6.33
N ASN A 111 5.76 20.93 5.61
CA ASN A 111 6.49 22.11 6.12
C ASN A 111 7.43 21.80 7.32
N ASN A 112 7.87 20.54 7.44
CA ASN A 112 8.82 20.06 8.44
C ASN A 112 10.26 19.97 7.86
N ASP A 113 10.41 19.89 6.54
CA ASP A 113 11.69 19.97 5.83
C ASP A 113 12.05 21.42 5.45
N PHE A 114 13.31 21.65 5.08
CA PHE A 114 13.88 22.95 4.67
C PHE A 114 13.64 24.08 5.69
N SER A 115 13.55 23.68 6.97
CA SER A 115 13.08 24.46 8.13
C SER A 115 13.95 24.22 9.34
FE1 FES B . 4.63 4.32 5.72
FE2 FES B . 3.93 1.96 6.22
S1 FES B . 4.65 3.41 7.70
S2 FES B . 3.93 2.87 4.23
N GLY A 1 10.75 -3.34 -15.23
CA GLY A 1 9.54 -3.78 -14.50
C GLY A 1 8.63 -4.56 -15.43
N GLU A 2 8.70 -5.89 -15.39
CA GLU A 2 8.04 -6.81 -16.34
C GLU A 2 7.88 -8.24 -15.82
N GLU A 3 8.59 -8.65 -14.76
CA GLU A 3 8.49 -10.00 -14.16
C GLU A 3 7.08 -10.27 -13.57
N LEU A 4 6.53 -9.28 -12.86
CA LEU A 4 5.31 -9.35 -12.05
C LEU A 4 4.43 -8.11 -12.31
N LYS A 5 3.22 -8.06 -11.75
CA LYS A 5 2.36 -6.86 -11.77
C LYS A 5 1.67 -6.62 -10.43
N ILE A 6 1.17 -5.39 -10.25
CA ILE A 6 0.44 -4.91 -9.07
C ILE A 6 -0.76 -4.07 -9.53
N THR A 7 -1.94 -4.35 -8.98
CA THR A 7 -3.16 -3.56 -9.22
C THR A 7 -3.53 -2.74 -8.00
N PHE A 8 -3.80 -1.45 -8.22
CA PHE A 8 -4.24 -0.52 -7.18
C PHE A 8 -5.58 0.16 -7.51
N ILE A 9 -6.45 0.24 -6.49
CA ILE A 9 -7.69 1.02 -6.50
C ILE A 9 -7.48 2.35 -5.77
N LEU A 10 -7.33 3.41 -6.54
CA LEU A 10 -6.73 4.70 -6.17
C LEU A 10 -7.52 5.46 -5.08
N LYS A 11 -6.92 6.45 -4.39
CA LYS A 11 -7.71 7.35 -3.50
C LYS A 11 -8.75 8.20 -4.24
N ASP A 12 -8.55 8.38 -5.55
CA ASP A 12 -9.51 8.94 -6.52
C ASP A 12 -10.60 7.95 -6.98
N GLY A 13 -10.39 6.65 -6.72
CA GLY A 13 -11.23 5.50 -7.10
C GLY A 13 -10.94 4.89 -8.46
N SER A 14 -9.94 5.38 -9.21
CA SER A 14 -9.45 4.74 -10.45
C SER A 14 -8.89 3.34 -10.21
N GLN A 15 -8.76 2.57 -11.28
CA GLN A 15 -8.01 1.34 -11.37
C GLN A 15 -6.78 1.57 -12.21
N LYS A 16 -5.66 1.11 -11.68
CA LYS A 16 -4.38 1.12 -12.34
C LYS A 16 -3.70 -0.20 -12.04
N THR A 17 -3.28 -0.86 -13.09
CA THR A 17 -2.47 -2.09 -13.03
C THR A 17 -1.13 -1.94 -13.76
N TYR A 18 -0.04 -2.24 -13.06
CA TYR A 18 1.32 -1.78 -13.37
C TYR A 18 2.36 -2.91 -13.29
N GLU A 19 3.35 -2.90 -14.19
CA GLU A 19 4.36 -3.95 -14.32
C GLU A 19 5.64 -3.64 -13.52
N VAL A 20 6.00 -4.52 -12.59
CA VAL A 20 7.04 -4.34 -11.56
C VAL A 20 7.97 -5.55 -11.43
N CYS A 21 9.04 -5.38 -10.66
CA CYS A 21 9.97 -6.44 -10.27
C CYS A 21 9.74 -6.93 -8.83
N GLU A 22 10.35 -8.06 -8.49
CA GLU A 22 10.34 -8.71 -7.19
C GLU A 22 11.07 -7.89 -6.09
N GLY A 23 10.47 -7.76 -4.90
CA GLY A 23 11.02 -7.07 -3.73
C GLY A 23 10.53 -5.63 -3.55
N GLU A 24 9.87 -5.04 -4.56
CA GLU A 24 9.28 -3.70 -4.47
C GLU A 24 8.03 -3.68 -3.56
N THR A 25 7.90 -2.64 -2.71
CA THR A 25 6.94 -2.53 -1.60
C THR A 25 5.65 -1.85 -2.07
N ILE A 26 4.48 -2.25 -1.56
CA ILE A 26 3.18 -1.85 -2.18
C ILE A 26 2.99 -0.31 -2.25
N LEU A 27 3.13 0.44 -1.15
CA LEU A 27 3.08 1.91 -1.20
C LEU A 27 4.38 2.57 -1.72
N ASP A 28 5.49 1.82 -1.80
CA ASP A 28 6.70 2.24 -2.54
C ASP A 28 6.52 2.13 -4.07
N ILE A 29 5.62 1.29 -4.58
CA ILE A 29 5.19 1.32 -5.99
C ILE A 29 4.12 2.40 -6.17
N ALA A 30 3.29 2.68 -5.17
CA ALA A 30 2.37 3.81 -5.26
C ALA A 30 3.13 5.14 -5.45
N GLN A 31 4.22 5.35 -4.72
CA GLN A 31 5.14 6.49 -4.93
C GLN A 31 6.09 6.30 -6.11
N GLY A 32 6.67 5.12 -6.31
CA GLY A 32 7.59 4.84 -7.42
C GLY A 32 6.94 5.01 -8.80
N HIS A 33 5.64 4.72 -8.92
CA HIS A 33 4.87 4.89 -10.15
C HIS A 33 4.03 6.19 -10.15
N ASN A 34 4.08 6.95 -9.05
CA ASN A 34 3.31 8.18 -8.82
C ASN A 34 1.83 8.02 -9.15
N LEU A 35 1.23 7.07 -8.45
CA LEU A 35 -0.23 6.97 -8.29
C LEU A 35 -0.84 8.25 -7.69
N ASP A 36 -2.08 8.58 -8.09
CA ASP A 36 -2.90 9.60 -7.40
C ASP A 36 -3.31 9.05 -6.04
N MET A 37 -2.52 9.49 -5.06
CA MET A 37 -2.35 8.86 -3.77
C MET A 37 -1.75 9.90 -2.80
N GLU A 38 -2.41 10.14 -1.67
CA GLU A 38 -1.95 11.03 -0.57
C GLU A 38 -1.49 10.25 0.69
N GLY A 39 -0.64 10.86 1.54
CA GLY A 39 0.12 10.20 2.60
C GLY A 39 -0.49 10.27 4.01
N ALA A 40 -0.90 9.14 4.62
CA ALA A 40 -1.24 9.04 6.05
C ALA A 40 -0.07 8.64 6.99
N CYS A 41 1.09 8.22 6.48
CA CYS A 41 2.17 7.60 7.25
C CYS A 41 2.62 8.43 8.47
N GLY A 42 2.52 7.84 9.66
CA GLY A 42 2.78 8.47 10.97
C GLY A 42 1.83 9.61 11.37
N GLY A 43 0.86 9.98 10.52
CA GLY A 43 0.15 11.26 10.58
C GLY A 43 1.07 12.46 10.27
N SER A 44 2.11 12.24 9.46
CA SER A 44 3.09 13.27 9.05
C SER A 44 3.70 13.01 7.66
N CYS A 45 3.05 12.21 6.81
CA CYS A 45 3.54 11.74 5.51
C CYS A 45 4.94 11.09 5.55
N ALA A 46 5.28 10.32 6.60
CA ALA A 46 6.67 9.96 6.90
C ALA A 46 7.38 9.11 5.80
N CYS A 47 6.67 8.18 5.15
CA CYS A 47 7.06 7.69 3.81
C CYS A 47 5.94 7.72 2.75
N SER A 48 4.69 7.33 3.03
CA SER A 48 3.63 7.19 1.98
C SER A 48 2.20 7.18 2.55
N THR A 49 1.20 6.68 1.79
CA THR A 49 -0.19 6.45 2.27
C THR A 49 -0.26 5.52 3.49
N CYS A 50 0.64 4.55 3.60
CA CYS A 50 0.58 3.38 4.47
C CYS A 50 -0.65 2.46 4.33
N HIS A 51 -1.86 3.01 4.24
CA HIS A 51 -3.06 2.22 4.45
C HIS A 51 -3.56 1.63 3.12
N VAL A 52 -3.34 0.32 3.00
CA VAL A 52 -3.87 -0.55 1.95
C VAL A 52 -4.80 -1.58 2.55
N ILE A 53 -5.54 -2.21 1.67
CA ILE A 53 -6.21 -3.46 1.88
C ILE A 53 -6.00 -4.32 0.65
N VAL A 54 -5.81 -5.61 0.87
CA VAL A 54 -5.50 -6.62 -0.13
C VAL A 54 -6.72 -7.42 -0.57
N ASP A 55 -6.61 -8.00 -1.76
CA ASP A 55 -7.47 -9.10 -2.20
C ASP A 55 -7.42 -10.25 -1.16
N PRO A 56 -8.54 -10.89 -0.77
CA PRO A 56 -8.55 -12.08 0.08
C PRO A 56 -7.79 -13.29 -0.49
N ASP A 57 -7.46 -13.28 -1.78
CA ASP A 57 -6.58 -14.27 -2.40
C ASP A 57 -5.12 -14.06 -1.96
N TYR A 58 -4.58 -12.82 -2.01
CA TYR A 58 -3.15 -12.62 -1.81
C TYR A 58 -2.81 -12.35 -0.34
N TYR A 59 -3.76 -11.87 0.48
CA TYR A 59 -3.64 -11.80 1.96
C TYR A 59 -3.33 -13.11 2.60
N ASP A 60 -3.84 -14.19 2.02
CA ASP A 60 -4.06 -15.39 2.83
C ASP A 60 -2.74 -16.12 3.15
N ALA A 61 -1.67 -15.57 2.58
CA ALA A 61 -0.28 -15.97 2.67
C ALA A 61 0.60 -14.86 3.30
N LEU A 62 -0.05 -13.87 3.97
CA LEU A 62 0.63 -12.66 4.49
C LEU A 62 0.87 -12.61 6.02
N PRO A 63 2.02 -12.05 6.46
CA PRO A 63 2.34 -11.65 7.83
C PRO A 63 1.79 -10.26 8.20
N GLU A 64 1.89 -9.90 9.48
CA GLU A 64 1.51 -8.59 10.05
C GLU A 64 2.73 -7.74 10.45
N PRO A 65 2.61 -6.41 10.52
CA PRO A 65 3.68 -5.53 10.99
C PRO A 65 3.57 -5.31 12.51
N GLU A 66 4.51 -4.58 13.09
CA GLU A 66 4.39 -4.04 14.45
C GLU A 66 3.08 -3.27 14.68
N ASP A 67 2.59 -3.28 15.92
CA ASP A 67 1.33 -2.67 16.36
C ASP A 67 1.32 -1.12 16.29
N ASP A 68 2.51 -0.52 16.15
CA ASP A 68 2.71 0.90 15.81
C ASP A 68 2.60 1.14 14.30
N GLU A 69 3.06 0.21 13.45
CA GLU A 69 2.81 0.32 12.02
C GLU A 69 1.32 0.08 11.71
N ASN A 70 0.68 -0.90 12.35
CA ASN A 70 -0.79 -1.12 12.32
C ASN A 70 -1.62 0.11 12.74
N ASP A 71 -1.03 1.04 13.50
CA ASP A 71 -1.69 2.28 13.93
C ASP A 71 -1.67 3.37 12.85
N MET A 72 -0.81 3.24 11.84
CA MET A 72 -0.75 4.11 10.65
C MET A 72 -1.80 3.67 9.63
N LEU A 73 -2.32 2.45 9.77
CA LEU A 73 -3.38 1.85 8.98
C LEU A 73 -4.75 2.28 9.52
N ASP A 74 -4.94 2.16 10.84
CA ASP A 74 -6.09 2.65 11.63
C ASP A 74 -6.50 4.11 11.37
N LEU A 75 -5.66 4.90 10.71
CA LEU A 75 -5.94 6.26 10.29
C LEU A 75 -6.88 6.33 9.06
N ALA A 76 -7.13 5.18 8.42
CA ALA A 76 -8.31 4.91 7.58
C ALA A 76 -9.51 4.44 8.42
N TYR A 77 -10.73 4.64 7.90
CA TYR A 77 -11.98 4.23 8.56
C TYR A 77 -12.19 2.72 8.50
N GLY A 78 -12.83 2.16 9.52
CA GLY A 78 -13.53 0.88 9.36
C GLY A 78 -12.60 -0.28 8.96
N LEU A 79 -11.40 -0.32 9.53
CA LEU A 79 -10.29 -1.15 9.03
C LEU A 79 -10.61 -2.66 8.93
N THR A 80 -10.35 -3.20 7.74
CA THR A 80 -10.92 -4.43 7.17
C THR A 80 -10.16 -5.71 7.53
N GLU A 81 -10.84 -6.85 7.32
CA GLU A 81 -10.30 -8.21 7.48
C GLU A 81 -9.12 -8.57 6.57
N THR A 82 -8.83 -7.77 5.54
CA THR A 82 -7.61 -7.89 4.71
C THR A 82 -6.79 -6.61 4.66
N SER A 83 -6.94 -5.71 5.64
CA SER A 83 -6.14 -4.48 5.70
C SER A 83 -4.66 -4.76 5.95
N ARG A 84 -3.80 -3.98 5.29
CA ARG A 84 -2.35 -4.20 5.16
C ARG A 84 -1.59 -2.86 5.15
N LEU A 85 -0.27 -2.93 5.35
CA LEU A 85 0.66 -1.82 5.08
C LEU A 85 1.32 -1.96 3.69
N GLY A 86 1.99 -0.91 3.22
CA GLY A 86 2.94 -1.00 2.10
C GLY A 86 4.26 -1.59 2.56
N CYS A 87 5.32 -0.78 2.53
CA CYS A 87 6.36 -0.63 3.57
C CYS A 87 7.15 -1.85 4.09
N GLN A 88 6.48 -2.94 4.48
CA GLN A 88 7.05 -4.22 4.92
C GLN A 88 6.34 -5.45 4.29
N ILE A 89 5.56 -5.26 3.21
CA ILE A 89 5.12 -6.32 2.29
C ILE A 89 5.34 -5.89 0.82
N LYS A 90 5.79 -6.83 -0.01
CA LYS A 90 6.44 -6.62 -1.31
C LYS A 90 6.12 -7.72 -2.33
N MET A 91 6.54 -7.52 -3.59
CA MET A 91 6.35 -8.48 -4.67
C MET A 91 7.25 -9.74 -4.51
N SER A 92 6.74 -10.93 -4.83
CA SER A 92 7.41 -12.26 -4.86
C SER A 92 6.75 -13.18 -5.92
N LYS A 93 7.13 -14.46 -6.06
CA LYS A 93 6.40 -15.40 -6.96
C LYS A 93 4.95 -15.67 -6.51
N ASP A 94 4.65 -15.42 -5.22
CA ASP A 94 3.34 -15.66 -4.60
C ASP A 94 2.25 -14.71 -5.15
N ILE A 95 2.68 -13.60 -5.76
CA ILE A 95 1.86 -12.40 -6.00
C ILE A 95 1.38 -12.24 -7.44
N ASP A 96 1.71 -13.14 -8.38
CA ASP A 96 1.56 -12.87 -9.81
C ASP A 96 0.08 -12.68 -10.23
N GLY A 97 -0.36 -11.42 -10.09
CA GLY A 97 -1.76 -10.95 -10.21
C GLY A 97 -2.39 -10.22 -8.99
N ILE A 98 -1.60 -9.86 -7.97
CA ILE A 98 -2.01 -9.18 -6.73
C ILE A 98 -2.70 -7.83 -6.93
N ARG A 99 -3.68 -7.58 -6.06
CA ARG A 99 -4.40 -6.30 -5.93
C ARG A 99 -4.29 -5.74 -4.52
N VAL A 100 -4.45 -4.42 -4.46
CA VAL A 100 -4.86 -3.72 -3.25
C VAL A 100 -5.81 -2.56 -3.55
N ALA A 101 -6.63 -2.16 -2.57
CA ALA A 101 -7.32 -0.87 -2.60
C ALA A 101 -6.68 0.12 -1.60
N LEU A 102 -6.76 1.43 -1.88
CA LEU A 102 -6.20 2.53 -1.09
C LEU A 102 -7.17 3.74 -1.01
N PRO A 103 -8.38 3.57 -0.43
CA PRO A 103 -9.41 4.60 -0.35
C PRO A 103 -9.14 5.66 0.74
N GLN A 104 -9.89 6.76 0.73
CA GLN A 104 -9.94 7.77 1.80
C GLN A 104 -11.39 8.24 2.08
N MET A 105 -11.63 8.85 3.24
CA MET A 105 -12.83 9.64 3.54
C MET A 105 -12.48 11.14 3.50
N THR A 106 -12.39 11.70 2.29
CA THR A 106 -11.61 12.92 1.96
C THR A 106 -10.12 12.81 2.28
N ARG A 107 -9.74 12.69 3.56
CA ARG A 107 -8.36 12.58 4.09
C ARG A 107 -8.31 11.70 5.35
N ASN A 108 -7.11 11.39 5.86
CA ASN A 108 -6.91 10.56 7.05
C ASN A 108 -7.17 11.29 8.38
N VAL A 109 -7.41 10.53 9.46
CA VAL A 109 -7.47 11.06 10.84
C VAL A 109 -6.08 11.14 11.49
N ASN A 110 -5.99 11.89 12.60
CA ASN A 110 -4.81 12.05 13.46
C ASN A 110 -3.52 12.49 12.74
N ASN A 111 -3.61 13.52 11.89
CA ASN A 111 -2.45 14.32 11.51
C ASN A 111 -1.85 15.07 12.74
N ASN A 112 -0.53 15.22 12.79
CA ASN A 112 0.16 15.80 13.96
C ASN A 112 1.47 16.55 13.61
N ASP A 113 1.94 17.37 14.54
CA ASP A 113 3.06 18.32 14.41
C ASP A 113 3.65 18.68 15.79
N PHE A 114 4.94 19.07 15.84
CA PHE A 114 5.65 19.62 17.01
C PHE A 114 5.37 18.88 18.34
N SER A 115 5.45 17.54 18.32
CA SER A 115 5.07 16.62 19.41
C SER A 115 6.08 15.49 19.64
FE1 FES B . 5.45 4.60 5.83
FE2 FES B . 3.88 2.71 5.77
S1 FES B . 5.51 2.93 7.22
S2 FES B . 3.81 4.41 4.40
N GLY A 1 14.89 -10.82 -14.65
CA GLY A 1 14.06 -11.85 -14.03
C GLY A 1 13.21 -11.30 -12.89
N GLU A 2 12.33 -12.13 -12.37
CA GLU A 2 11.40 -11.86 -11.26
C GLU A 2 10.45 -10.66 -11.51
N GLU A 3 9.96 -10.50 -12.74
CA GLU A 3 8.94 -9.50 -13.09
C GLU A 3 7.52 -9.99 -12.77
N LEU A 4 6.72 -9.10 -12.16
CA LEU A 4 5.43 -9.35 -11.49
C LEU A 4 4.47 -8.19 -11.82
N LYS A 5 3.17 -8.31 -11.49
CA LYS A 5 2.24 -7.16 -11.53
C LYS A 5 1.50 -6.90 -10.22
N ILE A 6 1.06 -5.65 -10.06
CA ILE A 6 0.32 -5.07 -8.92
C ILE A 6 -0.85 -4.25 -9.47
N THR A 7 -2.07 -4.51 -8.99
CA THR A 7 -3.26 -3.72 -9.31
C THR A 7 -3.60 -2.81 -8.14
N PHE A 8 -3.82 -1.53 -8.45
CA PHE A 8 -4.32 -0.55 -7.51
C PHE A 8 -5.68 -0.02 -7.96
N ILE A 9 -6.60 0.11 -7.01
CA ILE A 9 -7.89 0.78 -7.20
C ILE A 9 -7.70 2.26 -6.87
N LEU A 10 -7.75 3.13 -7.87
CA LEU A 10 -7.34 4.53 -7.77
C LEU A 10 -8.21 5.35 -6.80
N LYS A 11 -7.70 6.52 -6.44
CA LYS A 11 -8.43 7.52 -5.65
C LYS A 11 -9.71 7.99 -6.36
N ASP A 12 -9.69 8.06 -7.68
CA ASP A 12 -10.85 8.26 -8.58
C ASP A 12 -11.49 6.92 -9.08
N GLY A 13 -11.29 5.83 -8.33
CA GLY A 13 -11.93 4.53 -8.54
C GLY A 13 -11.38 3.66 -9.67
N SER A 14 -10.58 4.20 -10.59
CA SER A 14 -10.03 3.47 -11.75
C SER A 14 -9.21 2.24 -11.34
N GLN A 15 -9.02 1.29 -12.24
CA GLN A 15 -8.08 0.17 -12.09
C GLN A 15 -6.86 0.47 -12.91
N LYS A 16 -5.72 0.27 -12.27
CA LYS A 16 -4.43 0.38 -12.92
C LYS A 16 -3.58 -0.77 -12.44
N THR A 17 -3.10 -1.53 -13.40
CA THR A 17 -2.27 -2.72 -13.16
C THR A 17 -0.88 -2.60 -13.80
N TYR A 18 0.18 -2.71 -13.00
CA TYR A 18 1.52 -2.20 -13.32
C TYR A 18 2.59 -3.27 -13.16
N GLU A 19 3.58 -3.32 -14.07
CA GLU A 19 4.65 -4.34 -14.06
C GLU A 19 5.89 -3.89 -13.25
N VAL A 20 6.19 -4.61 -12.18
CA VAL A 20 7.22 -4.33 -11.16
C VAL A 20 8.10 -5.55 -10.87
N CYS A 21 9.08 -5.41 -9.98
CA CYS A 21 9.93 -6.53 -9.54
C CYS A 21 9.76 -6.86 -8.04
N GLU A 22 10.23 -8.04 -7.67
CA GLU A 22 10.30 -8.54 -6.31
C GLU A 22 11.09 -7.60 -5.35
N GLY A 23 10.56 -7.41 -4.13
CA GLY A 23 11.13 -6.51 -3.12
C GLY A 23 10.56 -5.08 -3.15
N GLU A 24 9.87 -4.69 -4.22
CA GLU A 24 9.19 -3.39 -4.30
C GLU A 24 7.98 -3.29 -3.35
N THR A 25 7.69 -2.09 -2.87
CA THR A 25 6.87 -1.85 -1.66
C THR A 25 5.54 -1.18 -2.05
N ILE A 26 4.42 -1.46 -1.40
CA ILE A 26 3.08 -1.17 -1.97
C ILE A 26 2.68 0.32 -1.90
N LEU A 27 3.09 1.09 -0.88
CA LEU A 27 2.97 2.55 -0.92
C LEU A 27 4.14 3.21 -1.68
N ASP A 28 5.23 2.48 -1.94
CA ASP A 28 6.36 2.93 -2.75
C ASP A 28 6.12 2.75 -4.27
N ILE A 29 5.38 1.73 -4.73
CA ILE A 29 4.94 1.64 -6.14
C ILE A 29 3.83 2.67 -6.40
N ALA A 30 3.07 3.07 -5.37
CA ALA A 30 2.13 4.17 -5.52
C ALA A 30 2.86 5.49 -5.80
N GLN A 31 4.08 5.61 -5.28
CA GLN A 31 4.92 6.77 -5.38
C GLN A 31 5.72 6.70 -6.67
N GLY A 32 6.50 5.66 -6.87
CA GLY A 32 7.36 5.53 -8.04
C GLY A 32 6.65 5.18 -9.36
N HIS A 33 5.36 4.83 -9.35
CA HIS A 33 4.51 4.86 -10.54
C HIS A 33 3.67 6.14 -10.65
N ASN A 34 3.86 7.04 -9.69
CA ASN A 34 3.21 8.35 -9.53
C ASN A 34 1.69 8.26 -9.65
N LEU A 35 1.10 7.28 -8.95
CA LEU A 35 -0.35 7.09 -8.94
C LEU A 35 -1.06 8.38 -8.50
N ASP A 36 -2.18 8.68 -9.13
CA ASP A 36 -3.10 9.75 -8.75
C ASP A 36 -3.83 9.38 -7.47
N MET A 37 -3.10 9.67 -6.39
CA MET A 37 -3.34 9.16 -5.07
C MET A 37 -2.67 10.09 -4.07
N GLU A 38 -3.40 10.42 -3.04
CA GLU A 38 -2.94 11.22 -1.89
C GLU A 38 -2.12 10.35 -0.92
N GLY A 39 -0.82 10.62 -0.80
CA GLY A 39 0.20 9.76 -0.20
C GLY A 39 -0.08 9.30 1.24
N ALA A 40 -0.65 8.09 1.39
CA ALA A 40 -1.03 7.55 2.70
C ALA A 40 0.17 7.14 3.57
N CYS A 41 1.26 6.68 2.98
CA CYS A 41 2.64 6.78 3.47
C CYS A 41 3.61 6.43 2.31
N GLY A 42 4.66 5.65 2.56
CA GLY A 42 5.83 5.49 1.68
C GLY A 42 7.16 5.85 2.34
N GLY A 43 7.23 5.84 3.68
CA GLY A 43 8.49 5.86 4.45
C GLY A 43 9.15 7.22 4.64
N SER A 44 8.50 8.33 4.28
CA SER A 44 9.06 9.67 4.46
C SER A 44 8.90 10.17 5.90
N CYS A 45 9.87 10.93 6.40
CA CYS A 45 9.80 11.64 7.69
C CYS A 45 9.43 10.70 8.85
N ALA A 46 8.48 11.08 9.70
CA ALA A 46 7.99 10.30 10.84
C ALA A 46 7.00 9.16 10.50
N CYS A 47 6.89 8.80 9.20
CA CYS A 47 5.90 7.85 8.64
C CYS A 47 4.43 8.25 8.86
N SER A 48 3.52 7.62 8.11
CA SER A 48 2.09 7.94 8.10
C SER A 48 1.21 6.69 7.99
N THR A 49 -0.08 6.87 7.67
CA THR A 49 -1.14 5.84 7.73
C THR A 49 -0.93 4.57 6.91
N CYS A 50 -0.07 4.62 5.88
CA CYS A 50 0.38 3.49 5.06
C CYS A 50 -0.74 2.61 4.47
N HIS A 51 -1.95 3.14 4.30
CA HIS A 51 -3.14 2.31 4.34
C HIS A 51 -3.47 1.79 2.94
N VAL A 52 -3.32 0.48 2.76
CA VAL A 52 -3.87 -0.31 1.68
C VAL A 52 -4.85 -1.31 2.22
N ILE A 53 -5.75 -1.79 1.36
CA ILE A 53 -6.48 -3.00 1.60
C ILE A 53 -6.28 -3.97 0.43
N VAL A 54 -6.08 -5.26 0.71
CA VAL A 54 -5.83 -6.30 -0.27
C VAL A 54 -7.08 -7.08 -0.67
N ASP A 55 -7.00 -7.69 -1.86
CA ASP A 55 -7.87 -8.77 -2.29
C ASP A 55 -7.88 -9.88 -1.21
N PRO A 56 -9.04 -10.48 -0.86
CA PRO A 56 -9.11 -11.66 0.02
C PRO A 56 -8.28 -12.85 -0.45
N ASP A 57 -7.95 -12.91 -1.75
CA ASP A 57 -7.13 -13.96 -2.35
C ASP A 57 -5.65 -13.83 -1.99
N TYR A 58 -5.05 -12.63 -2.05
CA TYR A 58 -3.63 -12.47 -1.92
C TYR A 58 -3.17 -12.16 -0.50
N TYR A 59 -4.02 -11.56 0.36
CA TYR A 59 -3.68 -11.49 1.79
C TYR A 59 -3.43 -12.88 2.35
N ASP A 60 -4.20 -13.86 1.88
CA ASP A 60 -4.33 -15.13 2.59
C ASP A 60 -3.08 -16.03 2.42
N ALA A 61 -2.18 -15.58 1.55
CA ALA A 61 -0.89 -16.16 1.23
C ALA A 61 0.28 -15.31 1.78
N LEU A 62 -0.02 -14.22 2.48
CA LEU A 62 0.95 -13.20 2.92
C LEU A 62 1.09 -13.11 4.45
N PRO A 63 2.29 -12.79 4.96
CA PRO A 63 2.54 -12.44 6.36
C PRO A 63 2.08 -11.01 6.70
N GLU A 64 2.05 -10.70 8.00
CA GLU A 64 1.67 -9.40 8.57
C GLU A 64 2.80 -8.76 9.40
N PRO A 65 2.73 -7.46 9.74
CA PRO A 65 3.84 -6.69 10.30
C PRO A 65 4.05 -6.87 11.81
N GLU A 66 5.14 -6.27 12.29
CA GLU A 66 5.29 -5.94 13.71
C GLU A 66 4.12 -5.10 14.21
N ASP A 67 3.78 -5.29 15.49
CA ASP A 67 2.60 -4.71 16.13
C ASP A 67 2.61 -3.17 16.20
N ASP A 68 3.78 -2.54 16.02
CA ASP A 68 4.01 -1.11 15.87
C ASP A 68 3.89 -0.63 14.42
N GLU A 69 4.20 -1.49 13.45
CA GLU A 69 4.10 -1.17 12.03
C GLU A 69 2.64 -1.24 11.55
N ASN A 70 1.86 -2.22 12.01
CA ASN A 70 0.39 -2.27 11.81
C ASN A 70 -0.41 -1.29 12.71
N ASP A 71 0.20 -0.76 13.76
CA ASP A 71 -0.33 0.37 14.55
C ASP A 71 -0.29 1.69 13.77
N MET A 72 0.50 1.79 12.68
CA MET A 72 0.51 2.99 11.82
C MET A 72 -0.80 3.09 11.00
N LEU A 73 -1.45 1.95 10.78
CA LEU A 73 -2.67 1.74 10.00
C LEU A 73 -3.92 2.02 10.83
N ASP A 74 -3.96 1.43 12.02
CA ASP A 74 -4.99 1.57 13.06
C ASP A 74 -5.45 3.01 13.33
N LEU A 75 -4.57 3.99 13.08
CA LEU A 75 -4.81 5.41 13.29
C LEU A 75 -5.81 6.00 12.28
N ALA A 76 -5.98 5.35 11.11
CA ALA A 76 -7.05 5.61 10.16
C ALA A 76 -8.35 4.92 10.58
N TYR A 77 -9.51 5.52 10.32
CA TYR A 77 -10.79 4.98 10.77
C TYR A 77 -11.18 3.69 10.04
N GLY A 78 -11.73 2.75 10.81
CA GLY A 78 -12.58 1.71 10.24
C GLY A 78 -11.82 0.61 9.50
N LEU A 79 -10.64 0.24 10.03
CA LEU A 79 -9.66 -0.63 9.38
C LEU A 79 -10.17 -2.07 9.17
N THR A 80 -10.10 -2.50 7.91
CA THR A 80 -10.83 -3.61 7.31
C THR A 80 -10.20 -4.97 7.59
N GLU A 81 -10.93 -6.05 7.28
CA GLU A 81 -10.49 -7.43 7.47
C GLU A 81 -9.20 -7.78 6.73
N THR A 82 -8.89 -7.07 5.63
CA THR A 82 -7.68 -7.25 4.82
C THR A 82 -6.93 -5.95 4.60
N SER A 83 -7.18 -4.95 5.46
CA SER A 83 -6.41 -3.72 5.43
C SER A 83 -5.04 -3.92 6.10
N ARG A 84 -4.00 -3.37 5.48
CA ARG A 84 -2.59 -3.69 5.72
C ARG A 84 -1.68 -2.52 5.29
N LEU A 85 -0.37 -2.66 5.43
CA LEU A 85 0.60 -1.59 5.15
C LEU A 85 1.23 -1.63 3.75
N GLY A 86 1.86 -0.54 3.34
CA GLY A 86 2.72 -0.48 2.16
C GLY A 86 4.07 -1.18 2.34
N CYS A 87 4.76 -0.92 3.46
CA CYS A 87 6.19 -1.13 3.64
C CYS A 87 6.63 -2.54 4.06
N GLN A 88 6.32 -3.00 5.28
CA GLN A 88 6.98 -4.19 5.89
C GLN A 88 6.65 -5.56 5.23
N ILE A 89 5.98 -5.57 4.09
CA ILE A 89 5.78 -6.75 3.24
C ILE A 89 5.51 -6.31 1.78
N LYS A 90 6.34 -6.81 0.87
CA LYS A 90 6.66 -6.34 -0.49
C LYS A 90 6.31 -7.39 -1.55
N MET A 91 6.64 -7.13 -2.82
CA MET A 91 6.40 -8.07 -3.92
C MET A 91 7.21 -9.38 -3.81
N SER A 92 6.55 -10.52 -4.07
CA SER A 92 7.13 -11.87 -4.20
C SER A 92 6.51 -12.64 -5.38
N LYS A 93 7.01 -13.82 -5.79
CA LYS A 93 6.45 -14.54 -6.94
C LYS A 93 5.14 -15.27 -6.70
N ASP A 94 4.76 -15.54 -5.45
CA ASP A 94 3.49 -16.20 -5.08
C ASP A 94 2.26 -15.32 -5.30
N ILE A 95 2.47 -14.02 -5.52
CA ILE A 95 1.47 -12.96 -5.63
C ILE A 95 1.42 -12.35 -7.03
N ASP A 96 1.87 -13.08 -8.06
CA ASP A 96 1.95 -12.52 -9.41
C ASP A 96 0.54 -12.23 -9.97
N GLY A 97 0.06 -11.02 -9.69
CA GLY A 97 -1.33 -10.58 -9.91
C GLY A 97 -2.06 -10.02 -8.68
N ILE A 98 -1.35 -9.73 -7.59
CA ILE A 98 -1.84 -9.03 -6.37
C ILE A 98 -2.67 -7.76 -6.69
N ARG A 99 -3.69 -7.50 -5.87
CA ARG A 99 -4.49 -6.25 -5.87
C ARG A 99 -4.44 -5.58 -4.53
N VAL A 100 -4.58 -4.26 -4.55
CA VAL A 100 -4.99 -3.49 -3.39
C VAL A 100 -5.89 -2.31 -3.75
N ALA A 101 -6.70 -1.81 -2.81
CA ALA A 101 -7.39 -0.52 -2.94
C ALA A 101 -6.66 0.59 -2.15
N LEU A 102 -6.96 1.86 -2.46
CA LEU A 102 -6.03 3.00 -2.33
C LEU A 102 -6.76 4.28 -1.81
N PRO A 103 -7.00 4.42 -0.49
CA PRO A 103 -7.71 5.54 0.13
C PRO A 103 -6.83 6.78 0.41
N GLN A 104 -7.43 7.97 0.53
CA GLN A 104 -6.72 9.25 0.79
C GLN A 104 -6.42 9.52 2.29
N MET A 105 -6.07 8.49 3.05
CA MET A 105 -5.83 8.59 4.50
C MET A 105 -4.57 9.43 4.82
N THR A 106 -4.64 10.29 5.83
CA THR A 106 -3.47 10.94 6.44
C THR A 106 -3.68 11.19 7.94
N ARG A 107 -2.60 11.22 8.72
CA ARG A 107 -2.56 11.50 10.17
C ARG A 107 -1.22 12.17 10.54
N ASN A 108 -1.16 12.80 11.72
CA ASN A 108 0.02 13.51 12.27
C ASN A 108 0.52 14.71 11.41
N VAL A 109 1.30 15.60 12.03
CA VAL A 109 1.88 16.82 11.43
C VAL A 109 3.36 17.06 11.78
N ASN A 110 3.98 16.27 12.67
CA ASN A 110 5.35 16.52 13.15
C ASN A 110 6.42 16.40 12.04
N ASN A 111 7.50 17.18 12.18
CA ASN A 111 8.64 17.25 11.25
C ASN A 111 9.91 16.61 11.81
N ASN A 112 10.67 15.92 10.95
CA ASN A 112 12.02 15.43 11.18
C ASN A 112 12.91 15.81 9.98
N ASP A 113 13.98 16.56 10.21
CA ASP A 113 14.83 17.13 9.16
C ASP A 113 15.87 16.11 8.64
N PHE A 114 16.16 16.15 7.33
CA PHE A 114 17.04 15.20 6.63
C PHE A 114 18.30 15.87 6.06
N SER A 115 19.42 15.14 5.99
CA SER A 115 20.73 15.62 5.51
C SER A 115 21.33 14.68 4.47
FE1 FES B . 5.54 4.34 6.49
FE2 FES B . 4.60 2.09 5.97
S1 FES B . 4.25 3.19 7.81
S2 FES B . 5.90 3.24 4.63
N GLY A 1 14.74 -15.03 -11.52
CA GLY A 1 13.57 -14.37 -12.12
C GLY A 1 12.88 -13.46 -11.12
N GLU A 2 12.54 -12.24 -11.53
CA GLU A 2 11.98 -11.20 -10.65
C GLU A 2 10.80 -10.39 -11.23
N GLU A 3 10.36 -10.59 -12.48
CA GLU A 3 9.24 -9.82 -13.07
C GLU A 3 7.85 -10.25 -12.53
N LEU A 4 7.00 -9.27 -12.20
CA LEU A 4 5.69 -9.43 -11.53
C LEU A 4 4.74 -8.27 -11.91
N LYS A 5 3.47 -8.28 -11.47
CA LYS A 5 2.55 -7.11 -11.56
C LYS A 5 1.78 -6.81 -10.27
N ILE A 6 1.33 -5.56 -10.13
CA ILE A 6 0.53 -5.00 -9.03
C ILE A 6 -0.67 -4.23 -9.58
N THR A 7 -1.84 -4.38 -8.95
CA THR A 7 -3.04 -3.61 -9.24
C THR A 7 -3.40 -2.70 -8.07
N PHE A 8 -3.78 -1.48 -8.40
CA PHE A 8 -4.25 -0.48 -7.44
C PHE A 8 -5.62 0.05 -7.85
N ILE A 9 -6.49 0.27 -6.85
CA ILE A 9 -7.66 1.14 -7.00
C ILE A 9 -7.24 2.58 -6.70
N LEU A 10 -7.77 3.53 -7.47
CA LEU A 10 -7.38 4.93 -7.41
C LEU A 10 -8.18 5.71 -6.34
N LYS A 11 -7.67 6.87 -5.88
CA LYS A 11 -8.45 7.82 -5.06
C LYS A 11 -9.62 8.43 -5.86
N ASP A 12 -9.47 8.49 -7.18
CA ASP A 12 -10.52 8.79 -8.16
C ASP A 12 -11.44 7.58 -8.50
N GLY A 13 -11.15 6.39 -7.96
CA GLY A 13 -11.95 5.16 -8.07
C GLY A 13 -11.74 4.28 -9.31
N SER A 14 -10.83 4.66 -10.20
CA SER A 14 -10.35 3.86 -11.35
C SER A 14 -9.55 2.62 -10.90
N GLN A 15 -9.33 1.68 -11.81
CA GLN A 15 -8.42 0.53 -11.64
C GLN A 15 -7.27 0.61 -12.62
N LYS A 16 -6.08 0.28 -12.11
CA LYS A 16 -4.82 0.34 -12.84
C LYS A 16 -3.92 -0.79 -12.39
N THR A 17 -3.59 -1.63 -13.36
CA THR A 17 -2.70 -2.81 -13.20
C THR A 17 -1.36 -2.63 -13.94
N TYR A 18 -0.24 -2.74 -13.21
CA TYR A 18 1.10 -2.29 -13.59
C TYR A 18 2.19 -3.34 -13.37
N GLU A 19 3.11 -3.48 -14.32
CA GLU A 19 4.29 -4.36 -14.21
C GLU A 19 5.44 -3.76 -13.35
N VAL A 20 6.01 -4.59 -12.47
CA VAL A 20 7.05 -4.28 -11.48
C VAL A 20 8.01 -5.46 -11.30
N CYS A 21 8.90 -5.35 -10.31
CA CYS A 21 9.83 -6.40 -9.91
C CYS A 21 9.73 -6.75 -8.41
N GLU A 22 10.32 -7.88 -8.04
CA GLU A 22 10.33 -8.42 -6.68
C GLU A 22 11.13 -7.55 -5.69
N GLY A 23 10.72 -7.51 -4.42
CA GLY A 23 11.34 -6.70 -3.35
C GLY A 23 10.80 -5.26 -3.23
N GLU A 24 10.10 -4.76 -4.25
CA GLU A 24 9.52 -3.41 -4.24
C GLU A 24 8.27 -3.35 -3.33
N THR A 25 8.01 -2.21 -2.69
CA THR A 25 6.98 -2.01 -1.65
C THR A 25 5.72 -1.38 -2.26
N ILE A 26 4.52 -1.73 -1.80
CA ILE A 26 3.24 -1.30 -2.41
C ILE A 26 3.17 0.23 -2.56
N LEU A 27 3.45 0.99 -1.49
CA LEU A 27 3.44 2.46 -1.52
C LEU A 27 4.70 3.09 -2.17
N ASP A 28 5.78 2.31 -2.34
CA ASP A 28 6.92 2.68 -3.19
C ASP A 28 6.60 2.52 -4.68
N ILE A 29 5.68 1.62 -5.07
CA ILE A 29 5.18 1.53 -6.45
C ILE A 29 4.13 2.62 -6.68
N ALA A 30 3.28 2.92 -5.70
CA ALA A 30 2.33 4.02 -5.82
C ALA A 30 3.02 5.37 -6.11
N GLN A 31 4.16 5.63 -5.45
CA GLN A 31 5.05 6.74 -5.79
C GLN A 31 5.81 6.47 -7.08
N GLY A 32 6.61 5.42 -7.21
CA GLY A 32 7.50 5.28 -8.37
C GLY A 32 6.81 5.12 -9.73
N HIS A 33 5.57 4.61 -9.78
CA HIS A 33 4.74 4.58 -10.98
C HIS A 33 3.92 5.87 -11.19
N ASN A 34 4.07 6.80 -10.23
CA ASN A 34 3.42 8.10 -10.16
C ASN A 34 1.91 8.01 -10.35
N LEU A 35 1.31 7.08 -9.59
CA LEU A 35 -0.15 7.06 -9.41
C LEU A 35 -0.61 8.38 -8.77
N ASP A 36 -1.73 8.96 -9.23
CA ASP A 36 -2.24 10.23 -8.71
C ASP A 36 -3.08 9.99 -7.47
N MET A 37 -2.33 9.65 -6.43
CA MET A 37 -2.79 8.99 -5.24
C MET A 37 -1.81 9.36 -4.11
N GLU A 38 -2.33 9.81 -2.98
CA GLU A 38 -1.54 10.10 -1.76
C GLU A 38 -0.52 9.00 -1.39
N GLY A 39 0.71 9.40 -1.05
CA GLY A 39 1.75 8.52 -0.46
C GLY A 39 1.94 8.80 1.03
N ALA A 40 2.05 7.74 1.85
CA ALA A 40 2.25 7.84 3.30
C ALA A 40 3.74 7.96 3.68
N CYS A 41 4.60 7.04 3.23
CA CYS A 41 6.05 7.12 3.44
C CYS A 41 6.78 7.99 2.38
N GLY A 42 6.22 8.16 1.18
CA GLY A 42 6.59 9.24 0.23
C GLY A 42 8.05 9.27 -0.26
N GLY A 43 8.79 8.16 -0.15
CA GLY A 43 10.24 8.12 -0.41
C GLY A 43 11.10 8.83 0.65
N SER A 44 10.54 9.10 1.83
CA SER A 44 11.15 9.83 2.96
C SER A 44 10.42 9.44 4.26
N CYS A 45 9.86 10.42 4.98
CA CYS A 45 8.93 10.30 6.11
C CYS A 45 9.49 9.64 7.38
N ALA A 46 8.77 9.84 8.49
CA ALA A 46 8.92 9.18 9.78
C ALA A 46 7.72 8.24 10.04
N CYS A 47 7.21 7.64 8.97
CA CYS A 47 5.93 6.94 8.85
C CYS A 47 4.66 7.79 9.05
N SER A 48 3.56 7.30 8.46
CA SER A 48 2.25 7.97 8.37
C SER A 48 1.13 6.91 8.26
N THR A 49 -0.09 7.27 7.86
CA THR A 49 -1.31 6.45 8.03
C THR A 49 -1.45 5.22 7.10
N CYS A 50 -0.49 4.98 6.20
CA CYS A 50 -0.13 3.68 5.57
C CYS A 50 -1.21 2.76 4.94
N HIS A 51 -2.47 3.19 4.73
CA HIS A 51 -3.57 2.23 4.68
C HIS A 51 -3.89 1.76 3.26
N VAL A 52 -3.71 0.45 3.01
CA VAL A 52 -4.30 -0.29 1.89
C VAL A 52 -5.29 -1.30 2.45
N ILE A 53 -6.11 -1.82 1.55
CA ILE A 53 -6.69 -3.13 1.70
C ILE A 53 -6.27 -4.01 0.52
N VAL A 54 -6.03 -5.30 0.75
CA VAL A 54 -5.68 -6.30 -0.25
C VAL A 54 -6.87 -7.14 -0.70
N ASP A 55 -6.77 -7.71 -1.89
CA ASP A 55 -7.60 -8.82 -2.33
C ASP A 55 -7.56 -9.96 -1.27
N PRO A 56 -8.67 -10.62 -0.91
CA PRO A 56 -8.65 -11.77 0.00
C PRO A 56 -7.81 -12.95 -0.49
N ASP A 57 -7.43 -12.96 -1.78
CA ASP A 57 -6.49 -13.93 -2.36
C ASP A 57 -5.04 -13.65 -1.97
N TYR A 58 -4.57 -12.40 -2.01
CA TYR A 58 -3.14 -12.11 -1.86
C TYR A 58 -2.73 -11.74 -0.44
N TYR A 59 -3.68 -11.36 0.41
CA TYR A 59 -3.43 -11.36 1.88
C TYR A 59 -3.03 -12.73 2.38
N ASP A 60 -3.59 -13.78 1.76
CA ASP A 60 -3.69 -15.06 2.42
C ASP A 60 -2.34 -15.81 2.44
N ALA A 61 -1.39 -15.24 1.71
CA ALA A 61 0.03 -15.59 1.59
C ALA A 61 0.96 -14.42 1.98
N LEU A 62 0.42 -13.45 2.72
CA LEU A 62 1.18 -12.34 3.36
C LEU A 62 1.17 -12.48 4.89
N PRO A 63 2.27 -12.15 5.57
CA PRO A 63 2.37 -12.13 7.03
C PRO A 63 1.71 -10.91 7.66
N GLU A 64 1.44 -10.94 8.97
CA GLU A 64 1.03 -9.74 9.73
C GLU A 64 2.25 -8.98 10.30
N PRO A 65 2.24 -7.64 10.34
CA PRO A 65 3.36 -6.81 10.79
C PRO A 65 3.36 -6.60 12.32
N GLU A 66 4.45 -6.02 12.81
CA GLU A 66 4.60 -5.48 14.17
C GLU A 66 3.43 -4.62 14.67
N ASP A 67 3.26 -4.58 16.00
CA ASP A 67 2.07 -4.01 16.68
C ASP A 67 1.97 -2.48 16.60
N ASP A 68 3.06 -1.79 16.29
CA ASP A 68 3.06 -0.36 15.95
C ASP A 68 2.79 -0.14 14.46
N GLU A 69 3.19 -1.07 13.58
CA GLU A 69 3.00 -0.93 12.14
C GLU A 69 1.57 -1.28 11.68
N ASN A 70 0.87 -2.25 12.29
CA ASN A 70 -0.60 -2.38 12.12
C ASN A 70 -1.42 -1.29 12.80
N ASP A 71 -0.82 -0.58 13.77
CA ASP A 71 -1.44 0.61 14.35
C ASP A 71 -1.37 1.82 13.41
N MET A 72 -0.36 1.93 12.53
CA MET A 72 -0.27 2.98 11.47
C MET A 72 -1.52 2.99 10.58
N LEU A 73 -2.20 1.85 10.48
CA LEU A 73 -3.40 1.59 9.69
C LEU A 73 -4.67 2.02 10.42
N ASP A 74 -4.79 1.59 11.67
CA ASP A 74 -5.77 2.02 12.68
C ASP A 74 -5.89 3.55 12.86
N LEU A 75 -4.91 4.33 12.40
CA LEU A 75 -4.96 5.80 12.36
C LEU A 75 -5.93 6.35 11.28
N ALA A 76 -6.48 5.45 10.45
CA ALA A 76 -7.58 5.71 9.52
C ALA A 76 -8.89 5.02 9.99
N TYR A 77 -10.03 5.58 9.60
CA TYR A 77 -11.36 5.04 9.89
C TYR A 77 -11.62 3.67 9.24
N GLY A 78 -12.34 2.83 9.99
CA GLY A 78 -13.13 1.74 9.46
C GLY A 78 -12.31 0.54 8.98
N LEU A 79 -11.22 0.18 9.67
CA LEU A 79 -10.29 -0.87 9.24
C LEU A 79 -10.94 -2.27 9.14
N THR A 80 -10.77 -2.92 7.98
CA THR A 80 -11.35 -4.20 7.50
C THR A 80 -10.51 -5.46 7.80
N GLU A 81 -10.98 -6.57 7.26
CA GLU A 81 -10.49 -7.94 7.33
C GLU A 81 -9.15 -8.23 6.64
N THR A 82 -8.80 -7.44 5.62
CA THR A 82 -7.53 -7.55 4.86
C THR A 82 -6.81 -6.22 4.70
N SER A 83 -7.17 -5.24 5.51
CA SER A 83 -6.53 -3.94 5.50
C SER A 83 -5.13 -3.99 6.13
N ARG A 84 -4.14 -3.50 5.40
CA ARG A 84 -2.71 -3.80 5.58
C ARG A 84 -1.82 -2.58 5.38
N LEU A 85 -0.55 -2.69 5.77
CA LEU A 85 0.45 -1.61 5.58
C LEU A 85 0.94 -1.52 4.13
N GLY A 86 1.16 -0.29 3.66
CA GLY A 86 1.53 0.00 2.27
C GLY A 86 3.04 0.00 2.03
N CYS A 87 3.82 0.55 2.95
CA CYS A 87 5.21 0.96 2.70
C CYS A 87 6.28 0.24 3.55
N GLN A 88 5.90 -0.89 4.19
CA GLN A 88 6.80 -1.86 4.83
C GLN A 88 6.43 -3.34 4.53
N ILE A 89 5.87 -3.65 3.35
CA ILE A 89 5.69 -5.02 2.84
C ILE A 89 5.73 -5.04 1.30
N LYS A 90 6.30 -6.09 0.70
CA LYS A 90 6.84 -6.09 -0.66
C LYS A 90 6.37 -7.21 -1.59
N MET A 91 6.59 -6.99 -2.89
CA MET A 91 6.36 -7.96 -3.97
C MET A 91 7.22 -9.22 -3.77
N SER A 92 6.63 -10.40 -3.99
CA SER A 92 7.22 -11.74 -3.82
C SER A 92 6.68 -12.72 -4.87
N LYS A 93 7.16 -13.97 -4.91
CA LYS A 93 6.63 -15.00 -5.82
C LYS A 93 5.15 -15.36 -5.60
N ASP A 94 4.58 -15.05 -4.43
CA ASP A 94 3.16 -15.30 -4.13
C ASP A 94 2.22 -14.24 -4.76
N ILE A 95 2.75 -13.08 -5.15
CA ILE A 95 1.96 -11.90 -5.56
C ILE A 95 1.56 -11.87 -7.02
N ASP A 96 1.85 -12.90 -7.83
CA ASP A 96 1.75 -12.90 -9.30
C ASP A 96 0.33 -12.57 -9.83
N GLY A 97 -0.01 -11.28 -9.80
CA GLY A 97 -1.36 -10.73 -10.07
C GLY A 97 -2.05 -9.93 -8.93
N ILE A 98 -1.34 -9.54 -7.87
CA ILE A 98 -1.88 -8.91 -6.64
C ILE A 98 -2.67 -7.63 -6.87
N ARG A 99 -3.66 -7.38 -6.01
CA ARG A 99 -4.40 -6.10 -5.91
C ARG A 99 -4.30 -5.49 -4.53
N VAL A 100 -4.46 -4.17 -4.50
CA VAL A 100 -4.95 -3.44 -3.34
C VAL A 100 -5.94 -2.34 -3.69
N ALA A 101 -6.82 -2.00 -2.75
CA ALA A 101 -7.56 -0.74 -2.75
C ALA A 101 -7.05 0.23 -1.69
N LEU A 102 -7.45 1.48 -1.83
CA LEU A 102 -6.79 2.64 -1.26
C LEU A 102 -7.85 3.67 -0.83
N PRO A 103 -8.23 3.70 0.48
CA PRO A 103 -9.35 4.48 0.99
C PRO A 103 -9.03 5.97 1.20
N GLN A 104 -10.05 6.76 1.56
CA GLN A 104 -9.93 8.18 1.93
C GLN A 104 -9.37 8.33 3.37
N MET A 105 -8.18 7.77 3.62
CA MET A 105 -7.46 7.80 4.90
C MET A 105 -7.17 9.23 5.40
N THR A 106 -6.82 9.36 6.68
CA THR A 106 -6.45 10.62 7.36
C THR A 106 -5.45 11.46 6.56
N ARG A 107 -5.54 12.81 6.60
CA ARG A 107 -4.62 13.72 5.89
C ARG A 107 -3.18 13.53 6.39
N ASN A 108 -2.33 12.99 5.53
CA ASN A 108 -0.93 12.64 5.80
C ASN A 108 0.01 13.85 5.61
N VAL A 109 1.22 13.75 6.16
CA VAL A 109 2.34 14.65 5.79
C VAL A 109 2.78 14.44 4.33
N ASN A 110 3.33 15.49 3.70
CA ASN A 110 4.01 15.44 2.40
C ASN A 110 5.30 16.27 2.44
N ASN A 111 6.44 15.70 2.03
CA ASN A 111 7.77 16.31 2.12
C ASN A 111 8.57 16.16 0.80
N ASN A 112 9.58 17.01 0.61
CA ASN A 112 10.28 17.21 -0.66
C ASN A 112 11.79 17.48 -0.51
N ASP A 113 12.51 17.22 -1.60
CA ASP A 113 13.95 17.45 -1.79
C ASP A 113 14.21 17.91 -3.24
N PHE A 114 15.28 18.65 -3.52
CA PHE A 114 15.55 19.23 -4.85
C PHE A 114 16.19 18.26 -5.87
N SER A 115 16.42 16.99 -5.53
CA SER A 115 16.91 15.93 -6.44
C SER A 115 15.86 15.45 -7.43
FE1 FES B . 5.72 4.06 6.62
FE2 FES B . 3.77 2.98 5.54
S1 FES B . 5.56 1.92 6.22
S2 FES B . 3.79 5.03 6.28
N GLY A 1 16.15 -9.22 -13.16
CA GLY A 1 15.13 -9.14 -12.10
C GLY A 1 13.80 -9.66 -12.60
N GLU A 2 13.11 -10.47 -11.79
CA GLU A 2 11.89 -11.18 -12.19
C GLU A 2 10.68 -10.25 -12.33
N GLU A 3 9.94 -10.34 -13.44
CA GLU A 3 8.80 -9.46 -13.74
C GLU A 3 7.48 -9.95 -13.11
N LEU A 4 6.71 -9.01 -12.55
CA LEU A 4 5.44 -9.24 -11.86
C LEU A 4 4.47 -8.06 -12.14
N LYS A 5 3.27 -8.04 -11.55
CA LYS A 5 2.32 -6.90 -11.65
C LYS A 5 1.61 -6.63 -10.33
N ILE A 6 1.14 -5.41 -10.16
CA ILE A 6 0.41 -4.89 -8.99
C ILE A 6 -0.79 -4.06 -9.48
N THR A 7 -1.98 -4.34 -8.94
CA THR A 7 -3.16 -3.48 -9.11
C THR A 7 -3.42 -2.67 -7.85
N PHE A 8 -3.73 -1.39 -8.05
CA PHE A 8 -4.16 -0.46 -7.03
C PHE A 8 -5.51 0.18 -7.41
N ILE A 9 -6.39 0.34 -6.43
CA ILE A 9 -7.58 1.21 -6.49
C ILE A 9 -7.22 2.61 -5.99
N LEU A 10 -7.74 3.62 -6.66
CA LEU A 10 -7.39 5.04 -6.49
C LEU A 10 -8.37 5.76 -5.58
N LYS A 11 -7.96 6.92 -5.03
CA LYS A 11 -8.84 7.81 -4.24
C LYS A 11 -10.00 8.44 -5.00
N ASP A 12 -10.02 8.31 -6.34
CA ASP A 12 -11.15 8.67 -7.21
C ASP A 12 -11.99 7.45 -7.64
N GLY A 13 -11.67 6.24 -7.18
CA GLY A 13 -12.28 4.97 -7.60
C GLY A 13 -11.83 4.45 -8.97
N SER A 14 -10.74 4.98 -9.52
CA SER A 14 -10.00 4.44 -10.68
C SER A 14 -9.22 3.18 -10.32
N GLN A 15 -8.93 2.33 -11.29
CA GLN A 15 -8.11 1.13 -11.14
C GLN A 15 -6.97 1.14 -12.12
N LYS A 16 -5.79 0.82 -11.60
CA LYS A 16 -4.55 0.80 -12.32
C LYS A 16 -3.80 -0.44 -11.97
N THR A 17 -3.58 -1.17 -13.02
CA THR A 17 -2.74 -2.36 -13.06
C THR A 17 -1.40 -2.02 -13.72
N TYR A 18 -0.30 -2.32 -13.04
CA TYR A 18 1.06 -1.86 -13.39
C TYR A 18 2.10 -2.99 -13.30
N GLU A 19 3.04 -2.99 -14.24
CA GLU A 19 4.13 -3.98 -14.35
C GLU A 19 5.33 -3.55 -13.49
N VAL A 20 5.86 -4.45 -12.64
CA VAL A 20 6.93 -4.18 -11.66
C VAL A 20 7.92 -5.35 -11.55
N CYS A 21 8.88 -5.24 -10.63
CA CYS A 21 9.84 -6.29 -10.29
C CYS A 21 9.75 -6.76 -8.83
N GLU A 22 10.27 -7.96 -8.58
CA GLU A 22 10.38 -8.62 -7.29
C GLU A 22 11.16 -7.80 -6.24
N GLY A 23 10.58 -7.63 -5.05
CA GLY A 23 11.16 -6.97 -3.89
C GLY A 23 10.77 -5.51 -3.72
N GLU A 24 9.98 -4.91 -4.62
CA GLU A 24 9.45 -3.55 -4.44
C GLU A 24 8.24 -3.50 -3.51
N THR A 25 8.22 -2.51 -2.61
CA THR A 25 7.26 -2.31 -1.50
C THR A 25 5.99 -1.62 -2.03
N ILE A 26 4.82 -1.95 -1.50
CA ILE A 26 3.53 -1.41 -2.02
C ILE A 26 3.49 0.12 -2.08
N LEU A 27 3.94 0.82 -1.02
CA LEU A 27 3.99 2.28 -1.05
C LEU A 27 5.11 2.80 -1.99
N ASP A 28 6.20 2.06 -2.09
CA ASP A 28 7.32 2.34 -3.00
C ASP A 28 6.97 2.18 -4.48
N ILE A 29 5.95 1.38 -4.82
CA ILE A 29 5.35 1.34 -6.17
C ILE A 29 4.32 2.44 -6.32
N ALA A 30 3.48 2.72 -5.31
CA ALA A 30 2.53 3.81 -5.42
C ALA A 30 3.23 5.16 -5.72
N GLN A 31 4.37 5.40 -5.07
CA GLN A 31 5.30 6.50 -5.37
C GLN A 31 6.07 6.28 -6.68
N GLY A 32 6.72 5.14 -6.89
CA GLY A 32 7.58 4.94 -8.06
C GLY A 32 6.82 4.92 -9.41
N HIS A 33 5.52 4.64 -9.39
CA HIS A 33 4.63 4.67 -10.53
C HIS A 33 3.74 5.93 -10.55
N ASN A 34 3.93 6.84 -9.59
CA ASN A 34 3.20 8.11 -9.44
C ASN A 34 1.69 7.93 -9.54
N LEU A 35 1.18 7.02 -8.71
CA LEU A 35 -0.27 6.89 -8.50
C LEU A 35 -0.87 8.21 -7.97
N ASP A 36 -2.03 8.58 -8.51
CA ASP A 36 -2.86 9.70 -8.06
C ASP A 36 -3.59 9.35 -6.77
N MET A 37 -2.81 9.42 -5.70
CA MET A 37 -3.14 8.80 -4.44
C MET A 37 -2.68 9.64 -3.26
N GLU A 38 -3.62 9.90 -2.36
CA GLU A 38 -3.34 10.34 -0.98
C GLU A 38 -2.88 9.14 -0.12
N GLY A 39 -1.62 9.15 0.31
CA GLY A 39 -0.97 8.10 1.09
C GLY A 39 0.37 8.61 1.63
N ALA A 40 0.37 9.16 2.85
CA ALA A 40 1.33 10.19 3.25
C ALA A 40 2.78 9.73 3.54
N CYS A 41 3.03 8.44 3.82
CA CYS A 41 4.39 7.97 4.12
C CYS A 41 5.30 7.89 2.87
N GLY A 42 6.51 7.36 3.03
CA GLY A 42 7.54 7.36 1.99
C GLY A 42 8.22 8.72 1.79
N GLY A 43 8.31 9.53 2.85
CA GLY A 43 8.87 10.89 2.81
C GLY A 43 8.03 12.02 3.43
N SER A 44 6.98 11.71 4.21
CA SER A 44 6.39 12.64 5.18
C SER A 44 6.41 12.04 6.58
N CYS A 45 6.84 12.83 7.57
CA CYS A 45 7.25 12.37 8.91
C CYS A 45 8.36 11.28 8.87
N ALA A 46 8.75 10.76 10.03
CA ALA A 46 9.67 9.60 10.10
C ALA A 46 9.02 8.34 9.49
N CYS A 47 7.73 8.13 9.78
CA CYS A 47 6.80 7.27 9.06
C CYS A 47 5.36 7.83 9.20
N SER A 48 4.47 7.54 8.25
CA SER A 48 3.07 8.04 8.24
C SER A 48 2.07 6.97 7.70
N THR A 49 0.85 7.35 7.34
CA THR A 49 -0.36 6.51 7.19
C THR A 49 -0.22 5.16 6.46
N CYS A 50 0.43 5.10 5.28
CA CYS A 50 0.83 3.85 4.62
C CYS A 50 -0.28 2.79 4.40
N HIS A 51 -1.52 3.24 4.14
CA HIS A 51 -2.68 2.38 4.26
C HIS A 51 -3.04 1.67 2.94
N VAL A 52 -3.25 0.36 3.03
CA VAL A 52 -3.80 -0.51 1.99
C VAL A 52 -4.76 -1.55 2.57
N ILE A 53 -5.51 -2.17 1.68
CA ILE A 53 -6.21 -3.43 1.88
C ILE A 53 -6.01 -4.29 0.63
N VAL A 54 -5.95 -5.61 0.80
CA VAL A 54 -5.67 -6.62 -0.22
C VAL A 54 -6.89 -7.41 -0.70
N ASP A 55 -6.74 -8.00 -1.89
CA ASP A 55 -7.53 -9.12 -2.36
C ASP A 55 -7.49 -10.29 -1.33
N PRO A 56 -8.62 -10.97 -1.02
CA PRO A 56 -8.66 -12.20 -0.22
C PRO A 56 -7.85 -13.37 -0.78
N ASP A 57 -7.40 -13.30 -2.03
CA ASP A 57 -6.48 -14.25 -2.65
C ASP A 57 -5.03 -14.04 -2.22
N TYR A 58 -4.53 -12.80 -2.21
CA TYR A 58 -3.12 -12.54 -1.99
C TYR A 58 -2.77 -12.19 -0.55
N TYR A 59 -3.76 -11.82 0.28
CA TYR A 59 -3.59 -11.80 1.74
C TYR A 59 -3.26 -13.15 2.31
N ASP A 60 -3.68 -14.22 1.62
CA ASP A 60 -3.95 -15.48 2.32
C ASP A 60 -2.67 -16.25 2.67
N ALA A 61 -1.55 -15.61 2.35
CA ALA A 61 -0.15 -15.98 2.53
C ALA A 61 0.59 -15.01 3.48
N LEU A 62 -0.07 -13.92 3.90
CA LEU A 62 0.55 -12.71 4.47
C LEU A 62 0.48 -12.60 6.01
N PRO A 63 1.50 -11.98 6.65
CA PRO A 63 1.56 -11.63 8.08
C PRO A 63 0.87 -10.30 8.39
N GLU A 64 0.77 -9.98 9.68
CA GLU A 64 0.37 -8.66 10.19
C GLU A 64 1.51 -7.93 10.95
N PRO A 65 1.40 -6.61 11.20
CA PRO A 65 2.49 -5.79 11.73
C PRO A 65 2.52 -5.67 13.26
N GLU A 66 3.57 -5.02 13.79
CA GLU A 66 3.64 -4.55 15.18
C GLU A 66 2.55 -3.51 15.56
N ASP A 67 2.34 -3.30 16.85
CA ASP A 67 1.40 -2.33 17.44
C ASP A 67 1.72 -0.85 17.10
N ASP A 68 2.95 -0.52 16.69
CA ASP A 68 3.37 0.77 16.11
C ASP A 68 3.25 0.84 14.58
N GLU A 69 3.17 -0.31 13.93
CA GLU A 69 3.02 -0.45 12.48
C GLU A 69 1.53 -0.53 12.04
N ASN A 70 0.68 -1.29 12.75
CA ASN A 70 -0.78 -1.38 12.48
C ASN A 70 -1.57 -0.10 12.86
N ASP A 71 -0.97 0.75 13.70
CA ASP A 71 -1.45 2.08 14.10
C ASP A 71 -1.13 3.15 13.06
N MET A 72 -0.34 2.83 12.05
CA MET A 72 -0.17 3.67 10.85
C MET A 72 -1.47 3.59 10.01
N LEU A 73 -2.13 2.42 10.03
CA LEU A 73 -3.27 2.01 9.20
C LEU A 73 -4.61 2.50 9.76
N ASP A 74 -4.85 2.23 11.05
CA ASP A 74 -5.95 2.73 11.88
C ASP A 74 -6.18 4.25 11.84
N LEU A 75 -5.27 5.02 11.24
CA LEU A 75 -5.44 6.46 10.99
C LEU A 75 -6.40 6.72 9.81
N ALA A 76 -6.64 5.69 8.97
CA ALA A 76 -7.80 5.62 8.06
C ALA A 76 -9.06 5.11 8.77
N TYR A 77 -10.24 5.37 8.19
CA TYR A 77 -11.53 4.89 8.71
C TYR A 77 -11.84 3.47 8.26
N GLY A 78 -12.56 2.72 9.11
CA GLY A 78 -13.33 1.58 8.64
C GLY A 78 -12.50 0.39 8.14
N LEU A 79 -11.39 0.13 8.80
CA LEU A 79 -10.33 -0.80 8.38
C LEU A 79 -10.74 -2.29 8.50
N THR A 80 -10.30 -3.08 7.51
CA THR A 80 -10.89 -4.35 7.05
C THR A 80 -10.15 -5.61 7.49
N GLU A 81 -10.77 -6.79 7.31
CA GLU A 81 -10.17 -8.10 7.61
C GLU A 81 -8.86 -8.36 6.82
N THR A 82 -8.70 -7.80 5.62
CA THR A 82 -7.51 -7.97 4.78
C THR A 82 -6.68 -6.69 4.66
N SER A 83 -6.75 -5.81 5.66
CA SER A 83 -5.94 -4.63 5.69
C SER A 83 -4.43 -4.94 5.65
N ARG A 84 -3.68 -4.01 5.07
CA ARG A 84 -2.25 -4.14 4.79
C ARG A 84 -1.50 -2.84 5.02
N LEU A 85 -0.18 -2.97 5.07
CA LEU A 85 0.78 -1.93 5.41
C LEU A 85 1.81 -1.79 4.29
N GLY A 86 1.93 -0.58 3.73
CA GLY A 86 2.69 -0.29 2.50
C GLY A 86 4.19 -0.55 2.55
N CYS A 87 4.79 -0.76 3.73
CA CYS A 87 6.18 -1.15 3.97
C CYS A 87 6.39 -2.64 4.32
N GLN A 88 5.35 -3.36 4.76
CA GLN A 88 5.51 -4.72 5.33
C GLN A 88 5.23 -5.84 4.31
N ILE A 89 4.81 -5.48 3.10
CA ILE A 89 4.61 -6.37 1.95
C ILE A 89 5.26 -5.77 0.70
N LYS A 90 5.78 -6.64 -0.17
CA LYS A 90 6.48 -6.36 -1.42
C LYS A 90 6.14 -7.43 -2.47
N MET A 91 6.63 -7.24 -3.69
CA MET A 91 6.49 -8.24 -4.77
C MET A 91 7.38 -9.48 -4.54
N SER A 92 6.82 -10.69 -4.74
CA SER A 92 7.47 -12.01 -4.70
C SER A 92 6.84 -12.93 -5.76
N LYS A 93 7.35 -14.15 -6.02
CA LYS A 93 6.72 -15.09 -6.95
C LYS A 93 5.28 -15.49 -6.59
N ASP A 94 4.87 -15.30 -5.33
CA ASP A 94 3.51 -15.61 -4.86
C ASP A 94 2.48 -14.52 -5.23
N ILE A 95 2.94 -13.33 -5.61
CA ILE A 95 2.10 -12.15 -5.89
C ILE A 95 1.61 -12.09 -7.32
N ASP A 96 1.93 -13.05 -8.20
CA ASP A 96 1.68 -12.95 -9.64
C ASP A 96 0.19 -12.72 -9.98
N GLY A 97 -0.15 -11.43 -10.01
CA GLY A 97 -1.49 -10.88 -10.26
C GLY A 97 -2.11 -10.05 -9.11
N ILE A 98 -1.39 -9.73 -8.04
CA ILE A 98 -1.88 -9.09 -6.80
C ILE A 98 -2.64 -7.78 -7.00
N ARG A 99 -3.66 -7.58 -6.16
CA ARG A 99 -4.39 -6.32 -5.97
C ARG A 99 -4.27 -5.80 -4.57
N VAL A 100 -4.41 -4.49 -4.46
CA VAL A 100 -4.84 -3.81 -3.27
C VAL A 100 -5.81 -2.67 -3.59
N ALA A 101 -6.64 -2.29 -2.63
CA ALA A 101 -7.26 -0.98 -2.64
C ALA A 101 -6.45 -0.04 -1.74
N LEU A 102 -6.13 1.15 -2.23
CA LEU A 102 -5.30 2.13 -1.54
C LEU A 102 -6.14 3.01 -0.58
N PRO A 103 -7.35 3.47 -0.94
CA PRO A 103 -8.39 3.80 0.02
C PRO A 103 -9.14 2.52 0.47
N GLN A 104 -9.69 2.56 1.68
CA GLN A 104 -10.70 1.62 2.18
C GLN A 104 -12.05 2.34 2.34
N MET A 105 -12.06 3.49 3.01
CA MET A 105 -13.22 4.37 3.18
C MET A 105 -12.73 5.82 3.30
N THR A 106 -13.33 6.75 2.57
CA THR A 106 -12.78 8.11 2.39
C THR A 106 -12.92 9.00 3.64
N ARG A 107 -12.11 10.06 3.73
CA ARG A 107 -11.92 10.94 4.91
C ARG A 107 -11.35 10.21 6.14
N ASN A 108 -10.02 10.09 6.16
CA ASN A 108 -9.19 9.58 7.25
C ASN A 108 -9.49 10.27 8.60
N VAL A 109 -9.20 9.56 9.70
CA VAL A 109 -9.34 10.07 11.08
C VAL A 109 -8.31 11.17 11.35
N ASN A 110 -7.09 10.99 10.82
CA ASN A 110 -5.95 11.91 10.95
C ASN A 110 -5.79 12.82 9.71
N ASN A 111 -5.15 13.99 9.87
CA ASN A 111 -4.72 14.89 8.79
C ASN A 111 -3.29 15.42 9.03
N ASN A 112 -2.62 15.90 7.97
CA ASN A 112 -1.22 16.39 7.98
C ASN A 112 -0.22 15.40 8.63
N ASP A 113 0.77 15.91 9.37
CA ASP A 113 1.88 15.18 9.99
C ASP A 113 1.76 15.10 11.53
N PHE A 114 2.68 14.37 12.20
CA PHE A 114 2.65 14.17 13.66
C PHE A 114 3.50 15.19 14.44
N SER A 115 3.85 16.31 13.81
CA SER A 115 4.62 17.45 14.36
C SER A 115 3.94 18.78 14.05
FE1 FES B . 6.13 4.14 6.69
FE2 FES B . 4.87 2.15 5.97
S1 FES B . 4.40 3.33 7.75
S2 FES B . 6.52 3.05 4.85
N GLY A 1 13.38 -16.85 -11.57
CA GLY A 1 12.25 -16.08 -11.03
C GLY A 1 11.80 -15.00 -12.01
N GLU A 2 10.58 -15.09 -12.50
CA GLU A 2 10.02 -14.21 -13.54
C GLU A 2 9.38 -12.93 -12.97
N GLU A 3 9.15 -11.94 -13.84
CA GLU A 3 8.59 -10.63 -13.50
C GLU A 3 7.05 -10.63 -13.28
N LEU A 4 6.52 -9.57 -12.65
CA LEU A 4 5.22 -9.54 -11.95
C LEU A 4 4.37 -8.31 -12.38
N LYS A 5 3.17 -8.15 -11.80
CA LYS A 5 2.37 -6.91 -11.83
C LYS A 5 1.60 -6.66 -10.53
N ILE A 6 1.19 -5.40 -10.32
CA ILE A 6 0.43 -4.89 -9.16
C ILE A 6 -0.77 -4.08 -9.68
N THR A 7 -1.96 -4.33 -9.13
CA THR A 7 -3.16 -3.52 -9.37
C THR A 7 -3.49 -2.69 -8.14
N PHE A 8 -3.74 -1.41 -8.35
CA PHE A 8 -4.23 -0.50 -7.33
C PHE A 8 -5.57 0.12 -7.73
N ILE A 9 -6.49 0.19 -6.77
CA ILE A 9 -7.73 0.97 -6.90
C ILE A 9 -7.49 2.40 -6.41
N LEU A 10 -7.94 3.38 -7.20
CA LEU A 10 -7.66 4.80 -7.03
C LEU A 10 -8.71 5.53 -6.17
N LYS A 11 -8.37 6.74 -5.71
CA LYS A 11 -9.29 7.66 -5.00
C LYS A 11 -10.43 8.23 -5.86
N ASP A 12 -10.31 8.14 -7.19
CA ASP A 12 -11.40 8.30 -8.17
C ASP A 12 -11.89 6.96 -8.77
N GLY A 13 -11.70 5.84 -8.05
CA GLY A 13 -12.27 4.52 -8.31
C GLY A 13 -11.67 3.73 -9.48
N SER A 14 -10.72 4.31 -10.21
CA SER A 14 -9.98 3.68 -11.33
C SER A 14 -9.16 2.48 -10.87
N GLN A 15 -8.79 1.63 -11.81
CA GLN A 15 -7.80 0.56 -11.68
C GLN A 15 -6.59 0.91 -12.50
N LYS A 16 -5.45 0.75 -11.85
CA LYS A 16 -4.17 0.93 -12.47
C LYS A 16 -3.27 -0.23 -12.17
N THR A 17 -2.73 -0.75 -13.25
CA THR A 17 -2.40 -2.15 -13.38
C THR A 17 -1.01 -2.26 -14.02
N TYR A 18 0.02 -2.41 -13.18
CA TYR A 18 1.38 -1.92 -13.44
C TYR A 18 2.46 -2.99 -13.30
N GLU A 19 3.48 -2.94 -14.15
CA GLU A 19 4.48 -4.01 -14.33
C GLU A 19 5.72 -3.80 -13.44
N VAL A 20 5.92 -4.68 -12.45
CA VAL A 20 6.97 -4.59 -11.41
C VAL A 20 7.69 -5.94 -11.18
N CYS A 21 8.69 -5.94 -10.31
CA CYS A 21 9.45 -7.11 -9.88
C CYS A 21 9.38 -7.35 -8.35
N GLU A 22 9.94 -8.45 -7.85
CA GLU A 22 9.96 -8.75 -6.42
C GLU A 22 10.79 -7.75 -5.57
N GLY A 23 10.49 -7.65 -4.28
CA GLY A 23 11.11 -6.75 -3.32
C GLY A 23 10.56 -5.31 -3.36
N GLU A 24 9.86 -4.91 -4.42
CA GLU A 24 9.21 -3.61 -4.54
C GLU A 24 8.09 -3.45 -3.49
N THR A 25 7.96 -2.27 -2.89
CA THR A 25 7.12 -2.02 -1.71
C THR A 25 5.85 -1.28 -2.12
N ILE A 26 4.70 -1.54 -1.48
CA ILE A 26 3.39 -1.14 -2.03
C ILE A 26 3.22 0.38 -2.08
N LEU A 27 3.59 1.09 -1.01
CA LEU A 27 3.58 2.56 -1.04
C LEU A 27 4.73 3.14 -1.88
N ASP A 28 5.84 2.41 -2.04
CA ASP A 28 6.92 2.76 -2.99
C ASP A 28 6.54 2.57 -4.46
N ILE A 29 5.65 1.63 -4.83
CA ILE A 29 5.11 1.56 -6.20
C ILE A 29 4.02 2.61 -6.37
N ALA A 30 3.20 2.87 -5.34
CA ALA A 30 2.16 3.90 -5.46
C ALA A 30 2.75 5.31 -5.67
N GLN A 31 3.74 5.70 -4.88
CA GLN A 31 4.53 6.91 -5.11
C GLN A 31 5.49 6.77 -6.28
N GLY A 32 6.27 5.71 -6.42
CA GLY A 32 7.24 5.62 -7.53
C GLY A 32 6.63 5.57 -8.93
N HIS A 33 5.40 5.06 -9.07
CA HIS A 33 4.64 5.12 -10.32
C HIS A 33 3.79 6.39 -10.46
N ASN A 34 3.83 7.25 -9.43
CA ASN A 34 3.11 8.51 -9.31
C ASN A 34 1.60 8.36 -9.58
N LEU A 35 1.02 7.32 -8.95
CA LEU A 35 -0.44 7.04 -9.02
C LEU A 35 -1.25 8.27 -8.60
N ASP A 36 -2.38 8.49 -9.26
CA ASP A 36 -3.39 9.51 -8.89
C ASP A 36 -4.16 9.04 -7.67
N MET A 37 -3.44 9.12 -6.57
CA MET A 37 -3.78 8.58 -5.29
C MET A 37 -3.20 9.53 -4.24
N GLU A 38 -4.03 9.91 -3.29
CA GLU A 38 -3.62 10.68 -2.11
C GLU A 38 -2.89 9.73 -1.14
N GLY A 39 -1.56 9.86 -1.03
CA GLY A 39 -0.74 9.01 -0.16
C GLY A 39 0.73 9.48 -0.06
N ALA A 40 1.15 9.99 1.10
CA ALA A 40 2.49 10.54 1.32
C ALA A 40 3.57 9.52 1.75
N CYS A 41 3.20 8.24 1.90
CA CYS A 41 4.01 7.21 2.56
C CYS A 41 5.06 6.51 1.66
N GLY A 42 5.67 5.42 2.15
CA GLY A 42 6.73 4.65 1.49
C GLY A 42 8.06 4.60 2.26
N GLY A 43 8.01 4.51 3.59
CA GLY A 43 9.21 4.36 4.43
C GLY A 43 10.12 5.58 4.39
N SER A 44 9.57 6.77 4.67
CA SER A 44 10.22 8.07 4.43
C SER A 44 9.82 9.12 5.46
N CYS A 45 10.48 10.28 5.48
CA CYS A 45 10.17 11.37 6.42
C CYS A 45 8.75 11.95 6.26
N ALA A 46 8.13 11.80 5.09
CA ALA A 46 6.73 12.15 4.83
C ALA A 46 5.68 11.09 5.24
N CYS A 47 6.10 9.98 5.90
CA CYS A 47 5.24 8.84 6.26
C CYS A 47 3.91 9.22 6.98
N SER A 48 2.93 8.33 6.82
CA SER A 48 1.50 8.64 6.75
C SER A 48 0.64 7.48 7.29
N THR A 49 -0.63 7.41 6.89
CA THR A 49 -1.60 6.33 7.19
C THR A 49 -1.19 4.92 6.72
N CYS A 50 -0.18 4.78 5.84
CA CYS A 50 0.30 3.50 5.29
C CYS A 50 -0.79 2.60 4.66
N HIS A 51 -1.92 3.17 4.23
CA HIS A 51 -3.17 2.43 4.20
C HIS A 51 -3.47 1.78 2.83
N VAL A 52 -3.58 0.44 2.84
CA VAL A 52 -4.15 -0.38 1.76
C VAL A 52 -5.16 -1.36 2.31
N ILE A 53 -5.94 -1.94 1.41
CA ILE A 53 -6.58 -3.23 1.58
C ILE A 53 -6.19 -4.13 0.42
N VAL A 54 -6.01 -5.43 0.67
CA VAL A 54 -5.72 -6.47 -0.33
C VAL A 54 -6.95 -7.27 -0.74
N ASP A 55 -6.88 -7.85 -1.93
CA ASP A 55 -7.75 -8.94 -2.34
C ASP A 55 -7.67 -10.09 -1.30
N PRO A 56 -8.79 -10.72 -0.89
CA PRO A 56 -8.78 -11.89 -0.03
C PRO A 56 -8.01 -13.11 -0.59
N ASP A 57 -7.67 -13.10 -1.88
CA ASP A 57 -6.75 -14.06 -2.50
C ASP A 57 -5.30 -13.81 -2.10
N TYR A 58 -4.79 -12.57 -2.18
CA TYR A 58 -3.37 -12.32 -2.08
C TYR A 58 -2.90 -11.98 -0.68
N TYR A 59 -3.81 -11.59 0.22
CA TYR A 59 -3.47 -11.58 1.66
C TYR A 59 -3.12 -12.96 2.20
N ASP A 60 -3.72 -14.00 1.64
CA ASP A 60 -3.77 -15.28 2.35
C ASP A 60 -2.37 -15.90 2.52
N ALA A 61 -1.46 -15.44 1.66
CA ALA A 61 -0.07 -15.85 1.56
C ALA A 61 0.90 -14.87 2.26
N LEU A 62 0.35 -13.90 3.02
CA LEU A 62 1.09 -12.75 3.56
C LEU A 62 1.12 -12.68 5.11
N PRO A 63 2.23 -12.17 5.70
CA PRO A 63 2.37 -11.95 7.15
C PRO A 63 1.73 -10.64 7.64
N GLU A 64 1.55 -10.54 8.95
CA GLU A 64 1.25 -9.27 9.64
C GLU A 64 2.54 -8.59 10.17
N PRO A 65 2.58 -7.24 10.25
CA PRO A 65 3.75 -6.44 10.58
C PRO A 65 3.92 -6.19 12.10
N GLU A 66 5.00 -5.50 12.46
CA GLU A 66 5.24 -4.98 13.81
C GLU A 66 4.06 -4.18 14.39
N ASP A 67 3.97 -4.18 15.71
CA ASP A 67 3.05 -3.40 16.53
C ASP A 67 3.20 -1.87 16.36
N ASP A 68 4.28 -1.42 15.70
CA ASP A 68 4.50 -0.04 15.27
C ASP A 68 3.91 0.25 13.90
N GLU A 69 3.91 -0.71 12.98
CA GLU A 69 3.45 -0.51 11.60
C GLU A 69 1.93 -0.74 11.48
N ASN A 70 1.35 -1.76 12.16
CA ASN A 70 -0.12 -1.96 12.18
C ASN A 70 -0.89 -0.87 12.96
N ASP A 71 -0.20 -0.13 13.81
CA ASP A 71 -0.70 1.07 14.52
C ASP A 71 -0.60 2.34 13.67
N MET A 72 0.04 2.30 12.51
CA MET A 72 -0.08 3.39 11.51
C MET A 72 -1.44 3.34 10.80
N LEU A 73 -2.04 2.14 10.70
CA LEU A 73 -3.22 1.76 9.92
C LEU A 73 -4.53 2.04 10.66
N ASP A 74 -4.66 1.53 11.89
CA ASP A 74 -5.71 1.78 12.90
C ASP A 74 -6.12 3.26 13.10
N LEU A 75 -5.31 4.19 12.61
CA LEU A 75 -5.53 5.63 12.65
C LEU A 75 -6.28 6.18 11.40
N ALA A 76 -6.53 5.32 10.41
CA ALA A 76 -7.40 5.57 9.26
C ALA A 76 -8.80 4.94 9.44
N TYR A 77 -9.71 5.25 8.52
CA TYR A 77 -11.11 4.79 8.58
C TYR A 77 -11.30 3.30 8.27
N GLY A 78 -12.20 2.67 9.04
CA GLY A 78 -12.95 1.49 8.62
C GLY A 78 -12.14 0.23 8.37
N LEU A 79 -11.00 0.08 9.07
CA LEU A 79 -9.96 -0.89 8.70
C LEU A 79 -10.51 -2.32 8.58
N THR A 80 -10.39 -2.87 7.37
CA THR A 80 -11.08 -4.07 6.88
C THR A 80 -10.36 -5.35 7.28
N GLU A 81 -11.02 -6.49 7.07
CA GLU A 81 -10.51 -7.84 7.39
C GLU A 81 -9.17 -8.15 6.68
N THR A 82 -8.91 -7.52 5.52
CA THR A 82 -7.68 -7.63 4.74
C THR A 82 -6.98 -6.27 4.56
N SER A 83 -7.30 -5.29 5.41
CA SER A 83 -6.65 -3.99 5.38
C SER A 83 -5.33 -4.02 6.14
N ARG A 84 -4.31 -3.41 5.53
CA ARG A 84 -2.90 -3.77 5.73
C ARG A 84 -1.96 -2.62 5.35
N LEU A 85 -0.67 -2.80 5.59
CA LEU A 85 0.36 -1.77 5.43
C LEU A 85 0.94 -1.60 4.02
N GLY A 86 1.57 -0.45 3.81
CA GLY A 86 2.31 -0.08 2.63
C GLY A 86 3.79 -0.47 2.59
N CYS A 87 4.50 -0.57 3.74
CA CYS A 87 5.98 -0.64 3.78
C CYS A 87 6.62 -2.00 4.06
N GLN A 88 6.53 -2.55 5.27
CA GLN A 88 7.35 -3.72 5.66
C GLN A 88 6.93 -5.07 5.02
N ILE A 89 6.11 -5.06 3.97
CA ILE A 89 5.81 -6.20 3.11
C ILE A 89 5.79 -5.77 1.63
N LYS A 90 6.28 -6.64 0.74
CA LYS A 90 6.70 -6.33 -0.63
C LYS A 90 6.21 -7.37 -1.67
N MET A 91 6.47 -7.13 -2.95
CA MET A 91 6.21 -8.08 -4.05
C MET A 91 7.08 -9.35 -3.93
N SER A 92 6.56 -10.51 -4.31
CA SER A 92 7.25 -11.82 -4.38
C SER A 92 6.56 -12.77 -5.37
N LYS A 93 7.08 -13.98 -5.61
CA LYS A 93 6.51 -14.97 -6.54
C LYS A 93 5.06 -15.38 -6.23
N ASP A 94 4.60 -15.18 -4.99
CA ASP A 94 3.20 -15.45 -4.58
C ASP A 94 2.19 -14.45 -5.15
N ILE A 95 2.65 -13.28 -5.63
CA ILE A 95 1.82 -12.11 -5.94
C ILE A 95 1.42 -12.01 -7.41
N ASP A 96 1.69 -13.01 -8.25
CA ASP A 96 1.71 -12.94 -9.73
C ASP A 96 0.33 -12.60 -10.35
N GLY A 97 -0.08 -11.33 -10.22
CA GLY A 97 -1.43 -10.78 -10.49
C GLY A 97 -2.17 -10.07 -9.33
N ILE A 98 -1.52 -9.73 -8.22
CA ILE A 98 -2.05 -9.11 -7.00
C ILE A 98 -2.83 -7.80 -7.21
N ARG A 99 -3.80 -7.55 -6.32
CA ARG A 99 -4.49 -6.27 -6.14
C ARG A 99 -4.33 -5.73 -4.73
N VAL A 100 -4.45 -4.41 -4.63
CA VAL A 100 -4.90 -3.71 -3.44
C VAL A 100 -5.84 -2.56 -3.81
N ALA A 101 -6.66 -2.10 -2.86
CA ALA A 101 -7.32 -0.79 -2.99
C ALA A 101 -6.63 0.26 -2.10
N LEU A 102 -6.51 1.48 -2.62
CA LEU A 102 -5.78 2.61 -2.05
C LEU A 102 -6.59 3.94 -1.87
N PRO A 103 -7.94 4.00 -1.91
CA PRO A 103 -8.64 5.28 -1.84
C PRO A 103 -8.57 5.92 -0.43
N GLN A 104 -8.36 7.24 -0.41
CA GLN A 104 -8.39 8.10 0.78
C GLN A 104 -9.14 9.41 0.46
N MET A 105 -9.38 10.23 1.47
CA MET A 105 -10.07 11.52 1.36
C MET A 105 -9.32 12.57 0.50
N THR A 106 -10.06 13.44 -0.18
CA THR A 106 -9.53 14.49 -1.09
C THR A 106 -9.09 15.78 -0.36
N ARG A 107 -8.38 15.57 0.76
CA ARG A 107 -7.84 16.57 1.70
C ARG A 107 -6.42 17.02 1.27
N ASN A 108 -5.43 17.00 2.17
CA ASN A 108 -4.07 17.53 1.97
C ASN A 108 -2.95 16.48 2.20
N VAL A 109 -3.16 15.23 1.78
CA VAL A 109 -2.13 14.17 1.83
C VAL A 109 -1.24 14.24 0.59
N ASN A 110 -0.05 14.82 0.74
CA ASN A 110 1.00 14.90 -0.28
C ASN A 110 2.40 14.80 0.36
N ASN A 111 3.36 14.15 -0.31
CA ASN A 111 4.75 14.06 0.14
C ASN A 111 5.40 15.45 0.32
N ASN A 112 6.25 15.61 1.35
CA ASN A 112 7.21 16.72 1.46
C ASN A 112 8.58 16.23 0.95
N ASP A 113 8.69 16.06 -0.37
CA ASP A 113 9.72 15.28 -1.07
C ASP A 113 9.68 13.76 -0.80
N PHE A 114 10.15 12.97 -1.76
CA PHE A 114 10.17 11.50 -1.72
C PHE A 114 11.40 10.94 -2.48
N SER A 115 11.54 9.61 -2.49
CA SER A 115 12.65 8.81 -3.03
C SER A 115 12.86 8.98 -4.54
FE1 FES B . 4.92 4.76 5.80
FE2 FES B . 4.32 2.34 6.05
S1 FES B . 4.31 3.81 7.66
S2 FES B . 4.93 3.31 4.17
N GLY A 1 9.76 -14.49 -11.22
CA GLY A 1 10.73 -14.63 -12.31
C GLY A 1 10.76 -13.38 -13.14
N GLU A 2 10.69 -13.51 -14.46
CA GLU A 2 10.52 -12.41 -15.41
C GLU A 2 9.17 -11.68 -15.19
N GLU A 3 9.25 -10.44 -14.69
CA GLU A 3 8.15 -9.49 -14.43
C GLU A 3 6.94 -10.02 -13.61
N LEU A 4 6.81 -9.55 -12.37
CA LEU A 4 5.59 -9.63 -11.55
C LEU A 4 4.65 -8.45 -11.91
N LYS A 5 3.45 -8.40 -11.34
CA LYS A 5 2.54 -7.25 -11.48
C LYS A 5 1.72 -6.96 -10.23
N ILE A 6 1.22 -5.73 -10.13
CA ILE A 6 0.43 -5.15 -9.03
C ILE A 6 -0.76 -4.39 -9.61
N THR A 7 -1.96 -4.56 -9.04
CA THR A 7 -3.16 -3.80 -9.40
C THR A 7 -3.58 -2.91 -8.26
N PHE A 8 -3.87 -1.65 -8.59
CA PHE A 8 -4.40 -0.66 -7.66
C PHE A 8 -5.73 -0.10 -8.16
N ILE A 9 -6.66 0.11 -7.23
CA ILE A 9 -7.87 0.94 -7.44
C ILE A 9 -7.52 2.39 -7.14
N LEU A 10 -7.87 3.32 -8.04
CA LEU A 10 -7.52 4.73 -7.96
C LEU A 10 -8.41 5.53 -6.99
N LYS A 11 -7.98 6.73 -6.59
CA LYS A 11 -8.83 7.77 -6.00
C LYS A 11 -9.90 8.29 -6.97
N ASP A 12 -9.75 8.02 -8.26
CA ASP A 12 -10.76 8.25 -9.30
C ASP A 12 -11.72 7.05 -9.50
N GLY A 13 -11.51 5.94 -8.78
CA GLY A 13 -12.25 4.67 -8.92
C GLY A 13 -11.85 3.82 -10.14
N SER A 14 -10.86 4.25 -10.92
CA SER A 14 -10.27 3.50 -12.04
C SER A 14 -9.40 2.34 -11.54
N GLN A 15 -9.05 1.43 -12.45
CA GLN A 15 -8.23 0.24 -12.20
C GLN A 15 -6.98 0.30 -13.04
N LYS A 16 -5.85 0.09 -12.40
CA LYS A 16 -4.55 0.21 -13.03
C LYS A 16 -3.66 -0.92 -12.56
N THR A 17 -3.29 -1.71 -13.52
CA THR A 17 -2.44 -2.91 -13.37
C THR A 17 -1.05 -2.71 -14.00
N TYR A 18 0.00 -2.76 -13.18
CA TYR A 18 1.35 -2.31 -13.47
C TYR A 18 2.40 -3.41 -13.25
N GLU A 19 3.42 -3.49 -14.11
CA GLU A 19 4.44 -4.54 -14.07
C GLU A 19 5.70 -4.12 -13.30
N VAL A 20 6.11 -4.92 -12.31
CA VAL A 20 7.12 -4.60 -11.29
C VAL A 20 8.05 -5.79 -11.00
N CYS A 21 9.15 -5.52 -10.32
CA CYS A 21 10.10 -6.53 -9.86
C CYS A 21 9.87 -6.94 -8.40
N GLU A 22 10.44 -8.08 -8.04
CA GLU A 22 10.54 -8.60 -6.68
C GLU A 22 11.27 -7.62 -5.72
N GLY A 23 10.77 -7.50 -4.49
CA GLY A 23 11.32 -6.65 -3.41
C GLY A 23 10.65 -5.28 -3.24
N GLU A 24 9.87 -4.81 -4.22
CA GLU A 24 9.16 -3.52 -4.14
C GLU A 24 7.91 -3.56 -3.23
N THR A 25 7.60 -2.46 -2.56
CA THR A 25 6.55 -2.35 -1.52
C THR A 25 5.31 -1.67 -2.10
N ILE A 26 4.10 -2.02 -1.65
CA ILE A 26 2.85 -1.60 -2.30
C ILE A 26 2.74 -0.06 -2.41
N LEU A 27 2.90 0.68 -1.32
CA LEU A 27 2.79 2.15 -1.36
C LEU A 27 4.03 2.83 -2.01
N ASP A 28 5.18 2.15 -2.01
CA ASP A 28 6.37 2.56 -2.76
C ASP A 28 6.22 2.39 -4.29
N ILE A 29 5.35 1.49 -4.75
CA ILE A 29 4.91 1.46 -6.16
C ILE A 29 3.82 2.52 -6.38
N ALA A 30 2.97 2.81 -5.40
CA ALA A 30 1.96 3.85 -5.53
C ALA A 30 2.60 5.24 -5.78
N GLN A 31 3.64 5.60 -5.00
CA GLN A 31 4.45 6.80 -5.26
C GLN A 31 5.47 6.62 -6.38
N GLY A 32 6.16 5.48 -6.52
CA GLY A 32 7.14 5.29 -7.59
C GLY A 32 6.54 5.33 -8.99
N HIS A 33 5.28 4.91 -9.15
CA HIS A 33 4.53 5.02 -10.39
C HIS A 33 3.66 6.29 -10.47
N ASN A 34 3.56 7.04 -9.37
CA ASN A 34 2.67 8.19 -9.18
C ASN A 34 1.25 7.92 -9.68
N LEU A 35 0.63 6.92 -9.07
CA LEU A 35 -0.81 6.62 -9.21
C LEU A 35 -1.67 7.87 -8.90
N ASP A 36 -2.90 7.94 -9.46
CA ASP A 36 -3.92 8.91 -9.06
C ASP A 36 -4.54 8.48 -7.74
N MET A 37 -3.78 8.81 -6.70
CA MET A 37 -3.91 8.32 -5.35
C MET A 37 -3.20 9.31 -4.43
N GLU A 38 -3.84 9.60 -3.30
CA GLU A 38 -3.28 10.43 -2.21
C GLU A 38 -2.78 9.57 -1.03
N GLY A 39 -1.46 9.38 -0.95
CA GLY A 39 -0.80 8.56 0.06
C GLY A 39 0.69 8.88 0.26
N ALA A 40 0.98 10.04 0.86
CA ALA A 40 2.34 10.61 0.97
C ALA A 40 3.31 9.90 1.96
N CYS A 41 2.96 8.70 2.48
CA CYS A 41 3.78 7.96 3.45
C CYS A 41 5.22 7.70 2.99
N GLY A 42 6.14 7.43 3.92
CA GLY A 42 7.57 7.35 3.61
C GLY A 42 8.19 8.72 3.29
N GLY A 43 7.94 9.71 4.13
CA GLY A 43 8.32 11.13 3.94
C GLY A 43 7.23 12.18 4.16
N SER A 44 6.01 11.79 4.59
CA SER A 44 5.02 12.69 5.22
C SER A 44 5.45 12.97 6.66
N CYS A 45 6.32 13.97 6.85
CA CYS A 45 7.33 13.94 7.93
C CYS A 45 8.15 12.64 7.84
N ALA A 46 7.89 11.62 8.65
CA ALA A 46 8.50 10.29 8.52
C ALA A 46 7.53 9.26 7.88
N CYS A 47 6.39 8.96 8.51
CA CYS A 47 5.43 7.94 8.06
C CYS A 47 4.01 8.19 8.64
N SER A 48 2.95 7.65 8.04
CA SER A 48 1.55 7.98 8.33
C SER A 48 0.59 6.78 8.08
N THR A 49 -0.73 6.99 7.99
CA THR A 49 -1.74 5.90 7.98
C THR A 49 -1.75 4.93 6.78
N CYS A 50 -0.84 5.07 5.81
CA CYS A 50 -0.46 4.02 4.84
C CYS A 50 -1.62 3.23 4.19
N HIS A 51 -2.66 3.91 3.71
CA HIS A 51 -3.96 3.24 3.67
C HIS A 51 -4.16 2.51 2.33
N VAL A 52 -3.91 1.21 2.40
CA VAL A 52 -4.22 0.16 1.43
C VAL A 52 -4.90 -1.03 2.08
N ILE A 53 -5.60 -1.78 1.25
CA ILE A 53 -6.15 -3.08 1.54
C ILE A 53 -5.93 -4.01 0.35
N VAL A 54 -5.67 -5.29 0.61
CA VAL A 54 -5.45 -6.36 -0.36
C VAL A 54 -6.69 -7.18 -0.64
N ASP A 55 -6.70 -7.81 -1.82
CA ASP A 55 -7.61 -8.91 -2.13
C ASP A 55 -7.48 -10.03 -1.04
N PRO A 56 -8.58 -10.64 -0.55
CA PRO A 56 -8.52 -11.83 0.30
C PRO A 56 -7.81 -13.03 -0.33
N ASP A 57 -7.64 -13.05 -1.65
CA ASP A 57 -6.89 -14.08 -2.35
C ASP A 57 -5.38 -13.94 -2.15
N TYR A 58 -4.84 -12.71 -2.14
CA TYR A 58 -3.40 -12.48 -2.06
C TYR A 58 -2.88 -12.22 -0.64
N TYR A 59 -3.67 -11.57 0.24
CA TYR A 59 -3.31 -11.47 1.67
C TYR A 59 -2.97 -12.82 2.27
N ASP A 60 -3.62 -13.84 1.72
CA ASP A 60 -3.70 -15.11 2.39
C ASP A 60 -2.34 -15.83 2.43
N ALA A 61 -1.40 -15.31 1.64
CA ALA A 61 -0.02 -15.75 1.51
C ALA A 61 0.96 -14.77 2.20
N LEU A 62 0.42 -13.71 2.82
CA LEU A 62 1.16 -12.60 3.44
C LEU A 62 1.17 -12.66 4.97
N PRO A 63 2.23 -12.15 5.63
CA PRO A 63 2.24 -11.85 7.05
C PRO A 63 1.38 -10.61 7.36
N GLU A 64 0.72 -10.60 8.52
CA GLU A 64 0.15 -9.40 9.14
C GLU A 64 1.27 -8.46 9.63
N PRO A 65 1.04 -7.15 9.82
CA PRO A 65 2.13 -6.22 10.09
C PRO A 65 2.57 -6.28 11.55
N GLU A 66 3.81 -5.89 11.86
CA GLU A 66 4.27 -5.82 13.26
C GLU A 66 3.59 -4.69 14.05
N ASP A 67 3.74 -4.69 15.38
CA ASP A 67 3.11 -3.70 16.28
C ASP A 67 3.51 -2.23 16.00
N ASP A 68 4.62 -1.99 15.30
CA ASP A 68 5.07 -0.69 14.79
C ASP A 68 4.48 -0.34 13.42
N GLU A 69 4.00 -1.34 12.68
CA GLU A 69 3.27 -1.17 11.42
C GLU A 69 1.75 -1.05 11.66
N ASN A 70 1.08 -2.06 12.25
CA ASN A 70 -0.38 -2.10 12.39
C ASN A 70 -1.00 -0.96 13.21
N ASP A 71 -0.21 -0.30 14.08
CA ASP A 71 -0.59 0.93 14.80
C ASP A 71 -0.40 2.22 13.99
N MET A 72 0.28 2.21 12.84
CA MET A 72 0.21 3.34 11.90
C MET A 72 -1.21 3.47 11.32
N LEU A 73 -1.89 2.34 11.14
CA LEU A 73 -3.07 2.14 10.30
C LEU A 73 -4.40 2.43 11.02
N ASP A 74 -4.60 1.79 12.18
CA ASP A 74 -5.72 1.97 13.13
C ASP A 74 -6.06 3.45 13.45
N LEU A 75 -5.10 4.36 13.25
CA LEU A 75 -5.30 5.81 13.40
C LEU A 75 -6.11 6.43 12.24
N ALA A 76 -6.41 5.66 11.19
CA ALA A 76 -7.39 5.98 10.15
C ALA A 76 -8.72 5.23 10.33
N TYR A 77 -9.82 5.88 9.93
CA TYR A 77 -11.16 5.34 9.93
C TYR A 77 -11.32 4.10 9.03
N GLY A 78 -12.07 3.11 9.51
CA GLY A 78 -12.75 2.14 8.66
C GLY A 78 -11.89 0.98 8.13
N LEU A 79 -10.77 0.68 8.79
CA LEU A 79 -9.76 -0.30 8.38
C LEU A 79 -10.27 -1.75 8.33
N THR A 80 -9.83 -2.52 7.33
CA THR A 80 -10.30 -3.88 7.01
C THR A 80 -9.32 -4.97 7.46
N GLU A 81 -9.81 -6.20 7.53
CA GLU A 81 -9.08 -7.40 7.97
C GLU A 81 -7.96 -7.87 7.00
N THR A 82 -7.80 -7.20 5.86
CA THR A 82 -6.70 -7.38 4.91
C THR A 82 -5.96 -6.07 4.57
N SER A 83 -5.92 -5.08 5.46
CA SER A 83 -5.14 -3.85 5.18
C SER A 83 -3.64 -4.14 5.01
N ARG A 84 -3.04 -3.71 3.89
CA ARG A 84 -1.63 -4.02 3.55
C ARG A 84 -0.98 -3.27 2.36
N LEU A 85 0.32 -2.98 2.42
CA LEU A 85 0.97 -1.96 3.26
C LEU A 85 2.18 -1.34 2.54
N GLY A 86 2.55 -0.11 2.87
CA GLY A 86 3.74 0.56 2.31
C GLY A 86 5.08 0.20 2.95
N CYS A 87 5.08 -0.59 4.02
CA CYS A 87 6.21 -0.67 4.95
C CYS A 87 7.01 -1.99 4.84
N GLN A 88 6.47 -3.14 5.25
CA GLN A 88 7.24 -4.39 5.38
C GLN A 88 6.59 -5.64 4.75
N ILE A 89 5.79 -5.48 3.68
CA ILE A 89 5.53 -6.60 2.75
C ILE A 89 5.57 -6.14 1.28
N LYS A 90 6.14 -6.98 0.43
CA LYS A 90 6.69 -6.65 -0.88
C LYS A 90 6.30 -7.65 -1.98
N MET A 91 6.67 -7.36 -3.22
CA MET A 91 6.46 -8.27 -4.35
C MET A 91 7.40 -9.49 -4.24
N SER A 92 6.85 -10.69 -4.42
CA SER A 92 7.50 -12.02 -4.40
C SER A 92 6.71 -13.01 -5.26
N LYS A 93 7.16 -14.25 -5.45
CA LYS A 93 6.45 -15.25 -6.24
C LYS A 93 5.03 -15.57 -5.73
N ASP A 94 4.71 -15.23 -4.49
CA ASP A 94 3.37 -15.37 -3.90
C ASP A 94 2.32 -14.42 -4.52
N ILE A 95 2.78 -13.33 -5.16
CA ILE A 95 1.98 -12.15 -5.49
C ILE A 95 1.51 -12.09 -6.95
N ASP A 96 1.83 -13.06 -7.81
CA ASP A 96 1.75 -12.87 -9.27
C ASP A 96 0.31 -12.64 -9.78
N GLY A 97 -0.10 -11.37 -9.73
CA GLY A 97 -1.47 -10.88 -9.98
C GLY A 97 -2.15 -10.12 -8.83
N ILE A 98 -1.43 -9.76 -7.76
CA ILE A 98 -1.92 -9.10 -6.55
C ILE A 98 -2.69 -7.82 -6.84
N ARG A 99 -3.79 -7.61 -6.08
CA ARG A 99 -4.54 -6.35 -6.04
C ARG A 99 -4.43 -5.71 -4.68
N VAL A 100 -4.57 -4.39 -4.68
CA VAL A 100 -5.04 -3.65 -3.54
C VAL A 100 -6.07 -2.58 -3.93
N ALA A 101 -6.90 -2.15 -2.97
CA ALA A 101 -7.71 -0.96 -3.12
C ALA A 101 -7.08 0.19 -2.32
N LEU A 102 -7.11 1.40 -2.89
CA LEU A 102 -6.37 2.56 -2.39
C LEU A 102 -7.34 3.71 -2.04
N PRO A 103 -7.86 3.76 -0.80
CA PRO A 103 -8.57 4.93 -0.27
C PRO A 103 -7.60 6.09 -0.01
N GLN A 104 -8.13 7.24 0.43
CA GLN A 104 -7.31 8.38 0.84
C GLN A 104 -6.54 8.08 2.13
N MET A 105 -5.24 8.40 2.20
CA MET A 105 -4.46 8.35 3.45
C MET A 105 -5.09 9.31 4.47
N THR A 106 -5.65 8.76 5.54
CA THR A 106 -6.84 9.29 6.23
C THR A 106 -6.58 9.85 7.64
N ARG A 107 -5.32 9.84 8.08
CA ARG A 107 -4.81 10.64 9.20
C ARG A 107 -3.28 10.76 9.16
N ASN A 108 -2.77 11.91 9.58
CA ASN A 108 -1.39 12.12 9.99
C ASN A 108 -1.38 12.93 11.30
N VAL A 109 -1.70 12.26 12.41
CA VAL A 109 -1.72 12.78 13.79
C VAL A 109 -1.19 11.70 14.72
N ASN A 110 -0.21 12.03 15.57
CA ASN A 110 0.58 11.10 16.39
C ASN A 110 1.35 10.03 15.55
N ASN A 111 2.07 9.12 16.22
CA ASN A 111 2.87 7.99 15.67
C ASN A 111 3.97 8.34 14.63
N ASN A 112 4.27 9.63 14.41
CA ASN A 112 5.18 10.16 13.39
C ASN A 112 6.45 10.81 14.01
N ASP A 113 7.51 10.98 13.22
CA ASP A 113 8.89 11.27 13.69
C ASP A 113 9.57 12.44 12.93
N PHE A 114 10.67 12.93 13.51
CA PHE A 114 11.55 13.99 12.99
C PHE A 114 13.05 13.61 13.01
N SER A 115 13.44 12.55 13.75
CA SER A 115 14.83 12.27 14.15
C SER A 115 15.79 11.96 13.01
FE1 FES B . 4.66 4.36 6.13
FE2 FES B . 3.59 2.14 5.70
S1 FES B . 5.22 3.00 4.52
S2 FES B . 3.40 3.27 7.55
N GLY A 1 11.30 -6.84 -16.51
CA GLY A 1 10.30 -6.57 -17.55
C GLY A 1 9.25 -7.66 -17.57
N GLU A 2 8.00 -7.30 -17.30
CA GLU A 2 6.86 -8.21 -17.17
C GLU A 2 7.12 -9.42 -16.24
N GLU A 3 7.94 -9.28 -15.19
CA GLU A 3 8.26 -10.37 -14.26
C GLU A 3 7.07 -10.64 -13.33
N LEU A 4 6.53 -9.58 -12.72
CA LEU A 4 5.36 -9.54 -11.85
C LEU A 4 4.44 -8.37 -12.25
N LYS A 5 3.21 -8.32 -11.73
CA LYS A 5 2.38 -7.10 -11.75
C LYS A 5 1.71 -6.80 -10.40
N ILE A 6 1.33 -5.53 -10.24
CA ILE A 6 0.58 -4.96 -9.13
C ILE A 6 -0.63 -4.21 -9.70
N THR A 7 -1.79 -4.40 -9.07
CA THR A 7 -3.00 -3.66 -9.40
C THR A 7 -3.39 -2.76 -8.25
N PHE A 8 -3.70 -1.51 -8.56
CA PHE A 8 -4.20 -0.55 -7.60
C PHE A 8 -5.58 -0.05 -8.01
N ILE A 9 -6.50 -0.07 -7.04
CA ILE A 9 -7.77 0.66 -7.12
C ILE A 9 -7.51 2.09 -6.66
N LEU A 10 -7.83 3.06 -7.49
CA LEU A 10 -7.43 4.45 -7.32
C LEU A 10 -8.25 5.21 -6.27
N LYS A 11 -7.79 6.40 -5.88
CA LYS A 11 -8.51 7.31 -4.98
C LYS A 11 -9.79 7.88 -5.59
N ASP A 12 -9.90 7.88 -6.92
CA ASP A 12 -11.15 8.07 -7.68
C ASP A 12 -11.68 6.77 -8.34
N GLY A 13 -11.32 5.59 -7.80
CA GLY A 13 -11.97 4.32 -8.14
C GLY A 13 -11.61 3.71 -9.50
N SER A 14 -10.69 4.29 -10.27
CA SER A 14 -10.12 3.65 -11.47
C SER A 14 -9.29 2.40 -11.11
N GLN A 15 -9.00 1.54 -12.08
CA GLN A 15 -8.15 0.36 -11.94
C GLN A 15 -6.93 0.54 -12.80
N LYS A 16 -5.77 0.29 -12.20
CA LYS A 16 -4.50 0.47 -12.87
C LYS A 16 -3.57 -0.68 -12.56
N THR A 17 -3.14 -1.28 -13.65
CA THR A 17 -2.61 -2.63 -13.73
C THR A 17 -1.17 -2.59 -14.28
N TYR A 18 -0.16 -2.65 -13.40
CA TYR A 18 1.21 -2.18 -13.67
C TYR A 18 2.27 -3.28 -13.50
N GLU A 19 3.22 -3.41 -14.42
CA GLU A 19 4.32 -4.39 -14.32
C GLU A 19 5.53 -3.94 -13.47
N VAL A 20 5.96 -4.76 -12.51
CA VAL A 20 7.05 -4.48 -11.56
C VAL A 20 7.95 -5.71 -11.30
N CYS A 21 8.89 -5.59 -10.35
CA CYS A 21 9.83 -6.61 -9.91
C CYS A 21 9.73 -6.93 -8.40
N GLU A 22 10.36 -8.02 -7.98
CA GLU A 22 10.40 -8.51 -6.60
C GLU A 22 11.09 -7.54 -5.62
N GLY A 23 10.61 -7.45 -4.37
CA GLY A 23 11.16 -6.57 -3.33
C GLY A 23 10.67 -5.12 -3.41
N GLU A 24 9.95 -4.75 -4.47
CA GLU A 24 9.28 -3.45 -4.57
C GLU A 24 8.15 -3.32 -3.52
N THR A 25 8.06 -2.16 -2.87
CA THR A 25 7.11 -1.88 -1.76
C THR A 25 5.83 -1.27 -2.33
N ILE A 26 4.66 -1.60 -1.79
CA ILE A 26 3.35 -1.20 -2.36
C ILE A 26 3.19 0.33 -2.44
N LEU A 27 3.56 1.07 -1.39
CA LEU A 27 3.55 2.54 -1.44
C LEU A 27 4.80 3.13 -2.14
N ASP A 28 5.89 2.38 -2.26
CA ASP A 28 7.01 2.73 -3.15
C ASP A 28 6.64 2.60 -4.63
N ILE A 29 5.74 1.70 -5.03
CA ILE A 29 5.23 1.63 -6.41
C ILE A 29 4.18 2.72 -6.62
N ALA A 30 3.30 2.95 -5.64
CA ALA A 30 2.29 4.00 -5.77
C ALA A 30 2.93 5.41 -5.90
N GLN A 31 4.06 5.66 -5.24
CA GLN A 31 4.93 6.80 -5.53
C GLN A 31 5.75 6.61 -6.80
N GLY A 32 6.58 5.59 -6.94
CA GLY A 32 7.56 5.54 -8.03
C GLY A 32 7.00 5.25 -9.44
N HIS A 33 5.78 4.73 -9.56
CA HIS A 33 5.04 4.69 -10.82
C HIS A 33 4.30 6.01 -11.11
N ASN A 34 4.26 6.89 -10.11
CA ASN A 34 3.62 8.19 -10.09
C ASN A 34 2.11 8.10 -10.37
N LEU A 35 1.46 7.20 -9.61
CA LEU A 35 -0.01 6.99 -9.60
C LEU A 35 -0.79 8.26 -9.18
N ASP A 36 -1.98 8.42 -9.77
CA ASP A 36 -3.00 9.40 -9.36
C ASP A 36 -3.67 8.97 -8.07
N MET A 37 -2.93 9.26 -7.00
CA MET A 37 -3.14 8.70 -5.69
C MET A 37 -2.60 9.63 -4.61
N GLU A 38 -3.41 9.80 -3.57
CA GLU A 38 -3.01 10.31 -2.25
C GLU A 38 -2.51 9.14 -1.36
N GLY A 39 -1.23 9.17 -0.95
CA GLY A 39 -0.68 8.19 -0.02
C GLY A 39 0.72 8.57 0.48
N ALA A 40 0.79 9.66 1.25
CA ALA A 40 2.04 10.34 1.66
C ALA A 40 2.93 9.55 2.65
N CYS A 41 2.63 8.27 2.90
CA CYS A 41 3.55 7.34 3.56
C CYS A 41 4.62 6.81 2.58
N GLY A 42 4.29 6.65 1.30
CA GLY A 42 5.22 6.54 0.17
C GLY A 42 6.26 5.40 0.15
N GLY A 43 6.24 4.45 1.10
CA GLY A 43 7.19 3.34 1.22
C GLY A 43 8.57 3.75 1.77
N SER A 44 9.12 4.86 1.27
CA SER A 44 10.14 5.67 1.93
C SER A 44 9.87 7.16 1.69
N CYS A 45 9.22 7.78 2.67
CA CYS A 45 8.78 9.18 2.70
C CYS A 45 8.87 9.70 4.15
N ALA A 46 8.07 10.70 4.56
CA ALA A 46 7.99 11.12 5.96
C ALA A 46 7.17 10.17 6.86
N CYS A 47 6.44 9.23 6.26
CA CYS A 47 5.46 8.34 6.89
C CYS A 47 4.22 9.02 7.50
N SER A 48 3.09 8.31 7.40
CA SER A 48 1.70 8.79 7.42
C SER A 48 0.72 7.62 7.70
N THR A 49 -0.56 7.73 7.30
CA THR A 49 -1.62 6.71 7.55
C THR A 49 -1.44 5.36 6.81
N CYS A 50 -0.47 5.24 5.90
CA CYS A 50 -0.12 4.03 5.12
C CYS A 50 -1.28 3.15 4.59
N HIS A 51 -2.48 3.69 4.32
CA HIS A 51 -3.65 2.81 4.30
C HIS A 51 -3.87 2.24 2.90
N VAL A 52 -3.44 1.00 2.75
CA VAL A 52 -3.84 0.05 1.72
C VAL A 52 -4.65 -1.09 2.30
N ILE A 53 -5.56 -1.59 1.49
CA ILE A 53 -6.21 -2.86 1.69
C ILE A 53 -5.82 -3.78 0.54
N VAL A 54 -5.62 -5.06 0.82
CA VAL A 54 -5.35 -6.12 -0.14
C VAL A 54 -6.61 -6.91 -0.46
N ASP A 55 -6.58 -7.50 -1.63
CA ASP A 55 -7.49 -8.58 -2.00
C ASP A 55 -7.47 -9.74 -0.96
N PRO A 56 -8.61 -10.35 -0.62
CA PRO A 56 -8.68 -11.62 0.12
C PRO A 56 -7.88 -12.77 -0.50
N ASP A 57 -7.53 -12.70 -1.79
CA ASP A 57 -6.66 -13.64 -2.49
C ASP A 57 -5.21 -13.55 -2.00
N TYR A 58 -4.66 -12.34 -1.86
CA TYR A 58 -3.23 -12.15 -1.71
C TYR A 58 -2.79 -11.84 -0.28
N TYR A 59 -3.68 -11.29 0.57
CA TYR A 59 -3.46 -11.28 2.04
C TYR A 59 -3.24 -12.67 2.58
N ASP A 60 -3.81 -13.67 1.91
CA ASP A 60 -4.02 -14.95 2.56
C ASP A 60 -2.67 -15.66 2.83
N ALA A 61 -1.64 -15.20 2.11
CA ALA A 61 -0.25 -15.65 2.16
C ALA A 61 0.65 -14.65 2.93
N LEU A 62 0.03 -13.74 3.69
CA LEU A 62 0.68 -12.68 4.47
C LEU A 62 0.52 -12.87 5.99
N PRO A 63 1.49 -12.38 6.80
CA PRO A 63 1.36 -12.16 8.25
C PRO A 63 0.71 -10.80 8.57
N GLU A 64 0.37 -10.57 9.85
CA GLU A 64 -0.11 -9.30 10.39
C GLU A 64 1.04 -8.51 11.08
N PRO A 65 1.02 -7.15 11.16
CA PRO A 65 2.19 -6.33 11.50
C PRO A 65 2.42 -6.01 12.99
N GLU A 66 3.55 -5.37 13.31
CA GLU A 66 3.90 -4.87 14.66
C GLU A 66 2.91 -3.86 15.25
N ASP A 67 2.97 -3.66 16.56
CA ASP A 67 2.26 -2.63 17.32
C ASP A 67 2.59 -1.19 16.89
N ASP A 68 3.70 -0.95 16.19
CA ASP A 68 3.99 0.34 15.54
C ASP A 68 3.42 0.43 14.14
N GLU A 69 3.34 -0.70 13.44
CA GLU A 69 3.08 -0.83 12.00
C GLU A 69 1.56 -0.89 11.72
N ASN A 70 0.81 -1.77 12.41
CA ASN A 70 -0.65 -1.89 12.30
C ASN A 70 -1.43 -0.68 12.87
N ASP A 71 -0.76 0.11 13.68
CA ASP A 71 -1.23 1.35 14.32
C ASP A 71 -0.99 2.59 13.44
N MET A 72 -0.22 2.46 12.34
CA MET A 72 -0.21 3.48 11.27
C MET A 72 -1.60 3.56 10.59
N LEU A 73 -2.29 2.42 10.53
CA LEU A 73 -3.51 2.08 9.79
C LEU A 73 -4.80 2.36 10.56
N ASP A 74 -4.92 1.78 11.77
CA ASP A 74 -6.06 1.85 12.72
C ASP A 74 -6.67 3.24 12.93
N LEU A 75 -5.90 4.28 12.65
CA LEU A 75 -6.28 5.68 12.78
C LEU A 75 -7.24 6.13 11.65
N ALA A 76 -7.28 5.39 10.54
CA ALA A 76 -8.35 5.49 9.54
C ALA A 76 -9.68 4.87 10.03
N TYR A 77 -10.79 5.25 9.40
CA TYR A 77 -12.10 4.64 9.66
C TYR A 77 -12.18 3.19 9.12
N GLY A 78 -12.90 2.34 9.85
CA GLY A 78 -13.51 1.13 9.29
C GLY A 78 -12.52 0.15 8.68
N LEU A 79 -11.36 -0.01 9.32
CA LEU A 79 -10.23 -0.79 8.85
C LEU A 79 -10.61 -2.27 8.63
N THR A 80 -10.40 -2.76 7.40
CA THR A 80 -10.96 -4.03 6.92
C THR A 80 -10.14 -5.25 7.33
N GLU A 81 -10.75 -6.41 7.09
CA GLU A 81 -10.28 -7.78 7.23
C GLU A 81 -8.92 -8.07 6.57
N THR A 82 -8.55 -7.26 5.58
CA THR A 82 -7.32 -7.36 4.80
C THR A 82 -6.60 -6.01 4.66
N SER A 83 -6.82 -5.07 5.58
CA SER A 83 -6.03 -3.83 5.55
C SER A 83 -4.57 -4.11 5.94
N ARG A 84 -3.61 -3.55 5.20
CA ARG A 84 -2.17 -3.84 5.32
C ARG A 84 -1.34 -2.58 5.06
N LEU A 85 -0.28 -2.35 5.84
CA LEU A 85 0.66 -1.26 5.55
C LEU A 85 1.54 -1.57 4.33
N GLY A 86 1.77 -0.56 3.50
CA GLY A 86 2.33 -0.69 2.15
C GLY A 86 3.86 -0.73 2.06
N CYS A 87 4.53 -0.99 3.17
CA CYS A 87 5.98 -0.90 3.36
C CYS A 87 6.60 -2.20 3.90
N GLN A 88 5.99 -2.76 4.95
CA GLN A 88 6.48 -3.96 5.62
C GLN A 88 6.14 -5.24 4.83
N ILE A 89 5.28 -5.15 3.80
CA ILE A 89 5.14 -6.15 2.73
C ILE A 89 5.51 -5.56 1.35
N LYS A 90 6.07 -6.42 0.48
CA LYS A 90 6.66 -6.16 -0.83
C LYS A 90 6.33 -7.28 -1.81
N MET A 91 6.69 -7.12 -3.08
CA MET A 91 6.47 -8.12 -4.13
C MET A 91 7.27 -9.42 -3.95
N SER A 92 6.65 -10.59 -4.24
CA SER A 92 7.24 -11.94 -4.33
C SER A 92 6.77 -12.66 -5.62
N LYS A 93 7.25 -13.87 -5.96
CA LYS A 93 6.81 -14.59 -7.18
C LYS A 93 5.45 -15.31 -7.08
N ASP A 94 4.92 -15.58 -5.89
CA ASP A 94 3.65 -16.33 -5.72
C ASP A 94 2.39 -15.47 -5.95
N ILE A 95 2.58 -14.15 -6.00
CA ILE A 95 1.56 -13.09 -6.03
C ILE A 95 1.38 -12.49 -7.42
N ASP A 96 1.68 -13.24 -8.48
CA ASP A 96 1.69 -12.69 -9.83
C ASP A 96 0.26 -12.36 -10.30
N GLY A 97 -0.16 -11.13 -9.96
CA GLY A 97 -1.54 -10.65 -10.04
C GLY A 97 -2.13 -10.04 -8.75
N ILE A 98 -1.32 -9.75 -7.73
CA ILE A 98 -1.67 -9.02 -6.50
C ILE A 98 -2.50 -7.74 -6.79
N ARG A 99 -3.51 -7.47 -5.98
CA ARG A 99 -4.28 -6.21 -5.95
C ARG A 99 -4.18 -5.57 -4.59
N VAL A 100 -4.29 -4.26 -4.58
CA VAL A 100 -4.68 -3.50 -3.41
C VAL A 100 -5.62 -2.35 -3.77
N ALA A 101 -6.39 -1.83 -2.80
CA ALA A 101 -7.11 -0.58 -2.98
C ALA A 101 -6.49 0.54 -2.12
N LEU A 102 -6.22 1.72 -2.69
CA LEU A 102 -5.53 2.84 -2.02
C LEU A 102 -6.46 4.06 -1.77
N PRO A 103 -6.14 4.93 -0.79
CA PRO A 103 -7.15 5.65 0.02
C PRO A 103 -7.50 7.03 -0.54
N GLN A 104 -8.54 7.65 0.02
CA GLN A 104 -8.97 9.01 -0.37
C GLN A 104 -8.10 10.11 0.27
N MET A 105 -7.44 9.85 1.41
CA MET A 105 -6.46 10.74 2.04
C MET A 105 -5.50 9.99 2.97
N THR A 106 -4.37 10.62 3.33
CA THR A 106 -3.56 10.27 4.52
C THR A 106 -3.14 11.54 5.29
N ARG A 107 -2.71 11.43 6.56
CA ARG A 107 -2.25 12.56 7.40
C ARG A 107 -1.08 12.21 8.33
N ASN A 108 -0.25 13.21 8.63
CA ASN A 108 0.85 13.11 9.60
C ASN A 108 1.19 14.41 10.35
N VAL A 109 0.85 15.59 9.82
CA VAL A 109 1.26 16.91 10.35
C VAL A 109 2.78 16.94 10.66
N ASN A 110 3.59 16.49 9.70
CA ASN A 110 5.04 16.27 9.87
C ASN A 110 5.82 16.36 8.53
N ASN A 111 7.16 16.35 8.61
CA ASN A 111 8.12 16.22 7.49
C ASN A 111 9.36 15.43 7.97
N ASN A 112 9.85 14.46 7.17
CA ASN A 112 11.05 13.66 7.43
C ASN A 112 11.53 12.99 6.12
N ASP A 113 12.78 12.50 6.11
CA ASP A 113 13.33 11.62 5.06
C ASP A 113 14.30 10.60 5.70
N PHE A 114 14.24 9.35 5.27
CA PHE A 114 15.19 8.28 5.60
C PHE A 114 15.73 7.50 4.39
N SER A 115 15.12 7.65 3.20
CA SER A 115 15.56 7.12 1.88
C SER A 115 15.83 5.62 1.79
FE1 FES B . 4.97 4.40 6.28
FE2 FES B . 4.06 2.24 5.62
S1 FES B . 5.33 3.48 4.34
S2 FES B . 4.15 2.94 7.69
N GLY A 1 13.07 -3.88 -12.89
CA GLY A 1 12.45 -5.22 -12.87
C GLY A 1 11.01 -5.20 -13.33
N GLU A 2 10.62 -6.15 -14.18
CA GLU A 2 9.25 -6.31 -14.73
C GLU A 2 8.87 -7.81 -14.85
N GLU A 3 8.73 -8.51 -13.72
CA GLU A 3 8.47 -9.98 -13.68
C GLU A 3 7.29 -10.38 -12.77
N LEU A 4 6.62 -9.39 -12.14
CA LEU A 4 5.41 -9.51 -11.33
C LEU A 4 4.43 -8.36 -11.69
N LYS A 5 3.28 -8.24 -11.00
CA LYS A 5 2.32 -7.13 -11.16
C LYS A 5 1.85 -6.52 -9.84
N ILE A 6 1.13 -5.41 -9.93
CA ILE A 6 0.30 -4.81 -8.87
C ILE A 6 -0.90 -4.09 -9.50
N THR A 7 -2.10 -4.39 -9.02
CA THR A 7 -3.30 -3.59 -9.28
C THR A 7 -3.63 -2.74 -8.06
N PHE A 8 -3.87 -1.46 -8.30
CA PHE A 8 -4.35 -0.52 -7.30
C PHE A 8 -5.71 0.07 -7.69
N ILE A 9 -6.63 0.12 -6.72
CA ILE A 9 -7.85 0.97 -6.79
C ILE A 9 -7.51 2.38 -6.33
N LEU A 10 -8.04 3.41 -6.99
CA LEU A 10 -7.63 4.81 -6.79
C LEU A 10 -8.61 5.65 -5.94
N LYS A 11 -8.16 6.85 -5.54
CA LYS A 11 -8.97 7.90 -4.88
C LYS A 11 -10.13 8.46 -5.75
N ASP A 12 -10.09 8.26 -7.06
CA ASP A 12 -11.21 8.54 -7.99
C ASP A 12 -12.06 7.29 -8.31
N GLY A 13 -11.67 6.11 -7.79
CA GLY A 13 -12.24 4.80 -8.12
C GLY A 13 -11.74 4.19 -9.44
N SER A 14 -10.71 4.78 -10.06
CA SER A 14 -9.98 4.18 -11.20
C SER A 14 -9.25 2.90 -10.75
N GLN A 15 -8.92 2.05 -11.72
CA GLN A 15 -8.03 0.91 -11.56
C GLN A 15 -6.81 1.13 -12.43
N LYS A 16 -5.67 0.79 -11.86
CA LYS A 16 -4.39 0.85 -12.52
C LYS A 16 -3.66 -0.44 -12.20
N THR A 17 -3.27 -1.14 -13.24
CA THR A 17 -2.54 -2.42 -13.18
C THR A 17 -1.19 -2.32 -13.88
N TYR A 18 -0.13 -2.58 -13.11
CA TYR A 18 1.25 -2.16 -13.39
C TYR A 18 2.24 -3.33 -13.19
N GLU A 19 3.36 -3.31 -13.93
CA GLU A 19 4.35 -4.40 -14.00
C GLU A 19 5.65 -4.05 -13.24
N VAL A 20 5.95 -4.82 -12.19
CA VAL A 20 6.94 -4.50 -11.14
C VAL A 20 7.95 -5.62 -10.87
N CYS A 21 8.92 -5.29 -10.03
CA CYS A 21 9.90 -6.21 -9.44
C CYS A 21 9.45 -6.75 -8.08
N GLU A 22 10.12 -7.82 -7.66
CA GLU A 22 10.17 -8.35 -6.30
C GLU A 22 10.86 -7.38 -5.31
N GLY A 23 10.50 -7.43 -4.02
CA GLY A 23 11.03 -6.54 -2.98
C GLY A 23 10.43 -5.13 -2.98
N GLU A 24 9.71 -4.75 -4.03
CA GLU A 24 8.98 -3.48 -4.10
C GLU A 24 7.80 -3.46 -3.11
N THR A 25 7.67 -2.39 -2.33
CA THR A 25 6.63 -2.18 -1.32
C THR A 25 5.41 -1.49 -1.90
N ILE A 26 4.22 -1.74 -1.36
CA ILE A 26 2.95 -1.29 -1.98
C ILE A 26 2.86 0.23 -2.19
N LEU A 27 3.10 1.08 -1.17
CA LEU A 27 3.11 2.53 -1.39
C LEU A 27 4.42 3.02 -2.03
N ASP A 28 5.52 2.26 -1.92
CA ASP A 28 6.72 2.49 -2.72
C ASP A 28 6.46 2.30 -4.23
N ILE A 29 5.49 1.47 -4.65
CA ILE A 29 5.03 1.43 -6.05
C ILE A 29 3.97 2.52 -6.30
N ALA A 30 3.13 2.86 -5.33
CA ALA A 30 2.22 4.00 -5.52
C ALA A 30 2.99 5.30 -5.83
N GLN A 31 4.11 5.54 -5.14
CA GLN A 31 5.07 6.60 -5.42
C GLN A 31 6.00 6.28 -6.60
N GLY A 32 6.57 5.08 -6.69
CA GLY A 32 7.50 4.67 -7.75
C GLY A 32 6.87 4.58 -9.14
N HIS A 33 5.53 4.50 -9.23
CA HIS A 33 4.78 4.62 -10.47
C HIS A 33 4.04 5.96 -10.60
N ASN A 34 4.11 6.84 -9.59
CA ASN A 34 3.40 8.11 -9.48
C ASN A 34 1.91 8.00 -9.85
N LEU A 35 1.25 7.12 -9.10
CA LEU A 35 -0.21 7.11 -8.98
C LEU A 35 -0.73 8.47 -8.44
N ASP A 36 -1.85 8.93 -8.98
CA ASP A 36 -2.62 10.08 -8.49
C ASP A 36 -3.50 9.62 -7.33
N MET A 37 -2.86 9.60 -6.17
CA MET A 37 -3.29 8.92 -4.97
C MET A 37 -2.74 9.68 -3.76
N GLU A 38 -3.63 10.04 -2.83
CA GLU A 38 -3.32 10.87 -1.66
C GLU A 38 -2.61 10.12 -0.52
N GLY A 39 -1.32 10.43 -0.27
CA GLY A 39 -0.58 9.96 0.90
C GLY A 39 0.77 10.67 1.09
N ALA A 40 1.20 10.87 2.34
CA ALA A 40 2.45 11.59 2.64
C ALA A 40 3.71 10.70 2.62
N CYS A 41 3.59 9.42 3.00
CA CYS A 41 4.69 8.45 2.99
C CYS A 41 5.43 8.43 1.64
N GLY A 42 6.75 8.24 1.68
CA GLY A 42 7.65 8.39 0.52
C GLY A 42 8.42 9.73 0.47
N GLY A 43 8.54 10.47 1.59
CA GLY A 43 9.38 11.66 1.69
C GLY A 43 8.71 12.95 2.20
N SER A 44 7.38 12.98 2.33
CA SER A 44 6.66 14.06 3.03
C SER A 44 6.44 13.64 4.49
N CYS A 45 6.88 14.46 5.43
CA CYS A 45 6.98 14.13 6.86
C CYS A 45 7.80 12.85 7.14
N ALA A 46 7.79 12.34 8.37
CA ALA A 46 8.41 11.04 8.68
C ALA A 46 7.69 9.89 7.96
N CYS A 47 6.41 9.69 8.27
CA CYS A 47 5.52 8.70 7.65
C CYS A 47 4.02 9.00 7.96
N SER A 48 3.08 8.31 7.30
CA SER A 48 1.65 8.67 7.11
C SER A 48 0.68 7.55 7.57
N THR A 49 -0.61 7.60 7.16
CA THR A 49 -1.61 6.55 7.47
C THR A 49 -1.46 5.27 6.65
N CYS A 50 -0.73 5.29 5.52
CA CYS A 50 -0.30 4.10 4.77
C CYS A 50 -1.40 3.09 4.38
N HIS A 51 -2.67 3.51 4.34
CA HIS A 51 -3.77 2.56 4.57
C HIS A 51 -4.27 1.95 3.27
N VAL A 52 -3.86 0.70 3.02
CA VAL A 52 -4.27 -0.08 1.86
C VAL A 52 -5.00 -1.33 2.37
N ILE A 53 -5.63 -2.05 1.47
CA ILE A 53 -6.20 -3.37 1.71
C ILE A 53 -5.88 -4.27 0.52
N VAL A 54 -5.76 -5.58 0.72
CA VAL A 54 -5.57 -6.61 -0.30
C VAL A 54 -6.85 -7.33 -0.70
N ASP A 55 -6.84 -7.90 -1.90
CA ASP A 55 -7.73 -8.98 -2.28
C ASP A 55 -7.64 -10.13 -1.25
N PRO A 56 -8.75 -10.74 -0.81
CA PRO A 56 -8.72 -11.91 0.07
C PRO A 56 -7.99 -13.12 -0.53
N ASP A 57 -7.77 -13.13 -1.84
CA ASP A 57 -6.96 -14.15 -2.53
C ASP A 57 -5.46 -13.99 -2.23
N TYR A 58 -4.92 -12.77 -2.28
CA TYR A 58 -3.48 -12.58 -2.18
C TYR A 58 -3.00 -12.38 -0.75
N TYR A 59 -3.85 -11.89 0.16
CA TYR A 59 -3.50 -11.91 1.61
C TYR A 59 -3.20 -13.31 2.09
N ASP A 60 -3.86 -14.30 1.51
CA ASP A 60 -4.01 -15.60 2.15
C ASP A 60 -2.67 -16.36 2.24
N ALA A 61 -1.73 -15.91 1.42
CA ALA A 61 -0.36 -16.42 1.30
C ALA A 61 0.68 -15.49 1.96
N LEU A 62 0.22 -14.43 2.65
CA LEU A 62 1.05 -13.34 3.17
C LEU A 62 1.08 -13.22 4.71
N PRO A 63 2.14 -12.61 5.30
CA PRO A 63 2.28 -12.30 6.72
C PRO A 63 1.80 -10.88 7.12
N GLU A 64 1.73 -10.63 8.43
CA GLU A 64 1.39 -9.35 9.07
C GLU A 64 2.61 -8.64 9.72
N PRO A 65 2.57 -7.30 9.91
CA PRO A 65 3.73 -6.50 10.37
C PRO A 65 3.72 -6.24 11.89
N GLU A 66 4.80 -5.64 12.40
CA GLU A 66 4.95 -5.21 13.80
C GLU A 66 3.90 -4.22 14.32
N ASP A 67 3.82 -4.14 15.65
CA ASP A 67 2.90 -3.30 16.43
C ASP A 67 3.12 -1.77 16.26
N ASP A 68 4.28 -1.37 15.74
CA ASP A 68 4.57 0.01 15.30
C ASP A 68 4.07 0.26 13.88
N GLU A 69 4.07 -0.75 13.01
CA GLU A 69 3.62 -0.61 11.62
C GLU A 69 2.09 -0.74 11.46
N ASN A 70 1.45 -1.78 11.98
CA ASN A 70 -0.02 -1.98 11.86
C ASN A 70 -0.88 -0.93 12.59
N ASP A 71 -0.29 -0.21 13.55
CA ASP A 71 -0.95 0.92 14.22
C ASP A 71 -1.04 2.15 13.32
N MET A 72 -0.10 2.32 12.37
CA MET A 72 -0.11 3.43 11.42
C MET A 72 -1.41 3.44 10.59
N LEU A 73 -1.95 2.23 10.37
CA LEU A 73 -3.10 1.88 9.56
C LEU A 73 -4.40 2.10 10.34
N ASP A 74 -4.47 1.57 11.58
CA ASP A 74 -5.60 1.70 12.52
C ASP A 74 -6.17 3.12 12.65
N LEU A 75 -5.35 4.15 12.44
CA LEU A 75 -5.72 5.56 12.55
C LEU A 75 -6.61 6.05 11.39
N ALA A 76 -6.61 5.35 10.26
CA ALA A 76 -7.48 5.59 9.11
C ALA A 76 -8.89 5.01 9.29
N TYR A 77 -9.80 5.34 8.39
CA TYR A 77 -11.21 4.92 8.45
C TYR A 77 -11.41 3.42 8.21
N GLY A 78 -12.12 2.79 9.15
CA GLY A 78 -12.88 1.59 8.85
C GLY A 78 -12.04 0.35 8.51
N LEU A 79 -10.83 0.25 9.07
CA LEU A 79 -9.80 -0.70 8.63
C LEU A 79 -10.26 -2.16 8.57
N THR A 80 -10.07 -2.78 7.39
CA THR A 80 -10.66 -4.06 6.98
C THR A 80 -9.78 -5.23 7.39
N GLU A 81 -10.35 -6.44 7.42
CA GLU A 81 -9.68 -7.63 7.92
C GLU A 81 -8.53 -8.12 7.01
N THR A 82 -8.40 -7.58 5.79
CA THR A 82 -7.25 -7.79 4.89
C THR A 82 -6.44 -6.49 4.66
N SER A 83 -6.48 -5.54 5.59
CA SER A 83 -5.72 -4.30 5.45
C SER A 83 -4.19 -4.49 5.51
N ARG A 84 -3.49 -3.62 4.78
CA ARG A 84 -2.09 -3.68 4.38
C ARG A 84 -1.43 -2.30 4.33
N LEU A 85 -0.12 -2.30 4.14
CA LEU A 85 0.79 -1.16 4.29
C LEU A 85 1.88 -1.09 3.20
N GLY A 86 2.53 0.05 3.08
CA GLY A 86 3.57 0.36 2.10
C GLY A 86 5.01 0.48 2.63
N CYS A 87 5.28 0.06 3.86
CA CYS A 87 6.60 0.03 4.51
C CYS A 87 7.16 -1.39 4.66
N GLN A 88 6.36 -2.30 5.21
CA GLN A 88 6.80 -3.66 5.55
C GLN A 88 6.57 -4.68 4.42
N ILE A 89 5.38 -4.69 3.79
CA ILE A 89 5.00 -5.77 2.89
C ILE A 89 5.29 -5.44 1.41
N LYS A 90 5.94 -6.41 0.76
CA LYS A 90 6.53 -6.30 -0.56
C LYS A 90 6.11 -7.42 -1.49
N MET A 91 6.57 -7.36 -2.73
CA MET A 91 6.29 -8.35 -3.76
C MET A 91 7.23 -9.57 -3.69
N SER A 92 6.65 -10.75 -3.92
CA SER A 92 7.26 -12.09 -3.87
C SER A 92 6.60 -13.02 -4.91
N LYS A 93 7.05 -14.26 -5.07
CA LYS A 93 6.53 -15.21 -6.07
C LYS A 93 5.04 -15.56 -5.95
N ASP A 94 4.44 -15.34 -4.78
CA ASP A 94 3.02 -15.59 -4.52
C ASP A 94 2.11 -14.52 -5.14
N ILE A 95 2.65 -13.33 -5.44
CA ILE A 95 1.86 -12.13 -5.77
C ILE A 95 1.53 -11.98 -7.24
N ASP A 96 1.95 -12.89 -8.12
CA ASP A 96 1.90 -12.70 -9.58
C ASP A 96 0.46 -12.56 -10.08
N GLY A 97 -0.02 -11.31 -10.04
CA GLY A 97 -1.38 -10.86 -10.39
C GLY A 97 -2.21 -10.17 -9.26
N ILE A 98 -1.57 -9.81 -8.16
CA ILE A 98 -2.13 -9.19 -6.94
C ILE A 98 -2.87 -7.86 -7.12
N ARG A 99 -3.88 -7.61 -6.27
CA ARG A 99 -4.56 -6.32 -6.07
C ARG A 99 -4.38 -5.78 -4.67
N VAL A 100 -4.51 -4.47 -4.56
CA VAL A 100 -4.85 -3.77 -3.33
C VAL A 100 -5.79 -2.57 -3.60
N ALA A 101 -6.52 -2.06 -2.59
CA ALA A 101 -7.33 -0.85 -2.72
C ALA A 101 -6.83 0.31 -1.86
N LEU A 102 -6.63 1.45 -2.51
CA LEU A 102 -6.05 2.68 -1.99
C LEU A 102 -7.20 3.72 -1.85
N PRO A 103 -7.26 4.56 -0.79
CA PRO A 103 -8.50 5.21 -0.35
C PRO A 103 -8.74 6.58 -0.99
N GLN A 104 -9.97 7.10 -0.84
CA GLN A 104 -10.32 8.50 -1.13
C GLN A 104 -10.30 9.41 0.12
N MET A 105 -10.15 8.82 1.32
CA MET A 105 -9.99 9.50 2.61
C MET A 105 -8.71 9.06 3.35
N THR A 106 -7.58 9.70 3.03
CA THR A 106 -6.32 9.60 3.81
C THR A 106 -6.30 10.69 4.89
N ARG A 107 -5.83 10.37 6.11
CA ARG A 107 -5.99 11.17 7.34
C ARG A 107 -4.94 12.30 7.50
N ASN A 108 -4.58 12.99 6.42
CA ASN A 108 -3.58 14.05 6.46
C ASN A 108 -4.06 15.30 7.25
N VAL A 109 -3.15 15.97 7.97
CA VAL A 109 -3.44 17.19 8.76
C VAL A 109 -2.35 18.27 8.64
N ASN A 110 -1.13 17.88 8.29
CA ASN A 110 0.03 18.73 8.01
C ASN A 110 0.76 18.25 6.72
N ASN A 111 1.25 19.17 5.89
CA ASN A 111 1.97 18.85 4.65
C ASN A 111 3.48 18.62 4.88
N ASN A 112 4.06 19.22 5.93
CA ASN A 112 5.47 19.17 6.28
C ASN A 112 5.68 18.88 7.78
N ASP A 113 6.89 18.46 8.17
CA ASP A 113 7.32 18.23 9.56
C ASP A 113 8.79 18.60 9.74
N PHE A 114 9.17 19.01 10.96
CA PHE A 114 10.52 19.41 11.37
C PHE A 114 11.10 20.62 10.60
N SER A 115 12.31 21.04 10.96
CA SER A 115 13.06 22.15 10.36
C SER A 115 13.62 21.81 8.99
FE1 FES B . 4.89 4.96 5.98
FE2 FES B . 3.98 2.69 5.68
S1 FES B . 5.52 3.57 4.41
S2 FES B . 3.66 3.92 7.46
N GLY A 1 8.86 -13.00 -17.95
CA GLY A 1 10.13 -13.59 -17.52
C GLY A 1 10.67 -12.89 -16.27
N GLU A 2 10.61 -13.57 -15.13
CA GLU A 2 11.05 -13.09 -13.81
C GLU A 2 10.37 -11.77 -13.38
N GLU A 3 9.08 -11.60 -13.70
CA GLU A 3 8.36 -10.32 -13.64
C GLU A 3 6.98 -10.45 -12.97
N LEU A 4 6.60 -9.44 -12.17
CA LEU A 4 5.40 -9.45 -11.32
C LEU A 4 4.46 -8.27 -11.65
N LYS A 5 3.19 -8.34 -11.20
CA LYS A 5 2.17 -7.29 -11.31
C LYS A 5 1.89 -6.60 -9.97
N ILE A 6 1.25 -5.44 -10.04
CA ILE A 6 0.48 -4.83 -8.97
C ILE A 6 -0.72 -4.08 -9.57
N THR A 7 -1.92 -4.34 -9.08
CA THR A 7 -3.11 -3.54 -9.38
C THR A 7 -3.44 -2.65 -8.19
N PHE A 8 -3.70 -1.39 -8.49
CA PHE A 8 -4.15 -0.40 -7.52
C PHE A 8 -5.48 0.20 -7.93
N ILE A 9 -6.33 0.50 -6.94
CA ILE A 9 -7.49 1.36 -7.10
C ILE A 9 -7.04 2.81 -6.86
N LEU A 10 -7.45 3.73 -7.74
CA LEU A 10 -7.18 5.16 -7.63
C LEU A 10 -8.09 5.81 -6.59
N LYS A 11 -7.65 6.87 -5.91
CA LYS A 11 -8.46 7.57 -4.89
C LYS A 11 -9.66 8.35 -5.47
N ASP A 12 -9.69 8.53 -6.78
CA ASP A 12 -10.85 8.97 -7.59
C ASP A 12 -11.71 7.81 -8.15
N GLY A 13 -11.18 6.58 -8.18
CA GLY A 13 -11.93 5.33 -8.44
C GLY A 13 -11.72 4.63 -9.79
N SER A 14 -10.69 4.94 -10.57
CA SER A 14 -10.18 3.99 -11.59
C SER A 14 -9.44 2.82 -10.96
N GLN A 15 -9.13 1.81 -11.75
CA GLN A 15 -8.20 0.73 -11.50
C GLN A 15 -7.06 0.81 -12.50
N LYS A 16 -5.87 0.51 -12.02
CA LYS A 16 -4.66 0.57 -12.82
C LYS A 16 -3.76 -0.57 -12.43
N THR A 17 -3.46 -1.38 -13.43
CA THR A 17 -2.65 -2.60 -13.32
C THR A 17 -1.31 -2.51 -14.04
N TYR A 18 -0.23 -2.67 -13.28
CA TYR A 18 1.15 -2.32 -13.64
C TYR A 18 2.11 -3.50 -13.46
N GLU A 19 3.28 -3.50 -14.15
CA GLU A 19 4.32 -4.53 -13.99
C GLU A 19 5.63 -4.02 -13.36
N VAL A 20 6.19 -4.82 -12.44
CA VAL A 20 7.16 -4.44 -11.39
C VAL A 20 8.13 -5.59 -11.06
N CYS A 21 9.06 -5.32 -10.14
CA CYS A 21 10.00 -6.31 -9.59
C CYS A 21 9.70 -6.70 -8.13
N GLU A 22 10.29 -7.80 -7.70
CA GLU A 22 10.21 -8.36 -6.35
C GLU A 22 11.00 -7.52 -5.32
N GLY A 23 10.49 -7.36 -4.09
CA GLY A 23 11.10 -6.55 -3.03
C GLY A 23 10.61 -5.11 -2.99
N GLU A 24 10.02 -4.59 -4.07
CA GLU A 24 9.45 -3.25 -4.12
C GLU A 24 8.22 -3.11 -3.20
N THR A 25 8.21 -2.04 -2.42
CA THR A 25 7.20 -1.64 -1.44
C THR A 25 6.00 -0.99 -2.13
N ILE A 26 4.78 -1.14 -1.60
CA ILE A 26 3.59 -0.45 -2.14
C ILE A 26 3.80 1.05 -2.35
N LEU A 27 4.42 1.79 -1.41
CA LEU A 27 4.73 3.21 -1.62
C LEU A 27 5.74 3.42 -2.76
N ASP A 28 6.78 2.60 -2.81
CA ASP A 28 7.81 2.62 -3.85
C ASP A 28 7.23 2.39 -5.26
N ILE A 29 6.12 1.65 -5.40
CA ILE A 29 5.39 1.51 -6.69
C ILE A 29 4.36 2.62 -6.86
N ALA A 30 3.58 2.94 -5.84
CA ALA A 30 2.54 3.95 -5.95
C ALA A 30 3.12 5.34 -6.33
N GLN A 31 4.25 5.73 -5.73
CA GLN A 31 5.01 6.92 -6.13
C GLN A 31 6.02 6.69 -7.26
N GLY A 32 6.61 5.50 -7.39
CA GLY A 32 7.45 5.16 -8.55
C GLY A 32 6.69 5.31 -9.87
N HIS A 33 5.41 4.93 -9.86
CA HIS A 33 4.49 4.99 -11.00
C HIS A 33 3.54 6.21 -10.97
N ASN A 34 3.71 7.08 -9.96
CA ASN A 34 2.98 8.33 -9.78
C ASN A 34 1.46 8.21 -9.94
N LEU A 35 0.90 7.18 -9.29
CA LEU A 35 -0.54 6.97 -9.16
C LEU A 35 -1.24 8.21 -8.57
N ASP A 36 -2.44 8.52 -9.08
CA ASP A 36 -3.40 9.40 -8.40
C ASP A 36 -3.98 8.69 -7.20
N MET A 37 -3.21 8.84 -6.13
CA MET A 37 -3.32 8.19 -4.85
C MET A 37 -2.52 8.99 -3.81
N GLU A 38 -3.04 9.01 -2.59
CA GLU A 38 -2.46 9.69 -1.41
C GLU A 38 -1.00 9.26 -1.08
N GLY A 39 -0.02 10.12 -1.40
CA GLY A 39 1.42 9.86 -1.23
C GLY A 39 1.90 9.85 0.23
N ALA A 40 1.76 8.72 0.94
CA ALA A 40 1.89 8.68 2.40
C ALA A 40 3.33 8.80 2.97
N CYS A 41 4.29 7.97 2.55
CA CYS A 41 5.61 7.85 3.19
C CYS A 41 6.69 8.77 2.56
N GLY A 42 7.95 8.57 2.95
CA GLY A 42 9.12 9.30 2.44
C GLY A 42 9.62 10.38 3.40
N GLY A 43 9.82 10.06 4.69
CA GLY A 43 10.21 11.04 5.71
C GLY A 43 9.08 11.99 6.11
N SER A 44 7.84 11.48 6.15
CA SER A 44 6.61 12.27 6.38
C SER A 44 6.42 12.60 7.86
N CYS A 45 7.15 13.60 8.36
CA CYS A 45 7.60 13.73 9.75
C CYS A 45 8.44 12.51 10.15
N ALA A 46 7.81 11.42 10.60
CA ALA A 46 8.41 10.08 10.61
C ALA A 46 7.70 9.16 9.60
N CYS A 47 6.40 8.96 9.77
CA CYS A 47 5.52 8.18 8.90
C CYS A 47 4.08 8.73 8.92
N SER A 48 3.24 8.32 7.99
CA SER A 48 1.87 8.85 7.82
C SER A 48 0.77 7.83 8.19
N THR A 49 -0.49 8.17 7.97
CA THR A 49 -1.72 7.42 8.31
C THR A 49 -2.02 6.20 7.42
N CYS A 50 -1.06 5.75 6.60
CA CYS A 50 -1.28 4.89 5.43
C CYS A 50 -2.13 3.64 5.70
N HIS A 51 -2.87 3.21 4.69
CA HIS A 51 -3.73 2.04 4.73
C HIS A 51 -3.91 1.46 3.31
N VAL A 52 -3.60 0.17 3.12
CA VAL A 52 -3.94 -0.59 1.91
C VAL A 52 -4.94 -1.66 2.27
N ILE A 53 -5.78 -2.03 1.32
CA ILE A 53 -6.60 -3.22 1.44
C ILE A 53 -6.47 -4.11 0.21
N VAL A 54 -6.22 -5.39 0.48
CA VAL A 54 -5.90 -6.40 -0.51
C VAL A 54 -7.11 -7.22 -0.94
N ASP A 55 -6.98 -7.79 -2.13
CA ASP A 55 -7.82 -8.91 -2.57
C ASP A 55 -7.78 -10.07 -1.53
N PRO A 56 -8.92 -10.73 -1.22
CA PRO A 56 -8.93 -11.93 -0.36
C PRO A 56 -8.14 -13.13 -0.89
N ASP A 57 -7.75 -13.12 -2.18
CA ASP A 57 -6.83 -14.08 -2.79
C ASP A 57 -5.41 -13.83 -2.29
N TYR A 58 -4.94 -12.57 -2.24
CA TYR A 58 -3.53 -12.30 -2.03
C TYR A 58 -3.16 -12.00 -0.57
N TYR A 59 -4.10 -11.47 0.24
CA TYR A 59 -3.91 -11.41 1.72
C TYR A 59 -3.50 -12.73 2.31
N ASP A 60 -3.98 -13.79 1.68
CA ASP A 60 -4.02 -15.06 2.37
C ASP A 60 -2.61 -15.71 2.44
N ALA A 61 -1.66 -15.05 1.80
CA ALA A 61 -0.23 -15.34 1.73
C ALA A 61 0.64 -14.18 2.26
N LEU A 62 0.02 -13.18 2.90
CA LEU A 62 0.73 -11.99 3.42
C LEU A 62 1.22 -12.12 4.88
N PRO A 63 2.39 -11.56 5.22
CA PRO A 63 2.85 -11.40 6.61
C PRO A 63 2.09 -10.27 7.33
N GLU A 64 2.08 -10.30 8.66
CA GLU A 64 1.69 -9.19 9.54
C GLU A 64 2.82 -8.19 9.76
N PRO A 65 2.51 -6.96 10.21
CA PRO A 65 3.51 -5.95 10.56
C PRO A 65 4.08 -6.06 11.98
N GLU A 66 5.12 -5.28 12.23
CA GLU A 66 5.50 -4.79 13.57
C GLU A 66 4.40 -3.97 14.27
N ASP A 67 4.58 -3.79 15.58
CA ASP A 67 3.69 -3.01 16.46
C ASP A 67 3.62 -1.50 16.12
N ASP A 68 4.61 -0.97 15.40
CA ASP A 68 4.57 0.38 14.84
C ASP A 68 3.71 0.42 13.58
N GLU A 69 3.80 -0.64 12.77
CA GLU A 69 3.26 -0.69 11.40
C GLU A 69 1.81 -1.21 11.30
N ASN A 70 1.26 -1.91 12.31
CA ASN A 70 -0.22 -2.04 12.49
C ASN A 70 -0.86 -0.79 13.09
N ASP A 71 -0.10 0.04 13.81
CA ASP A 71 -0.66 1.20 14.49
C ASP A 71 -0.85 2.40 13.57
N MET A 72 -0.17 2.47 12.41
CA MET A 72 -0.36 3.54 11.39
C MET A 72 -1.73 3.46 10.71
N LEU A 73 -2.27 2.23 10.67
CA LEU A 73 -3.43 1.81 9.88
C LEU A 73 -4.72 2.11 10.64
N ASP A 74 -4.81 1.59 11.87
CA ASP A 74 -5.86 1.87 12.85
C ASP A 74 -6.06 3.35 13.21
N LEU A 75 -5.19 4.26 12.75
CA LEU A 75 -5.46 5.70 12.80
C LEU A 75 -6.61 6.11 11.87
N ALA A 76 -6.96 5.28 10.89
CA ALA A 76 -8.21 5.31 10.14
C ALA A 76 -9.24 4.34 10.76
N TYR A 77 -10.45 4.82 11.03
CA TYR A 77 -11.53 4.00 11.62
C TYR A 77 -11.93 2.85 10.70
N GLY A 78 -12.43 1.77 11.30
CA GLY A 78 -13.20 0.78 10.57
C GLY A 78 -12.37 -0.18 9.70
N LEU A 79 -11.15 -0.47 10.13
CA LEU A 79 -10.14 -1.23 9.39
C LEU A 79 -10.56 -2.66 9.02
N THR A 80 -10.47 -2.99 7.72
CA THR A 80 -11.20 -4.07 7.04
C THR A 80 -10.53 -5.43 7.21
N GLU A 81 -11.26 -6.50 6.90
CA GLU A 81 -10.84 -7.91 7.04
C GLU A 81 -9.63 -8.31 6.18
N THR A 82 -9.23 -7.49 5.20
CA THR A 82 -7.99 -7.62 4.41
C THR A 82 -7.21 -6.30 4.33
N SER A 83 -7.45 -5.38 5.27
CA SER A 83 -6.67 -4.14 5.35
C SER A 83 -5.34 -4.42 6.05
N ARG A 84 -4.25 -3.90 5.49
CA ARG A 84 -2.85 -4.34 5.71
C ARG A 84 -1.87 -3.17 5.82
N LEU A 85 -0.64 -3.46 6.24
CA LEU A 85 0.40 -2.45 6.53
C LEU A 85 0.66 -1.46 5.38
N GLY A 86 0.45 -0.19 5.68
CA GLY A 86 -0.47 0.66 4.90
C GLY A 86 0.06 1.19 3.59
N CYS A 87 1.38 1.24 3.47
CA CYS A 87 2.09 1.47 2.24
C CYS A 87 3.34 0.56 2.15
N GLN A 88 3.48 -0.41 3.07
CA GLN A 88 4.78 -0.89 3.58
C GLN A 88 5.06 -2.39 3.35
N ILE A 89 4.04 -3.19 3.01
CA ILE A 89 4.22 -4.54 2.43
C ILE A 89 4.81 -4.42 1.00
N LYS A 90 5.40 -5.50 0.49
CA LYS A 90 6.26 -5.56 -0.71
C LYS A 90 5.82 -6.67 -1.69
N MET A 91 6.41 -6.68 -2.88
CA MET A 91 6.25 -7.73 -3.88
C MET A 91 7.12 -8.97 -3.56
N SER A 92 6.58 -10.14 -3.86
CA SER A 92 7.08 -11.48 -3.49
C SER A 92 6.62 -12.52 -4.52
N LYS A 93 7.16 -13.76 -4.56
CA LYS A 93 6.72 -14.76 -5.55
C LYS A 93 5.22 -15.12 -5.52
N ASP A 94 4.55 -14.97 -4.38
CA ASP A 94 3.13 -15.30 -4.20
C ASP A 94 2.19 -14.30 -4.90
N ILE A 95 2.70 -13.10 -5.19
CA ILE A 95 1.89 -11.93 -5.55
C ILE A 95 1.51 -11.86 -7.02
N ASP A 96 1.80 -12.89 -7.82
CA ASP A 96 1.72 -12.89 -9.28
C ASP A 96 0.28 -12.63 -9.78
N GLY A 97 -0.08 -11.34 -9.78
CA GLY A 97 -1.43 -10.81 -10.07
C GLY A 97 -2.14 -10.01 -8.94
N ILE A 98 -1.43 -9.62 -7.88
CA ILE A 98 -1.96 -8.97 -6.67
C ILE A 98 -2.73 -7.66 -6.92
N ARG A 99 -3.74 -7.39 -6.10
CA ARG A 99 -4.45 -6.11 -6.03
C ARG A 99 -4.36 -5.51 -4.65
N VAL A 100 -4.41 -4.19 -4.61
CA VAL A 100 -4.88 -3.46 -3.44
C VAL A 100 -5.77 -2.27 -3.83
N ALA A 101 -6.62 -1.85 -2.91
CA ALA A 101 -7.09 -0.47 -2.86
C ALA A 101 -6.27 0.32 -1.83
N LEU A 102 -6.28 1.63 -1.98
CA LEU A 102 -5.20 2.52 -1.56
C LEU A 102 -5.72 3.65 -0.64
N PRO A 103 -4.82 4.34 0.10
CA PRO A 103 -5.23 5.31 1.12
C PRO A 103 -6.01 6.49 0.54
N GLN A 104 -7.03 6.92 1.29
CA GLN A 104 -8.07 7.83 0.82
C GLN A 104 -8.20 9.15 1.62
N MET A 105 -7.28 9.38 2.57
CA MET A 105 -7.16 10.59 3.42
C MET A 105 -5.79 11.27 3.19
N THR A 106 -5.71 12.60 3.34
CA THR A 106 -4.46 13.41 3.27
C THR A 106 -3.98 13.78 4.68
N ARG A 107 -3.82 12.76 5.53
CA ARG A 107 -3.59 12.82 6.99
C ARG A 107 -4.32 13.99 7.69
N ASN A 108 -5.61 13.79 7.95
CA ASN A 108 -6.43 14.65 8.82
C ASN A 108 -6.37 14.26 10.31
N VAL A 109 -5.80 13.09 10.65
CA VAL A 109 -5.42 12.71 12.02
C VAL A 109 -4.17 13.46 12.48
N ASN A 110 -4.08 13.79 13.77
CA ASN A 110 -2.98 14.61 14.30
C ASN A 110 -1.64 13.83 14.37
N ASN A 111 -0.53 14.52 14.58
CA ASN A 111 0.85 14.02 14.52
C ASN A 111 1.68 14.45 15.75
N ASN A 112 2.75 13.73 16.06
CA ASN A 112 3.68 14.05 17.15
C ASN A 112 5.11 14.22 16.61
N ASP A 113 5.64 15.43 16.78
CA ASP A 113 7.03 15.79 16.44
C ASP A 113 8.06 15.05 17.31
N PHE A 114 9.33 15.05 16.89
CA PHE A 114 10.43 14.49 17.68
C PHE A 114 10.57 15.17 19.05
N SER A 115 11.09 14.44 20.04
CA SER A 115 11.17 14.83 21.46
C SER A 115 12.30 15.83 21.71
FE1 FES B . 5.32 5.01 6.29
FE2 FES B . 3.29 3.96 5.26
S1 FES B . 4.83 2.88 6.38
S2 FES B . 3.57 6.11 5.59
N GLY A 1 12.82 -12.32 -17.40
CA GLY A 1 12.54 -13.26 -16.31
C GLY A 1 12.10 -12.52 -15.06
N GLU A 2 11.26 -13.16 -14.24
CA GLU A 2 10.69 -12.62 -13.00
C GLU A 2 9.86 -11.34 -13.20
N GLU A 3 8.80 -11.44 -14.02
CA GLU A 3 7.84 -10.36 -14.27
C GLU A 3 6.60 -10.51 -13.37
N LEU A 4 6.22 -9.44 -12.67
CA LEU A 4 4.97 -9.33 -11.89
C LEU A 4 4.15 -8.12 -12.36
N LYS A 5 2.89 -8.04 -11.93
CA LYS A 5 2.06 -6.82 -11.99
C LYS A 5 1.36 -6.57 -10.65
N ILE A 6 0.96 -5.31 -10.44
CA ILE A 6 0.32 -4.77 -9.24
C ILE A 6 -0.88 -3.92 -9.67
N THR A 7 -2.04 -4.16 -9.06
CA THR A 7 -3.24 -3.34 -9.27
C THR A 7 -3.50 -2.47 -8.06
N PHE A 8 -3.71 -1.19 -8.31
CA PHE A 8 -4.07 -0.24 -7.28
C PHE A 8 -5.42 0.41 -7.56
N ILE A 9 -6.21 0.67 -6.51
CA ILE A 9 -7.40 1.51 -6.60
C ILE A 9 -6.99 2.98 -6.49
N LEU A 10 -7.43 3.80 -7.44
CA LEU A 10 -7.17 5.23 -7.53
C LEU A 10 -8.04 6.06 -6.57
N LYS A 11 -7.60 7.28 -6.25
CA LYS A 11 -8.49 8.33 -5.69
C LYS A 11 -9.66 8.66 -6.64
N ASP A 12 -9.46 8.53 -7.95
CA ASP A 12 -10.51 8.62 -8.98
C ASP A 12 -11.39 7.34 -9.09
N GLY A 13 -11.15 6.32 -8.25
CA GLY A 13 -11.87 5.03 -8.21
C GLY A 13 -11.57 4.05 -9.35
N SER A 14 -10.74 4.43 -10.32
CA SER A 14 -10.19 3.52 -11.33
C SER A 14 -9.27 2.47 -10.71
N GLN A 15 -9.02 1.40 -11.45
CA GLN A 15 -7.98 0.41 -11.19
C GLN A 15 -6.92 0.53 -12.26
N LYS A 16 -5.67 0.47 -11.83
CA LYS A 16 -4.51 0.67 -12.69
C LYS A 16 -3.50 -0.42 -12.42
N THR A 17 -3.26 -1.14 -13.50
CA THR A 17 -2.47 -2.36 -13.58
C THR A 17 -1.05 -2.08 -14.07
N TYR A 18 -0.07 -2.12 -13.16
CA TYR A 18 1.31 -1.75 -13.48
C TYR A 18 2.28 -2.92 -13.35
N GLU A 19 3.28 -3.01 -14.25
CA GLU A 19 4.27 -4.09 -14.24
C GLU A 19 5.53 -3.71 -13.45
N VAL A 20 5.90 -4.58 -12.50
CA VAL A 20 7.03 -4.45 -11.58
C VAL A 20 7.72 -5.80 -11.36
N CYS A 21 8.70 -5.85 -10.46
CA CYS A 21 9.39 -7.06 -10.02
C CYS A 21 9.10 -7.39 -8.55
N GLU A 22 9.71 -8.46 -8.05
CA GLU A 22 9.61 -8.93 -6.67
C GLU A 22 10.47 -8.09 -5.69
N GLY A 23 10.07 -7.97 -4.43
CA GLY A 23 10.77 -7.17 -3.41
C GLY A 23 10.52 -5.65 -3.48
N GLU A 24 9.78 -5.17 -4.47
CA GLU A 24 9.30 -3.78 -4.56
C GLU A 24 8.21 -3.53 -3.48
N THR A 25 8.17 -2.33 -2.89
CA THR A 25 7.29 -1.98 -1.76
C THR A 25 6.02 -1.29 -2.26
N ILE A 26 4.86 -1.51 -1.65
CA ILE A 26 3.57 -1.12 -2.28
C ILE A 26 3.34 0.41 -2.32
N LEU A 27 3.76 1.17 -1.32
CA LEU A 27 3.75 2.64 -1.35
C LEU A 27 4.95 3.20 -2.13
N ASP A 28 6.08 2.48 -2.15
CA ASP A 28 7.20 2.73 -3.10
C ASP A 28 6.78 2.55 -4.57
N ILE A 29 5.85 1.65 -4.92
CA ILE A 29 5.30 1.59 -6.29
C ILE A 29 4.24 2.67 -6.46
N ALA A 30 3.45 2.98 -5.44
CA ALA A 30 2.43 4.02 -5.56
C ALA A 30 3.04 5.41 -5.87
N GLN A 31 4.11 5.78 -5.16
CA GLN A 31 4.92 6.97 -5.44
C GLN A 31 5.89 6.77 -6.61
N GLY A 32 6.59 5.63 -6.70
CA GLY A 32 7.54 5.35 -7.79
C GLY A 32 6.90 5.27 -9.18
N HIS A 33 5.60 5.00 -9.28
CA HIS A 33 4.83 5.04 -10.53
C HIS A 33 3.96 6.30 -10.70
N ASN A 34 3.90 7.14 -9.66
CA ASN A 34 3.04 8.33 -9.59
C ASN A 34 1.59 8.04 -9.96
N LEU A 35 1.02 7.13 -9.16
CA LEU A 35 -0.45 6.92 -9.07
C LEU A 35 -1.21 8.20 -8.69
N ASP A 36 -2.46 8.31 -9.15
CA ASP A 36 -3.45 9.29 -8.67
C ASP A 36 -4.05 8.82 -7.36
N MET A 37 -3.22 9.04 -6.34
CA MET A 37 -3.38 8.56 -4.99
C MET A 37 -2.59 9.52 -4.09
N GLU A 38 -3.16 9.93 -2.95
CA GLU A 38 -2.51 10.87 -2.02
C GLU A 38 -2.13 10.28 -0.64
N GLY A 39 -0.82 10.13 -0.43
CA GLY A 39 -0.20 9.79 0.84
C GLY A 39 1.32 9.99 0.83
N ALA A 40 1.85 10.65 1.86
CA ALA A 40 3.24 11.13 1.95
C ALA A 40 4.27 10.13 2.51
N CYS A 41 3.93 8.83 2.66
CA CYS A 41 4.79 7.83 3.30
C CYS A 41 5.74 7.13 2.29
N GLY A 42 5.86 5.79 2.33
CA GLY A 42 6.66 5.02 1.35
C GLY A 42 8.15 5.32 1.41
N GLY A 43 8.72 5.39 2.61
CA GLY A 43 10.12 5.75 2.88
C GLY A 43 10.28 7.19 3.36
N SER A 44 9.37 7.70 4.19
CA SER A 44 9.39 9.04 4.78
C SER A 44 9.52 8.95 6.30
N CYS A 45 10.66 9.40 6.83
CA CYS A 45 10.96 9.50 8.27
C CYS A 45 10.53 8.25 9.08
N ALA A 46 9.80 8.43 10.18
CA ALA A 46 9.39 7.37 11.10
C ALA A 46 8.11 6.63 10.64
N CYS A 47 7.83 6.56 9.34
CA CYS A 47 6.51 6.27 8.78
C CYS A 47 5.43 7.31 9.17
N SER A 48 4.33 7.28 8.41
CA SER A 48 3.29 8.33 8.38
C SER A 48 1.89 7.75 8.69
N THR A 49 0.84 8.56 8.51
CA THR A 49 -0.58 8.18 8.69
C THR A 49 -1.17 7.22 7.63
N CYS A 50 -0.31 6.68 6.78
CA CYS A 50 -0.59 5.97 5.53
C CYS A 50 -1.18 4.56 5.71
N HIS A 51 -1.91 4.07 4.70
CA HIS A 51 -2.63 2.80 4.76
C HIS A 51 -2.93 2.12 3.41
N VAL A 52 -2.63 0.81 3.33
CA VAL A 52 -3.10 -0.13 2.28
C VAL A 52 -4.00 -1.23 2.83
N ILE A 53 -4.78 -1.82 1.93
CA ILE A 53 -5.46 -3.09 2.09
C ILE A 53 -5.37 -3.92 0.80
N VAL A 54 -5.24 -5.25 0.93
CA VAL A 54 -5.16 -6.25 -0.14
C VAL A 54 -6.47 -6.96 -0.46
N ASP A 55 -6.51 -7.53 -1.65
CA ASP A 55 -7.35 -8.70 -1.96
C ASP A 55 -7.11 -9.88 -0.98
N PRO A 56 -8.14 -10.61 -0.51
CA PRO A 56 -7.97 -11.88 0.21
C PRO A 56 -7.21 -12.98 -0.56
N ASP A 57 -7.05 -12.86 -1.88
CA ASP A 57 -6.23 -13.77 -2.69
C ASP A 57 -4.72 -13.57 -2.46
N TYR A 58 -4.27 -12.34 -2.20
CA TYR A 58 -2.85 -11.97 -2.17
C TYR A 58 -2.37 -11.37 -0.84
N TYR A 59 -3.24 -11.46 0.16
CA TYR A 59 -2.88 -11.58 1.59
C TYR A 59 -2.58 -13.01 2.03
N ASP A 60 -3.06 -14.03 1.31
CA ASP A 60 -3.15 -15.35 1.94
C ASP A 60 -1.78 -15.94 2.31
N ALA A 61 -0.77 -15.38 1.65
CA ALA A 61 0.64 -15.73 1.74
C ALA A 61 1.38 -14.96 2.85
N LEU A 62 0.65 -14.14 3.62
CA LEU A 62 1.22 -13.02 4.40
C LEU A 62 0.84 -13.05 5.90
N PRO A 63 1.74 -12.63 6.81
CA PRO A 63 1.47 -12.35 8.23
C PRO A 63 0.72 -11.01 8.41
N GLU A 64 0.30 -10.69 9.63
CA GLU A 64 -0.21 -9.35 9.99
C GLU A 64 0.91 -8.40 10.50
N PRO A 65 0.72 -7.06 10.39
CA PRO A 65 1.68 -6.05 10.84
C PRO A 65 2.12 -6.15 12.32
N GLU A 66 3.26 -5.54 12.63
CA GLU A 66 3.61 -5.12 13.99
C GLU A 66 2.54 -4.16 14.53
N ASP A 67 2.40 -4.05 15.85
CA ASP A 67 1.40 -3.17 16.47
C ASP A 67 1.63 -1.67 16.18
N ASP A 68 2.88 -1.26 15.89
CA ASP A 68 3.29 0.10 15.54
C ASP A 68 3.18 0.35 14.02
N GLU A 69 3.04 -0.70 13.22
CA GLU A 69 2.60 -0.64 11.83
C GLU A 69 1.06 -0.55 11.78
N ASN A 70 0.35 -1.48 12.44
CA ASN A 70 -1.11 -1.58 12.45
C ASN A 70 -1.85 -0.35 13.03
N ASP A 71 -1.17 0.48 13.82
CA ASP A 71 -1.71 1.74 14.38
C ASP A 71 -1.90 2.81 13.31
N MET A 72 -0.99 2.85 12.31
CA MET A 72 -1.00 3.74 11.13
C MET A 72 -2.20 3.44 10.23
N LEU A 73 -2.63 2.18 10.24
CA LEU A 73 -3.70 1.64 9.41
C LEU A 73 -5.07 2.02 9.99
N ASP A 74 -5.30 1.77 11.29
CA ASP A 74 -6.51 2.17 12.02
C ASP A 74 -6.78 3.69 12.03
N LEU A 75 -5.85 4.54 11.59
CA LEU A 75 -6.12 5.98 11.39
C LEU A 75 -7.10 6.23 10.25
N ALA A 76 -7.27 5.26 9.34
CA ALA A 76 -8.38 5.20 8.40
C ALA A 76 -9.71 4.86 9.09
N TYR A 77 -10.83 5.36 8.55
CA TYR A 77 -12.15 4.82 8.85
C TYR A 77 -12.29 3.40 8.31
N GLY A 78 -12.85 2.51 9.13
CA GLY A 78 -13.48 1.30 8.62
C GLY A 78 -12.53 0.23 8.10
N LEU A 79 -11.35 0.09 8.74
CA LEU A 79 -10.28 -0.85 8.39
C LEU A 79 -10.74 -2.32 8.30
N THR A 80 -10.11 -3.09 7.40
CA THR A 80 -10.45 -4.48 7.06
C THR A 80 -9.37 -5.45 7.51
N GLU A 81 -9.73 -6.73 7.60
CA GLU A 81 -8.84 -7.78 8.12
C GLU A 81 -7.71 -8.19 7.15
N THR A 82 -7.65 -7.58 5.96
CA THR A 82 -6.54 -7.72 5.02
C THR A 82 -5.73 -6.43 4.84
N SER A 83 -5.75 -5.54 5.84
CA SER A 83 -4.94 -4.35 5.85
C SER A 83 -3.42 -4.69 5.80
N ARG A 84 -2.63 -3.96 5.00
CA ARG A 84 -1.30 -4.42 4.56
C ARG A 84 -0.15 -3.72 5.31
N LEU A 85 0.92 -4.46 5.55
CA LEU A 85 1.67 -4.32 6.80
C LEU A 85 2.77 -3.24 6.72
N GLY A 86 2.56 -2.14 7.46
CA GLY A 86 3.44 -0.96 7.53
C GLY A 86 3.82 -0.35 6.17
N CYS A 87 3.17 -0.81 5.10
CA CYS A 87 3.49 -0.76 3.67
C CYS A 87 4.95 -1.02 3.24
N GLN A 88 5.85 -1.28 4.19
CA GLN A 88 7.20 -1.83 4.04
C GLN A 88 7.18 -3.30 3.57
N ILE A 89 6.02 -3.95 3.68
CA ILE A 89 5.72 -5.23 3.02
C ILE A 89 5.71 -5.08 1.49
N LYS A 90 6.09 -6.14 0.78
CA LYS A 90 6.52 -6.07 -0.63
C LYS A 90 5.76 -6.99 -1.61
N MET A 91 6.22 -6.99 -2.85
CA MET A 91 5.89 -7.97 -3.89
C MET A 91 6.60 -9.32 -3.64
N SER A 92 5.91 -10.44 -3.86
CA SER A 92 6.45 -11.82 -3.78
C SER A 92 6.06 -12.64 -5.01
N LYS A 93 6.43 -13.93 -5.08
CA LYS A 93 6.05 -14.83 -6.19
C LYS A 93 4.63 -15.40 -6.11
N ASP A 94 4.04 -15.50 -4.91
CA ASP A 94 2.66 -16.00 -4.71
C ASP A 94 1.60 -15.04 -5.29
N ILE A 95 1.88 -13.75 -5.27
CA ILE A 95 0.98 -12.63 -5.53
C ILE A 95 0.88 -12.26 -7.00
N ASP A 96 1.05 -13.24 -7.88
CA ASP A 96 1.24 -13.02 -9.30
C ASP A 96 -0.09 -12.59 -9.96
N GLY A 97 -0.39 -11.30 -9.80
CA GLY A 97 -1.70 -10.67 -10.05
C GLY A 97 -2.33 -9.85 -8.89
N ILE A 98 -1.54 -9.51 -7.86
CA ILE A 98 -1.94 -8.74 -6.67
C ILE A 98 -2.78 -7.49 -6.94
N ARG A 99 -3.65 -7.18 -5.96
CA ARG A 99 -4.37 -5.91 -5.84
C ARG A 99 -4.16 -5.32 -4.46
N VAL A 100 -4.26 -4.00 -4.37
CA VAL A 100 -4.59 -3.31 -3.14
C VAL A 100 -5.48 -2.09 -3.35
N ALA A 101 -6.12 -1.60 -2.29
CA ALA A 101 -6.69 -0.25 -2.22
C ALA A 101 -5.87 0.62 -1.24
N LEU A 102 -5.97 1.94 -1.40
CA LEU A 102 -4.94 2.92 -1.06
C LEU A 102 -5.50 4.11 -0.25
N PRO A 103 -4.65 5.03 0.27
CA PRO A 103 -5.12 6.19 1.06
C PRO A 103 -5.74 7.29 0.21
N GLN A 104 -6.46 8.21 0.85
CA GLN A 104 -7.19 9.32 0.24
C GLN A 104 -6.63 10.70 0.67
N MET A 105 -6.14 10.83 1.91
CA MET A 105 -5.34 11.98 2.38
C MET A 105 -4.55 11.63 3.66
N THR A 106 -3.23 11.44 3.53
CA THR A 106 -2.34 11.00 4.64
C THR A 106 -0.98 11.73 4.64
N ARG A 107 -0.86 12.78 5.47
CA ARG A 107 0.24 13.78 5.51
C ARG A 107 0.51 14.51 4.18
N ASN A 108 1.26 15.61 4.25
CA ASN A 108 1.50 16.59 3.17
C ASN A 108 0.24 17.02 2.37
N VAL A 109 -0.93 17.07 3.03
CA VAL A 109 -2.23 17.03 2.35
C VAL A 109 -2.57 18.30 1.56
N ASN A 110 -2.38 19.48 2.17
CA ASN A 110 -2.61 20.78 1.54
C ASN A 110 -1.39 21.21 0.71
N ASN A 111 -1.62 21.69 -0.52
CA ASN A 111 -0.56 22.06 -1.48
C ASN A 111 0.52 20.97 -1.62
N ASN A 112 0.05 19.74 -1.83
CA ASN A 112 0.83 18.50 -1.76
C ASN A 112 2.04 18.54 -2.71
N ASP A 113 3.24 18.28 -2.20
CA ASP A 113 4.48 18.24 -3.01
C ASP A 113 4.74 16.87 -3.68
N PHE A 114 3.84 15.91 -3.45
CA PHE A 114 3.82 14.56 -4.00
C PHE A 114 5.11 13.75 -3.74
N SER A 115 5.21 12.60 -4.42
CA SER A 115 6.28 11.61 -4.39
C SER A 115 7.67 12.19 -4.19
FE1 FES B . 4.44 4.03 6.07
FE2 FES B . 2.40 3.16 4.81
S1 FES B . 2.47 3.66 6.94
S2 FES B . 4.43 3.39 3.98
N GLY A 1 11.92 -3.13 -17.10
CA GLY A 1 12.17 -4.57 -17.22
C GLY A 1 11.23 -5.31 -16.30
N GLU A 2 10.32 -6.10 -16.87
CA GLU A 2 9.15 -6.66 -16.17
C GLU A 2 9.39 -8.08 -15.63
N GLU A 3 8.79 -8.41 -14.48
CA GLU A 3 8.77 -9.79 -13.96
C GLU A 3 7.43 -10.13 -13.29
N LEU A 4 6.86 -9.18 -12.55
CA LEU A 4 5.60 -9.27 -11.81
C LEU A 4 4.67 -8.08 -12.19
N LYS A 5 3.44 -8.08 -11.67
CA LYS A 5 2.46 -6.99 -11.87
C LYS A 5 1.59 -6.76 -10.63
N ILE A 6 1.17 -5.51 -10.44
CA ILE A 6 0.46 -4.98 -9.27
C ILE A 6 -0.73 -4.15 -9.76
N THR A 7 -1.93 -4.50 -9.33
CA THR A 7 -3.13 -3.68 -9.56
C THR A 7 -3.45 -2.87 -8.33
N PHE A 8 -3.72 -1.58 -8.55
CA PHE A 8 -4.24 -0.66 -7.56
C PHE A 8 -5.61 -0.13 -7.98
N ILE A 9 -6.56 -0.18 -7.04
CA ILE A 9 -7.81 0.58 -7.11
C ILE A 9 -7.56 1.95 -6.51
N LEU A 10 -7.93 3.01 -7.22
CA LEU A 10 -7.53 4.38 -6.95
C LEU A 10 -8.38 5.07 -5.89
N LYS A 11 -7.86 6.18 -5.32
CA LYS A 11 -8.63 7.12 -4.48
C LYS A 11 -9.83 7.79 -5.17
N ASP A 12 -9.87 7.75 -6.51
CA ASP A 12 -11.06 8.12 -7.31
C ASP A 12 -11.91 6.93 -7.78
N GLY A 13 -11.50 5.69 -7.53
CA GLY A 13 -12.21 4.47 -7.95
C GLY A 13 -11.89 3.97 -9.36
N SER A 14 -10.87 4.52 -10.04
CA SER A 14 -10.27 3.84 -11.21
C SER A 14 -9.54 2.55 -10.79
N GLN A 15 -9.23 1.67 -11.73
CA GLN A 15 -8.23 0.60 -11.60
C GLN A 15 -7.08 0.84 -12.54
N LYS A 16 -5.90 0.53 -12.03
CA LYS A 16 -4.65 0.66 -12.74
C LYS A 16 -3.79 -0.55 -12.43
N THR A 17 -3.40 -1.24 -13.48
CA THR A 17 -2.50 -2.41 -13.41
C THR A 17 -1.13 -2.13 -14.04
N TYR A 18 -0.09 -2.25 -13.23
CA TYR A 18 1.28 -1.79 -13.52
C TYR A 18 2.27 -2.96 -13.42
N GLU A 19 3.37 -2.90 -14.18
CA GLU A 19 4.43 -3.93 -14.19
C GLU A 19 5.67 -3.54 -13.35
N VAL A 20 6.08 -4.43 -12.45
CA VAL A 20 7.14 -4.23 -11.44
C VAL A 20 8.02 -5.49 -11.27
N CYS A 21 8.93 -5.44 -10.30
CA CYS A 21 9.83 -6.52 -9.91
C CYS A 21 9.69 -6.89 -8.41
N GLU A 22 10.32 -7.99 -8.01
CA GLU A 22 10.27 -8.56 -6.67
C GLU A 22 10.94 -7.66 -5.60
N GLY A 23 10.46 -7.71 -4.36
CA GLY A 23 10.94 -6.93 -3.22
C GLY A 23 10.39 -5.50 -3.15
N GLU A 24 9.75 -4.99 -4.21
CA GLU A 24 9.17 -3.65 -4.24
C GLU A 24 7.94 -3.53 -3.32
N THR A 25 7.85 -2.43 -2.55
CA THR A 25 6.86 -2.21 -1.48
C THR A 25 5.62 -1.49 -2.01
N ILE A 26 4.45 -1.72 -1.43
CA ILE A 26 3.18 -1.23 -2.00
C ILE A 26 3.07 0.30 -2.07
N LEU A 27 3.43 1.06 -1.01
CA LEU A 27 3.45 2.53 -1.10
C LEU A 27 4.68 3.03 -1.88
N ASP A 28 5.79 2.29 -1.85
CA ASP A 28 6.97 2.55 -2.69
C ASP A 28 6.67 2.40 -4.19
N ILE A 29 5.75 1.52 -4.61
CA ILE A 29 5.26 1.46 -6.00
C ILE A 29 4.26 2.58 -6.22
N ALA A 30 3.36 2.86 -5.28
CA ALA A 30 2.32 3.86 -5.49
C ALA A 30 2.91 5.27 -5.77
N GLN A 31 3.85 5.72 -4.93
CA GLN A 31 4.62 6.95 -5.13
C GLN A 31 5.89 6.80 -5.96
N GLY A 32 6.43 5.60 -6.21
CA GLY A 32 7.50 5.43 -7.20
C GLY A 32 6.99 5.44 -8.63
N HIS A 33 5.75 5.04 -8.88
CA HIS A 33 5.12 5.01 -10.20
C HIS A 33 4.23 6.22 -10.47
N ASN A 34 4.07 7.07 -9.45
CA ASN A 34 3.26 8.28 -9.42
C ASN A 34 1.81 8.04 -9.87
N LEU A 35 1.20 7.04 -9.21
CA LEU A 35 -0.26 6.81 -9.26
C LEU A 35 -1.02 8.07 -8.81
N ASP A 36 -2.23 8.26 -9.34
CA ASP A 36 -3.14 9.31 -8.87
C ASP A 36 -3.75 8.90 -7.54
N MET A 37 -2.94 9.12 -6.51
CA MET A 37 -3.07 8.60 -5.16
C MET A 37 -2.45 9.66 -4.24
N GLU A 38 -3.22 10.14 -3.27
CA GLU A 38 -2.80 11.28 -2.42
C GLU A 38 -2.46 10.82 -0.98
N GLY A 39 -1.17 10.59 -0.73
CA GLY A 39 -0.59 10.25 0.58
C GLY A 39 0.94 10.21 0.51
N ALA A 40 1.63 10.82 1.48
CA ALA A 40 3.08 11.05 1.42
C ALA A 40 3.97 9.81 1.64
N CYS A 41 3.41 8.67 2.08
CA CYS A 41 4.17 7.43 2.24
C CYS A 41 4.86 6.98 0.93
N GLY A 42 6.00 6.31 1.04
CA GLY A 42 6.72 5.73 -0.11
C GLY A 42 7.53 6.73 -0.96
N GLY A 43 8.10 7.78 -0.37
CA GLY A 43 9.06 8.68 -1.03
C GLY A 43 8.75 10.18 -0.99
N SER A 44 8.03 10.67 0.03
CA SER A 44 7.83 12.10 0.29
C SER A 44 7.73 12.36 1.80
N CYS A 45 8.10 13.58 2.24
CA CYS A 45 7.93 14.06 3.62
C CYS A 45 8.52 13.08 4.66
N ALA A 46 7.70 12.54 5.58
CA ALA A 46 8.10 11.50 6.53
C ALA A 46 7.41 10.15 6.25
N CYS A 47 6.12 10.07 6.57
CA CYS A 47 5.19 8.95 6.31
C CYS A 47 3.74 9.41 6.57
N SER A 48 2.75 8.57 6.27
CA SER A 48 1.34 8.92 6.14
C SER A 48 0.41 7.86 6.76
N THR A 49 -0.88 7.86 6.39
CA THR A 49 -1.88 6.83 6.77
C THR A 49 -1.65 5.45 6.13
N CYS A 50 -0.57 5.25 5.35
CA CYS A 50 -0.09 3.95 4.85
C CYS A 50 -1.06 3.16 3.94
N HIS A 51 -2.18 3.74 3.52
CA HIS A 51 -3.43 2.97 3.55
C HIS A 51 -3.69 2.17 2.26
N VAL A 52 -3.45 0.85 2.38
CA VAL A 52 -3.88 -0.19 1.44
C VAL A 52 -4.79 -1.23 2.07
N ILE A 53 -5.46 -1.95 1.19
CA ILE A 53 -6.11 -3.22 1.44
C ILE A 53 -5.89 -4.15 0.24
N VAL A 54 -5.79 -5.45 0.49
CA VAL A 54 -5.59 -6.51 -0.51
C VAL A 54 -6.87 -7.23 -0.90
N ASP A 55 -6.84 -7.85 -2.09
CA ASP A 55 -7.77 -8.90 -2.47
C ASP A 55 -7.78 -10.01 -1.38
N PRO A 56 -8.96 -10.55 -0.98
CA PRO A 56 -9.06 -11.73 -0.11
C PRO A 56 -8.32 -12.97 -0.61
N ASP A 57 -7.97 -13.02 -1.90
CA ASP A 57 -7.13 -14.07 -2.50
C ASP A 57 -5.63 -13.89 -2.19
N TYR A 58 -5.04 -12.69 -2.30
CA TYR A 58 -3.60 -12.50 -2.15
C TYR A 58 -3.18 -12.16 -0.72
N TYR A 59 -4.11 -11.71 0.14
CA TYR A 59 -3.90 -11.71 1.61
C TYR A 59 -3.66 -13.10 2.15
N ASP A 60 -4.16 -14.12 1.45
CA ASP A 60 -4.44 -15.39 2.12
C ASP A 60 -3.14 -16.19 2.41
N ALA A 61 -2.02 -15.59 2.00
CA ALA A 61 -0.64 -16.01 2.15
C ALA A 61 0.14 -15.13 3.17
N LEU A 62 -0.49 -14.07 3.68
CA LEU A 62 0.17 -12.93 4.34
C LEU A 62 0.01 -12.87 5.89
N PRO A 63 1.06 -12.42 6.62
CA PRO A 63 1.02 -12.01 8.02
C PRO A 63 0.55 -10.56 8.21
N GLU A 64 0.20 -10.20 9.44
CA GLU A 64 0.03 -8.79 9.87
C GLU A 64 1.35 -8.19 10.43
N PRO A 65 1.60 -6.88 10.28
CA PRO A 65 2.90 -6.27 10.54
C PRO A 65 3.15 -5.96 12.02
N GLU A 66 4.38 -5.52 12.31
CA GLU A 66 4.87 -5.10 13.63
C GLU A 66 3.95 -4.12 14.35
N ASP A 67 3.98 -4.12 15.69
CA ASP A 67 3.19 -3.19 16.52
C ASP A 67 3.40 -1.70 16.18
N ASP A 68 4.59 -1.30 15.72
CA ASP A 68 4.89 0.10 15.38
C ASP A 68 4.50 0.44 13.92
N GLU A 69 4.26 -0.56 13.08
CA GLU A 69 3.66 -0.41 11.74
C GLU A 69 2.12 -0.53 11.80
N ASN A 70 1.58 -1.64 12.33
CA ASN A 70 0.14 -1.94 12.39
C ASN A 70 -0.71 -0.89 13.12
N ASP A 71 -0.08 -0.11 14.01
CA ASP A 71 -0.71 1.01 14.71
C ASP A 71 -1.03 2.16 13.76
N MET A 72 -0.11 2.48 12.83
CA MET A 72 -0.20 3.60 11.87
C MET A 72 -1.32 3.40 10.85
N LEU A 73 -1.78 2.16 10.69
CA LEU A 73 -2.87 1.75 9.82
C LEU A 73 -4.23 2.02 10.52
N ASP A 74 -4.42 1.46 11.72
CA ASP A 74 -5.61 1.64 12.57
C ASP A 74 -5.89 3.12 12.94
N LEU A 75 -4.98 4.06 12.71
CA LEU A 75 -5.24 5.50 12.84
C LEU A 75 -6.26 6.01 11.79
N ALA A 76 -6.45 5.27 10.69
CA ALA A 76 -7.51 5.46 9.72
C ALA A 76 -8.78 4.69 10.12
N TYR A 77 -9.96 5.30 9.91
CA TYR A 77 -11.27 4.73 10.25
C TYR A 77 -11.55 3.40 9.54
N GLY A 78 -12.13 2.46 10.29
CA GLY A 78 -12.88 1.36 9.70
C GLY A 78 -12.03 0.31 8.99
N LEU A 79 -10.82 0.07 9.49
CA LEU A 79 -9.80 -0.77 8.88
C LEU A 79 -10.26 -2.22 8.64
N THR A 80 -10.06 -2.70 7.41
CA THR A 80 -10.65 -3.93 6.86
C THR A 80 -9.90 -5.20 7.28
N GLU A 81 -10.57 -6.35 7.18
CA GLU A 81 -10.00 -7.66 7.48
C GLU A 81 -8.87 -8.10 6.52
N THR A 82 -8.62 -7.37 5.42
CA THR A 82 -7.44 -7.55 4.56
C THR A 82 -6.63 -6.27 4.37
N SER A 83 -6.78 -5.28 5.26
CA SER A 83 -6.03 -4.03 5.18
C SER A 83 -4.55 -4.21 5.55
N ARG A 84 -3.70 -3.39 4.93
CA ARG A 84 -2.27 -3.62 4.73
C ARG A 84 -1.46 -2.35 4.95
N LEU A 85 -0.16 -2.55 5.19
CA LEU A 85 0.85 -1.48 5.21
C LEU A 85 1.54 -1.27 3.84
N GLY A 86 2.19 -0.13 3.70
CA GLY A 86 3.01 0.27 2.57
C GLY A 86 4.54 0.18 2.74
N CYS A 87 5.03 -0.09 3.96
CA CYS A 87 6.42 0.16 4.35
C CYS A 87 7.34 -1.09 4.40
N GLN A 88 6.78 -2.28 4.63
CA GLN A 88 7.52 -3.56 4.62
C GLN A 88 6.99 -4.54 3.56
N ILE A 89 5.67 -4.76 3.47
CA ILE A 89 5.10 -5.83 2.64
C ILE A 89 5.28 -5.56 1.14
N LYS A 90 5.74 -6.59 0.41
CA LYS A 90 6.39 -6.45 -0.89
C LYS A 90 5.92 -7.44 -1.96
N MET A 91 6.33 -7.22 -3.21
CA MET A 91 6.20 -8.19 -4.28
C MET A 91 7.09 -9.43 -4.02
N SER A 92 6.57 -10.63 -4.25
CA SER A 92 7.23 -11.93 -4.10
C SER A 92 6.74 -12.89 -5.20
N LYS A 93 7.31 -14.10 -5.34
CA LYS A 93 6.83 -15.08 -6.34
C LYS A 93 5.35 -15.52 -6.13
N ASP A 94 4.77 -15.30 -4.95
CA ASP A 94 3.37 -15.58 -4.61
C ASP A 94 2.36 -14.64 -5.31
N ILE A 95 2.77 -13.41 -5.58
CA ILE A 95 1.91 -12.27 -5.93
C ILE A 95 1.51 -12.21 -7.40
N ASP A 96 1.87 -13.20 -8.21
CA ASP A 96 1.91 -13.09 -9.68
C ASP A 96 0.50 -12.91 -10.30
N GLY A 97 0.05 -11.65 -10.27
CA GLY A 97 -1.31 -11.17 -10.62
C GLY A 97 -2.10 -10.37 -9.56
N ILE A 98 -1.50 -10.05 -8.40
CA ILE A 98 -2.07 -9.35 -7.24
C ILE A 98 -2.80 -8.02 -7.47
N ARG A 99 -3.74 -7.74 -6.56
CA ARG A 99 -4.42 -6.45 -6.36
C ARG A 99 -4.27 -5.91 -4.95
N VAL A 100 -4.37 -4.60 -4.86
CA VAL A 100 -4.81 -3.88 -3.67
C VAL A 100 -5.77 -2.76 -4.04
N ALA A 101 -6.56 -2.27 -3.08
CA ALA A 101 -7.23 -0.99 -3.19
C ALA A 101 -6.56 0.05 -2.27
N LEU A 102 -6.50 1.32 -2.68
CA LEU A 102 -5.97 2.44 -1.90
C LEU A 102 -6.91 3.67 -1.88
N PRO A 103 -8.19 3.52 -1.48
CA PRO A 103 -9.12 4.65 -1.29
C PRO A 103 -8.57 5.72 -0.33
N GLN A 104 -9.14 6.93 -0.37
CA GLN A 104 -8.77 8.03 0.54
C GLN A 104 -9.39 7.84 1.95
N MET A 105 -9.09 6.70 2.58
CA MET A 105 -9.52 6.30 3.91
C MET A 105 -8.68 7.03 4.97
N THR A 106 -9.08 8.25 5.35
CA THR A 106 -8.32 9.21 6.20
C THR A 106 -7.01 9.73 5.59
N ARG A 107 -6.84 11.05 5.54
CA ARG A 107 -5.63 11.77 5.07
C ARG A 107 -4.79 12.27 6.26
N ASN A 108 -3.47 12.37 6.12
CA ASN A 108 -2.53 12.59 7.23
C ASN A 108 -2.32 14.08 7.60
N VAL A 109 -1.92 14.92 6.64
CA VAL A 109 -1.73 16.39 6.76
C VAL A 109 -1.04 16.83 8.07
N ASN A 110 0.19 16.36 8.31
CA ASN A 110 0.90 16.45 9.60
C ASN A 110 1.52 17.82 9.95
N ASN A 111 1.69 18.74 8.98
CA ASN A 111 2.33 20.05 9.14
C ASN A 111 3.71 20.04 9.85
N ASN A 112 4.48 18.95 9.72
CA ASN A 112 5.51 18.58 10.70
C ASN A 112 6.94 19.10 10.40
N ASP A 113 7.23 19.53 9.17
CA ASP A 113 8.49 20.15 8.69
C ASP A 113 9.76 19.28 8.78
N PHE A 114 10.68 19.47 7.82
CA PHE A 114 12.00 18.82 7.78
C PHE A 114 13.21 19.81 7.84
N SER A 115 12.95 21.06 8.23
CA SER A 115 13.91 22.15 8.53
C SER A 115 15.09 22.26 7.56
FE1 FES B . 4.35 4.81 5.69
FE2 FES B . 3.56 2.49 6.01
S1 FES B . 3.47 4.05 7.53
S2 FES B . 4.45 3.24 4.16
N GLY A 1 15.35 -8.64 -11.62
CA GLY A 1 14.07 -8.92 -10.96
C GLY A 1 13.15 -9.74 -11.86
N GLU A 2 12.21 -10.46 -11.26
CA GLU A 2 11.21 -11.28 -12.00
C GLU A 2 10.10 -10.40 -12.65
N GLU A 3 9.29 -10.96 -13.56
CA GLU A 3 8.24 -10.22 -14.29
C GLU A 3 6.84 -10.39 -13.66
N LEU A 4 6.44 -9.42 -12.81
CA LEU A 4 5.20 -9.42 -12.03
C LEU A 4 4.33 -8.16 -12.34
N LYS A 5 3.14 -8.06 -11.74
CA LYS A 5 2.24 -6.88 -11.81
C LYS A 5 1.67 -6.52 -10.44
N ILE A 6 1.14 -5.30 -10.29
CA ILE A 6 0.37 -4.80 -9.15
C ILE A 6 -0.85 -4.02 -9.67
N THR A 7 -2.04 -4.35 -9.18
CA THR A 7 -3.24 -3.51 -9.33
C THR A 7 -3.46 -2.70 -8.07
N PHE A 8 -3.73 -1.42 -8.26
CA PHE A 8 -4.19 -0.53 -7.21
C PHE A 8 -5.60 0.01 -7.54
N ILE A 9 -6.48 0.04 -6.53
CA ILE A 9 -7.81 0.65 -6.60
C ILE A 9 -7.75 2.01 -5.91
N LEU A 10 -8.10 3.06 -6.65
CA LEU A 10 -7.67 4.43 -6.39
C LEU A 10 -8.62 5.20 -5.46
N LYS A 11 -8.19 6.37 -4.97
CA LYS A 11 -9.04 7.28 -4.19
C LYS A 11 -10.26 7.80 -4.97
N ASP A 12 -10.18 7.81 -6.31
CA ASP A 12 -11.32 8.09 -7.21
C ASP A 12 -12.08 6.83 -7.64
N GLY A 13 -11.70 5.66 -7.13
CA GLY A 13 -12.21 4.33 -7.47
C GLY A 13 -11.59 3.69 -8.72
N SER A 14 -10.74 4.41 -9.46
CA SER A 14 -10.05 3.90 -10.66
C SER A 14 -9.27 2.60 -10.39
N GLN A 15 -9.04 1.82 -11.42
CA GLN A 15 -8.16 0.65 -11.44
C GLN A 15 -6.98 0.92 -12.33
N LYS A 16 -5.81 0.67 -11.77
CA LYS A 16 -4.55 0.82 -12.45
C LYS A 16 -3.73 -0.41 -12.14
N THR A 17 -3.47 -1.13 -13.20
CA THR A 17 -2.54 -2.26 -13.25
C THR A 17 -1.23 -1.82 -13.87
N TYR A 18 -0.12 -2.15 -13.19
CA TYR A 18 1.25 -1.71 -13.47
C TYR A 18 2.23 -2.89 -13.37
N GLU A 19 3.30 -2.89 -14.16
CA GLU A 19 4.34 -3.94 -14.17
C GLU A 19 5.46 -3.65 -13.16
N VAL A 20 5.82 -4.62 -12.30
CA VAL A 20 6.88 -4.52 -11.28
C VAL A 20 7.65 -5.83 -11.06
N CYS A 21 8.79 -5.71 -10.39
CA CYS A 21 9.62 -6.82 -9.91
C CYS A 21 9.30 -7.25 -8.46
N GLU A 22 10.02 -8.26 -7.98
CA GLU A 22 10.02 -8.67 -6.56
C GLU A 22 10.89 -7.77 -5.68
N GLY A 23 10.66 -7.82 -4.36
CA GLY A 23 11.28 -6.94 -3.37
C GLY A 23 10.63 -5.55 -3.29
N GLU A 24 9.95 -5.11 -4.35
CA GLU A 24 9.27 -3.82 -4.38
C GLU A 24 8.09 -3.74 -3.39
N THR A 25 8.01 -2.60 -2.68
CA THR A 25 7.05 -2.35 -1.59
C THR A 25 5.81 -1.61 -2.09
N ILE A 26 4.64 -1.85 -1.51
CA ILE A 26 3.36 -1.34 -2.06
C ILE A 26 3.26 0.20 -2.00
N LEU A 27 3.71 0.88 -0.93
CA LEU A 27 3.79 2.35 -0.91
C LEU A 27 4.89 2.85 -1.85
N ASP A 28 6.01 2.11 -1.95
CA ASP A 28 7.11 2.40 -2.86
C ASP A 28 6.75 2.26 -4.35
N ILE A 29 5.75 1.44 -4.72
CA ILE A 29 5.19 1.45 -6.08
C ILE A 29 4.12 2.54 -6.20
N ALA A 30 3.32 2.83 -5.17
CA ALA A 30 2.36 3.92 -5.25
C ALA A 30 3.03 5.29 -5.50
N GLN A 31 4.15 5.57 -4.82
CA GLN A 31 5.00 6.72 -5.12
C GLN A 31 5.97 6.47 -6.26
N GLY A 32 6.53 5.27 -6.45
CA GLY A 32 7.44 4.96 -7.57
C GLY A 32 6.78 5.06 -8.94
N HIS A 33 5.45 4.89 -9.01
CA HIS A 33 4.63 5.01 -10.22
C HIS A 33 3.77 6.28 -10.24
N ASN A 34 3.87 7.10 -9.19
CA ASN A 34 3.13 8.36 -8.97
C ASN A 34 1.63 8.23 -9.28
N LEU A 35 1.02 7.28 -8.58
CA LEU A 35 -0.44 7.14 -8.54
C LEU A 35 -1.13 8.45 -8.11
N ASP A 36 -2.26 8.74 -8.75
CA ASP A 36 -3.12 9.91 -8.48
C ASP A 36 -3.91 9.70 -7.19
N MET A 37 -3.19 9.86 -6.09
CA MET A 37 -3.55 9.33 -4.78
C MET A 37 -3.22 10.37 -3.69
N GLU A 38 -4.26 10.89 -3.03
CA GLU A 38 -4.10 11.73 -1.83
C GLU A 38 -3.33 10.96 -0.74
N GLY A 39 -2.40 11.64 -0.06
CA GLY A 39 -1.15 11.04 0.44
C GLY A 39 -1.31 9.87 1.41
N ALA A 40 -1.37 8.64 0.88
CA ALA A 40 -1.65 7.42 1.63
C ALA A 40 -0.61 7.12 2.74
N CYS A 41 0.63 7.60 2.60
CA CYS A 41 1.60 7.68 3.69
C CYS A 41 2.38 9.03 3.73
N GLY A 42 1.72 10.14 3.35
CA GLY A 42 2.19 11.52 3.58
C GLY A 42 3.40 12.01 2.76
N GLY A 43 4.30 11.14 2.30
CA GLY A 43 5.39 11.44 1.37
C GLY A 43 6.53 12.33 1.91
N SER A 44 6.57 12.65 3.20
CA SER A 44 7.63 13.45 3.83
C SER A 44 8.56 12.59 4.69
N CYS A 45 9.54 13.22 5.33
CA CYS A 45 10.73 12.60 5.93
C CYS A 45 10.41 11.42 6.88
N ALA A 46 9.44 11.58 7.79
CA ALA A 46 9.15 10.60 8.83
C ALA A 46 8.16 9.47 8.43
N CYS A 47 7.57 9.50 7.22
CA CYS A 47 6.48 8.58 6.82
C CYS A 47 5.20 8.74 7.70
N SER A 48 4.05 8.20 7.27
CA SER A 48 2.70 8.53 7.78
C SER A 48 1.74 7.32 7.75
N THR A 49 0.44 7.55 7.52
CA THR A 49 -0.71 6.63 7.53
C THR A 49 -0.62 5.28 6.75
N CYS A 50 0.43 4.99 5.98
CA CYS A 50 0.77 3.64 5.47
C CYS A 50 -0.27 2.81 4.68
N HIS A 51 -1.48 3.29 4.36
CA HIS A 51 -2.63 2.37 4.33
C HIS A 51 -2.88 1.74 2.95
N VAL A 52 -2.96 0.41 2.96
CA VAL A 52 -3.54 -0.46 1.92
C VAL A 52 -4.49 -1.49 2.49
N ILE A 53 -5.25 -2.09 1.60
CA ILE A 53 -5.97 -3.33 1.79
C ILE A 53 -5.80 -4.21 0.55
N VAL A 54 -5.68 -5.52 0.75
CA VAL A 54 -5.43 -6.54 -0.27
C VAL A 54 -6.68 -7.29 -0.73
N ASP A 55 -6.56 -7.86 -1.92
CA ASP A 55 -7.40 -8.97 -2.37
C ASP A 55 -7.38 -10.14 -1.33
N PRO A 56 -8.53 -10.76 -1.00
CA PRO A 56 -8.58 -11.99 -0.19
C PRO A 56 -7.79 -13.18 -0.75
N ASP A 57 -7.39 -13.13 -2.03
CA ASP A 57 -6.48 -14.10 -2.64
C ASP A 57 -5.04 -13.92 -2.17
N TYR A 58 -4.50 -12.70 -2.16
CA TYR A 58 -3.08 -12.47 -1.95
C TYR A 58 -2.74 -12.12 -0.50
N TYR A 59 -3.73 -11.77 0.33
CA TYR A 59 -3.57 -11.78 1.80
C TYR A 59 -3.31 -13.16 2.37
N ASP A 60 -3.78 -14.20 1.68
CA ASP A 60 -4.08 -15.43 2.40
C ASP A 60 -2.79 -16.19 2.84
N ALA A 61 -1.68 -15.69 2.29
CA ALA A 61 -0.29 -16.10 2.48
C ALA A 61 0.45 -15.27 3.56
N LEU A 62 -0.19 -14.22 4.08
CA LEU A 62 0.48 -13.07 4.69
C LEU A 62 0.35 -12.99 6.23
N PRO A 63 1.33 -12.36 6.91
CA PRO A 63 1.24 -11.92 8.31
C PRO A 63 0.60 -10.54 8.45
N GLU A 64 0.29 -10.17 9.69
CA GLU A 64 -0.05 -8.81 10.12
C GLU A 64 1.13 -8.17 10.89
N PRO A 65 1.34 -6.84 10.80
CA PRO A 65 2.59 -6.18 11.25
C PRO A 65 2.53 -5.68 12.71
N GLU A 66 3.67 -5.18 13.18
CA GLU A 66 3.88 -4.56 14.51
C GLU A 66 2.84 -3.52 14.93
N ASP A 67 2.73 -3.29 16.24
CA ASP A 67 1.72 -2.40 16.85
C ASP A 67 1.88 -0.93 16.45
N ASP A 68 3.07 -0.48 16.06
CA ASP A 68 3.31 0.87 15.52
C ASP A 68 3.18 0.96 14.00
N GLU A 69 3.19 -0.17 13.30
CA GLU A 69 2.99 -0.25 11.84
C GLU A 69 1.49 -0.41 11.52
N ASN A 70 0.78 -1.32 12.22
CA ASN A 70 -0.68 -1.45 12.18
C ASN A 70 -1.48 -0.27 12.77
N ASP A 71 -0.83 0.57 13.57
CA ASP A 71 -1.40 1.84 14.06
C ASP A 71 -1.54 2.87 12.95
N MET A 72 -0.62 2.89 11.98
CA MET A 72 -0.68 3.84 10.85
C MET A 72 -1.94 3.63 10.02
N LEU A 73 -2.40 2.38 9.93
CA LEU A 73 -3.50 1.89 9.10
C LEU A 73 -4.85 2.33 9.68
N ASP A 74 -5.04 2.08 10.98
CA ASP A 74 -6.14 2.56 11.83
C ASP A 74 -6.50 4.04 11.65
N LEU A 75 -5.52 4.87 11.27
CA LEU A 75 -5.75 6.31 11.08
C LEU A 75 -6.61 6.62 9.85
N ALA A 76 -6.81 5.63 8.96
CA ALA A 76 -7.84 5.66 7.92
C ALA A 76 -9.19 5.08 8.40
N TYR A 77 -10.29 5.52 7.81
CA TYR A 77 -11.64 5.07 8.17
C TYR A 77 -11.93 3.62 7.77
N GLY A 78 -12.58 2.89 8.68
CA GLY A 78 -13.32 1.69 8.36
C GLY A 78 -12.46 0.47 8.02
N LEU A 79 -11.31 0.33 8.67
CA LEU A 79 -10.28 -0.67 8.36
C LEU A 79 -10.79 -2.12 8.33
N THR A 80 -10.27 -2.86 7.34
CA THR A 80 -10.79 -4.11 6.79
C THR A 80 -10.03 -5.37 7.22
N GLU A 81 -10.68 -6.52 7.11
CA GLU A 81 -10.14 -7.85 7.45
C GLU A 81 -8.95 -8.31 6.58
N THR A 82 -8.63 -7.60 5.49
CA THR A 82 -7.41 -7.78 4.68
C THR A 82 -6.57 -6.51 4.58
N SER A 83 -6.67 -5.60 5.55
CA SER A 83 -5.83 -4.40 5.56
C SER A 83 -4.34 -4.72 5.72
N ARG A 84 -3.49 -3.86 5.17
CA ARG A 84 -2.06 -4.06 4.91
C ARG A 84 -1.28 -2.75 5.07
N LEU A 85 0.01 -2.89 5.33
CA LEU A 85 0.99 -1.81 5.42
C LEU A 85 1.73 -1.52 4.10
N GLY A 86 2.32 -0.34 4.00
CA GLY A 86 3.07 0.16 2.86
C GLY A 86 4.57 -0.18 2.82
N CYS A 87 5.20 -0.49 3.95
CA CYS A 87 6.66 -0.49 4.13
C CYS A 87 7.34 -1.85 4.41
N GLN A 88 6.62 -2.84 4.96
CA GLN A 88 7.15 -4.18 5.24
C GLN A 88 6.25 -5.33 4.73
N ILE A 89 5.53 -5.10 3.63
CA ILE A 89 5.15 -6.18 2.72
C ILE A 89 5.53 -5.81 1.28
N LYS A 90 6.05 -6.78 0.54
CA LYS A 90 6.66 -6.64 -0.78
C LYS A 90 6.36 -7.82 -1.69
N MET A 91 6.73 -7.66 -2.96
CA MET A 91 6.44 -8.64 -4.01
C MET A 91 7.40 -9.85 -4.04
N SER A 92 6.87 -11.01 -4.38
CA SER A 92 7.56 -12.29 -4.64
C SER A 92 6.86 -13.04 -5.79
N LYS A 93 7.40 -14.15 -6.28
CA LYS A 93 6.85 -14.90 -7.45
C LYS A 93 5.39 -15.37 -7.28
N ASP A 94 4.88 -15.45 -6.06
CA ASP A 94 3.50 -15.83 -5.75
C ASP A 94 2.45 -14.76 -6.09
N ILE A 95 2.86 -13.48 -6.14
CA ILE A 95 1.99 -12.30 -6.27
C ILE A 95 1.54 -12.06 -7.70
N ASP A 96 1.84 -12.96 -8.65
CA ASP A 96 1.70 -12.75 -10.08
C ASP A 96 0.22 -12.56 -10.49
N GLY A 97 -0.23 -11.31 -10.33
CA GLY A 97 -1.62 -10.85 -10.47
C GLY A 97 -2.26 -10.10 -9.29
N ILE A 98 -1.53 -9.80 -8.22
CA ILE A 98 -1.96 -9.15 -6.97
C ILE A 98 -2.70 -7.80 -7.13
N ARG A 99 -3.69 -7.58 -6.26
CA ARG A 99 -4.41 -6.31 -6.06
C ARG A 99 -4.24 -5.75 -4.67
N VAL A 100 -4.35 -4.44 -4.58
CA VAL A 100 -4.75 -3.72 -3.37
C VAL A 100 -5.72 -2.57 -3.68
N ALA A 101 -6.42 -2.07 -2.67
CA ALA A 101 -7.04 -0.74 -2.70
C ALA A 101 -6.32 0.21 -1.71
N LEU A 102 -6.38 1.53 -1.96
CA LEU A 102 -5.92 2.57 -1.02
C LEU A 102 -7.05 3.58 -0.68
N PRO A 103 -6.98 4.34 0.43
CA PRO A 103 -8.15 4.97 1.07
C PRO A 103 -9.01 5.89 0.20
N GLN A 104 -10.32 5.89 0.48
CA GLN A 104 -11.30 6.75 -0.23
C GLN A 104 -11.12 8.25 0.07
N MET A 105 -10.56 8.60 1.24
CA MET A 105 -10.15 9.95 1.67
C MET A 105 -9.09 9.88 2.78
N THR A 106 -8.34 10.97 3.01
CA THR A 106 -7.56 11.21 4.25
C THR A 106 -8.26 12.18 5.21
N ARG A 107 -7.91 12.12 6.50
CA ARG A 107 -8.33 13.03 7.59
C ARG A 107 -7.15 13.51 8.47
N ASN A 108 -5.91 13.23 8.06
CA ASN A 108 -4.72 13.39 8.91
C ASN A 108 -3.52 14.12 8.27
N VAL A 109 -3.33 14.05 6.94
CA VAL A 109 -2.07 14.47 6.28
C VAL A 109 -2.29 15.28 4.99
N ASN A 110 -2.95 16.44 5.10
CA ASN A 110 -3.32 17.30 3.95
C ASN A 110 -2.69 18.71 3.95
N ASN A 111 -1.70 18.96 4.82
CA ASN A 111 -1.03 20.26 4.97
C ASN A 111 -0.26 20.67 3.70
N ASN A 112 0.38 19.70 3.04
CA ASN A 112 1.08 19.83 1.76
C ASN A 112 1.07 18.47 1.02
N ASP A 113 1.18 18.48 -0.31
CA ASP A 113 1.39 17.29 -1.14
C ASP A 113 2.88 17.07 -1.46
N PHE A 114 3.42 15.93 -1.04
CA PHE A 114 4.80 15.50 -1.31
C PHE A 114 4.84 14.29 -2.26
N SER A 115 5.77 14.32 -3.21
CA SER A 115 5.99 13.31 -4.26
C SER A 115 7.42 13.37 -4.80
FE1 FES B . 4.89 4.62 5.68
FE2 FES B . 4.40 2.22 6.13
S1 FES B . 4.93 3.03 4.17
S2 FES B . 4.70 3.75 7.67
N GLY A 1 8.32 -15.26 -15.47
CA GLY A 1 8.04 -14.97 -16.89
C GLY A 1 7.40 -13.61 -17.03
N GLU A 2 8.02 -12.71 -17.81
CA GLU A 2 7.56 -11.34 -18.09
C GLU A 2 7.35 -10.43 -16.86
N GLU A 3 8.19 -10.62 -15.83
CA GLU A 3 8.13 -9.93 -14.52
C GLU A 3 6.84 -10.19 -13.71
N LEU A 4 6.71 -9.55 -12.54
CA LEU A 4 5.48 -9.54 -11.74
C LEU A 4 4.63 -8.29 -12.08
N LYS A 5 3.51 -8.08 -11.38
CA LYS A 5 2.65 -6.89 -11.51
C LYS A 5 1.90 -6.54 -10.23
N ILE A 6 1.28 -5.37 -10.20
CA ILE A 6 0.47 -4.82 -9.11
C ILE A 6 -0.74 -4.09 -9.69
N THR A 7 -1.93 -4.37 -9.17
CA THR A 7 -3.14 -3.61 -9.47
C THR A 7 -3.54 -2.76 -8.28
N PHE A 8 -3.79 -1.48 -8.52
CA PHE A 8 -4.32 -0.57 -7.51
C PHE A 8 -5.68 0.02 -7.90
N ILE A 9 -6.58 0.09 -6.91
CA ILE A 9 -7.83 0.86 -6.96
C ILE A 9 -7.58 2.26 -6.39
N LEU A 10 -7.90 3.30 -7.14
CA LEU A 10 -7.49 4.69 -6.92
C LEU A 10 -8.37 5.48 -5.94
N LYS A 11 -7.88 6.63 -5.44
CA LYS A 11 -8.72 7.71 -4.84
C LYS A 11 -9.80 8.23 -5.78
N ASP A 12 -9.59 8.09 -7.09
CA ASP A 12 -10.53 8.44 -8.16
C ASP A 12 -11.43 7.24 -8.57
N GLY A 13 -11.31 6.11 -7.86
CA GLY A 13 -12.00 4.83 -8.13
C GLY A 13 -11.58 4.13 -9.44
N SER A 14 -10.61 4.67 -10.18
CA SER A 14 -9.99 4.00 -11.33
C SER A 14 -9.26 2.72 -10.89
N GLN A 15 -8.99 1.86 -11.88
CA GLN A 15 -8.11 0.71 -11.79
C GLN A 15 -6.88 1.00 -12.63
N LYS A 16 -5.73 0.66 -12.05
CA LYS A 16 -4.44 0.83 -12.69
C LYS A 16 -3.60 -0.39 -12.38
N THR A 17 -3.18 -1.06 -13.43
CA THR A 17 -2.38 -2.29 -13.38
C THR A 17 -0.99 -2.12 -14.02
N TYR A 18 0.06 -2.33 -13.23
CA TYR A 18 1.44 -1.90 -13.50
C TYR A 18 2.44 -3.07 -13.32
N GLU A 19 3.44 -3.24 -14.18
CA GLU A 19 4.47 -4.29 -13.99
C GLU A 19 5.62 -3.85 -13.06
N VAL A 20 6.02 -4.74 -12.15
CA VAL A 20 7.02 -4.50 -11.10
C VAL A 20 7.85 -5.77 -10.79
N CYS A 21 8.96 -5.61 -10.07
CA CYS A 21 9.85 -6.69 -9.64
C CYS A 21 9.52 -7.22 -8.23
N GLU A 22 10.07 -8.38 -7.90
CA GLU A 22 10.11 -8.92 -6.55
C GLU A 22 10.85 -7.96 -5.58
N GLY A 23 10.37 -7.81 -4.34
CA GLY A 23 10.98 -6.93 -3.34
C GLY A 23 10.46 -5.48 -3.34
N GLU A 24 9.73 -5.04 -4.36
CA GLU A 24 9.10 -3.71 -4.37
C GLU A 24 7.93 -3.61 -3.36
N THR A 25 7.86 -2.50 -2.62
CA THR A 25 6.88 -2.25 -1.56
C THR A 25 5.65 -1.50 -2.08
N ILE A 26 4.48 -1.76 -1.51
CA ILE A 26 3.20 -1.25 -2.06
C ILE A 26 3.10 0.29 -2.08
N LEU A 27 3.55 1.01 -1.03
CA LEU A 27 3.61 2.47 -1.05
C LEU A 27 4.79 2.99 -1.89
N ASP A 28 5.91 2.26 -1.93
CA ASP A 28 7.05 2.53 -2.81
C ASP A 28 6.67 2.47 -4.30
N ILE A 29 5.73 1.62 -4.71
CA ILE A 29 5.15 1.61 -6.08
C ILE A 29 4.09 2.71 -6.21
N ALA A 30 3.26 2.94 -5.19
CA ALA A 30 2.20 3.94 -5.32
C ALA A 30 2.75 5.37 -5.57
N GLN A 31 3.78 5.79 -4.81
CA GLN A 31 4.51 7.02 -5.11
C GLN A 31 5.54 6.87 -6.22
N GLY A 32 6.27 5.76 -6.37
CA GLY A 32 7.22 5.66 -7.50
C GLY A 32 6.57 5.69 -8.89
N HIS A 33 5.31 5.25 -8.99
CA HIS A 33 4.53 5.31 -10.22
C HIS A 33 3.59 6.53 -10.31
N ASN A 34 3.60 7.37 -9.27
CA ASN A 34 2.77 8.57 -9.13
C ASN A 34 1.28 8.30 -9.39
N LEU A 35 0.74 7.30 -8.68
CA LEU A 35 -0.71 7.08 -8.56
C LEU A 35 -1.44 8.30 -7.97
N ASP A 36 -2.65 8.57 -8.45
CA ASP A 36 -3.55 9.59 -7.89
C ASP A 36 -4.15 9.12 -6.58
N MET A 37 -3.39 9.46 -5.54
CA MET A 37 -3.40 8.83 -4.24
C MET A 37 -2.74 9.77 -3.21
N GLU A 38 -3.40 10.05 -2.10
CA GLU A 38 -2.87 10.86 -0.98
C GLU A 38 -2.00 10.05 0.00
N GLY A 39 -0.67 10.08 -0.16
CA GLY A 39 0.24 9.41 0.77
C GLY A 39 1.72 9.75 0.60
N ALA A 40 2.26 10.60 1.49
CA ALA A 40 3.68 10.94 1.61
C ALA A 40 4.62 9.79 2.05
N CYS A 41 4.14 8.54 2.08
CA CYS A 41 4.93 7.32 2.19
C CYS A 41 5.60 6.93 0.84
N GLY A 42 6.41 5.87 0.79
CA GLY A 42 7.00 5.38 -0.48
C GLY A 42 8.39 5.91 -0.84
N GLY A 43 9.23 6.26 0.13
CA GLY A 43 10.64 6.61 -0.07
C GLY A 43 10.87 7.96 -0.77
N SER A 44 10.10 8.98 -0.39
CA SER A 44 10.03 10.30 -1.06
C SER A 44 9.82 11.48 -0.10
N CYS A 45 9.31 11.24 1.12
CA CYS A 45 8.98 12.25 2.14
C CYS A 45 8.91 11.59 3.54
N ALA A 46 8.64 12.37 4.59
CA ALA A 46 8.59 11.95 6.01
C ALA A 46 7.44 10.99 6.43
N CYS A 47 6.93 10.17 5.51
CA CYS A 47 5.91 9.13 5.74
C CYS A 47 4.48 9.64 6.09
N SER A 48 3.49 8.73 6.05
CA SER A 48 2.05 9.04 5.96
C SER A 48 1.16 7.90 6.53
N THR A 49 -0.14 7.91 6.20
CA THR A 49 -1.19 6.94 6.57
C THR A 49 -0.93 5.49 6.11
N CYS A 50 -0.09 5.29 5.10
CA CYS A 50 0.33 3.98 4.59
C CYS A 50 -0.79 3.01 4.16
N HIS A 51 -1.98 3.53 3.82
CA HIS A 51 -3.21 2.73 3.86
C HIS A 51 -3.51 2.05 2.52
N VAL A 52 -3.24 0.75 2.50
CA VAL A 52 -3.75 -0.23 1.52
C VAL A 52 -4.63 -1.27 2.15
N ILE A 53 -5.37 -1.98 1.32
CA ILE A 53 -6.00 -3.24 1.60
C ILE A 53 -5.82 -4.16 0.39
N VAL A 54 -5.68 -5.46 0.62
CA VAL A 54 -5.50 -6.52 -0.37
C VAL A 54 -6.77 -7.28 -0.70
N ASP A 55 -6.77 -7.87 -1.89
CA ASP A 55 -7.68 -8.95 -2.26
C ASP A 55 -7.57 -10.10 -1.22
N PRO A 56 -8.68 -10.73 -0.79
CA PRO A 56 -8.65 -11.96 0.01
C PRO A 56 -7.89 -13.15 -0.62
N ASP A 57 -7.58 -13.10 -1.92
CA ASP A 57 -6.72 -14.05 -2.61
C ASP A 57 -5.21 -13.83 -2.39
N TYR A 58 -4.75 -12.59 -2.18
CA TYR A 58 -3.34 -12.29 -2.06
C TYR A 58 -2.90 -11.85 -0.66
N TYR A 59 -3.82 -11.61 0.26
CA TYR A 59 -3.52 -11.66 1.72
C TYR A 59 -3.20 -13.05 2.19
N ASP A 60 -3.70 -14.04 1.45
CA ASP A 60 -3.92 -15.36 2.02
C ASP A 60 -2.59 -16.09 2.34
N ALA A 61 -1.53 -15.57 1.71
CA ALA A 61 -0.14 -16.00 1.81
C ALA A 61 0.72 -15.05 2.67
N LEU A 62 0.09 -14.04 3.29
CA LEU A 62 0.80 -12.91 3.92
C LEU A 62 0.75 -12.89 5.47
N PRO A 63 1.82 -12.39 6.12
CA PRO A 63 1.87 -12.13 7.55
C PRO A 63 1.16 -10.82 7.93
N GLU A 64 0.95 -10.64 9.24
CA GLU A 64 0.40 -9.42 9.86
C GLU A 64 1.55 -8.58 10.49
N PRO A 65 1.51 -7.23 10.47
CA PRO A 65 2.73 -6.42 10.50
C PRO A 65 3.18 -6.00 11.92
N GLU A 66 4.37 -5.44 12.03
CA GLU A 66 4.93 -4.92 13.30
C GLU A 66 4.00 -3.90 14.00
N ASP A 67 4.09 -3.83 15.33
CA ASP A 67 3.33 -2.87 16.17
C ASP A 67 3.62 -1.39 15.87
N ASP A 68 4.75 -1.09 15.22
CA ASP A 68 5.07 0.25 14.73
C ASP A 68 4.38 0.54 13.38
N GLU A 69 4.13 -0.51 12.60
CA GLU A 69 3.57 -0.45 11.25
C GLU A 69 2.04 -0.53 11.24
N ASN A 70 1.43 -1.57 11.81
CA ASN A 70 -0.03 -1.74 11.88
C ASN A 70 -0.76 -0.60 12.60
N ASP A 71 -0.07 0.13 13.48
CA ASP A 71 -0.60 1.27 14.24
C ASP A 71 -0.50 2.61 13.50
N MET A 72 0.18 2.66 12.33
CA MET A 72 0.02 3.76 11.37
C MET A 72 -1.32 3.64 10.61
N LEU A 73 -1.89 2.43 10.53
CA LEU A 73 -3.08 2.07 9.73
C LEU A 73 -4.38 2.35 10.50
N ASP A 74 -4.51 1.78 11.71
CA ASP A 74 -5.61 1.90 12.70
C ASP A 74 -6.13 3.33 12.93
N LEU A 75 -5.28 4.33 12.67
CA LEU A 75 -5.58 5.74 12.83
C LEU A 75 -6.57 6.25 11.76
N ALA A 76 -6.73 5.52 10.66
CA ALA A 76 -7.79 5.71 9.68
C ALA A 76 -9.09 4.99 10.09
N TYR A 77 -10.24 5.59 9.77
CA TYR A 77 -11.55 4.96 9.96
C TYR A 77 -11.72 3.66 9.17
N GLY A 78 -12.42 2.71 9.77
CA GLY A 78 -13.04 1.61 9.04
C GLY A 78 -12.06 0.63 8.41
N LEU A 79 -10.97 0.28 9.10
CA LEU A 79 -9.92 -0.64 8.62
C LEU A 79 -10.41 -2.10 8.51
N THR A 80 -10.10 -2.75 7.37
CA THR A 80 -10.69 -4.05 6.94
C THR A 80 -9.86 -5.26 7.34
N GLU A 81 -10.43 -6.47 7.22
CA GLU A 81 -9.83 -7.76 7.57
C GLU A 81 -8.60 -8.16 6.73
N THR A 82 -8.35 -7.48 5.61
CA THR A 82 -7.17 -7.66 4.75
C THR A 82 -6.39 -6.36 4.56
N SER A 83 -6.50 -5.42 5.49
CA SER A 83 -5.76 -4.16 5.42
C SER A 83 -4.26 -4.32 5.61
N ARG A 84 -3.49 -3.41 5.03
CA ARG A 84 -2.05 -3.51 4.81
C ARG A 84 -1.33 -2.17 4.93
N LEU A 85 -0.06 -2.28 5.30
CA LEU A 85 1.01 -1.30 5.18
C LEU A 85 1.61 -1.27 3.77
N GLY A 86 2.41 -0.25 3.48
CA GLY A 86 3.44 -0.24 2.45
C GLY A 86 4.87 0.05 2.93
N CYS A 87 5.20 -0.08 4.23
CA CYS A 87 6.56 0.19 4.74
C CYS A 87 7.56 -0.90 4.36
N GLN A 88 7.16 -2.16 4.57
CA GLN A 88 8.01 -3.34 4.39
C GLN A 88 7.33 -4.46 3.59
N ILE A 89 5.99 -4.53 3.49
CA ILE A 89 5.35 -5.63 2.76
C ILE A 89 5.48 -5.46 1.24
N LYS A 90 6.01 -6.50 0.60
CA LYS A 90 6.57 -6.44 -0.74
C LYS A 90 6.16 -7.60 -1.63
N MET A 91 6.55 -7.54 -2.89
CA MET A 91 6.28 -8.57 -3.89
C MET A 91 7.18 -9.80 -3.71
N SER A 92 6.60 -10.99 -3.94
CA SER A 92 7.17 -12.33 -3.78
C SER A 92 6.55 -13.30 -4.79
N LYS A 93 7.07 -14.52 -4.97
CA LYS A 93 6.62 -15.43 -6.04
C LYS A 93 5.13 -15.82 -5.96
N ASP A 94 4.50 -15.65 -4.81
CA ASP A 94 3.06 -15.92 -4.61
C ASP A 94 2.15 -14.90 -5.33
N ILE A 95 2.66 -13.68 -5.57
CA ILE A 95 1.87 -12.49 -5.90
C ILE A 95 1.50 -12.36 -7.37
N ASP A 96 1.83 -13.32 -8.24
CA ASP A 96 1.73 -13.19 -9.70
C ASP A 96 0.27 -12.92 -10.16
N GLY A 97 -0.07 -11.63 -10.15
CA GLY A 97 -1.39 -11.07 -10.47
C GLY A 97 -2.10 -10.25 -9.35
N ILE A 98 -1.40 -9.92 -8.26
CA ILE A 98 -1.89 -9.25 -7.05
C ILE A 98 -2.58 -7.89 -7.25
N ARG A 99 -3.57 -7.64 -6.38
CA ARG A 99 -4.31 -6.38 -6.23
C ARG A 99 -4.16 -5.79 -4.84
N VAL A 100 -4.42 -4.50 -4.76
CA VAL A 100 -4.84 -3.80 -3.56
C VAL A 100 -5.82 -2.68 -3.91
N ALA A 101 -6.61 -2.23 -2.93
CA ALA A 101 -7.28 -0.93 -3.00
C ALA A 101 -6.55 0.07 -2.09
N LEU A 102 -6.47 1.35 -2.50
CA LEU A 102 -5.93 2.44 -1.67
C LEU A 102 -6.87 3.66 -1.55
N PRO A 103 -8.14 3.46 -1.12
CA PRO A 103 -9.04 4.56 -0.78
C PRO A 103 -8.57 5.28 0.50
N GLN A 104 -8.85 6.58 0.59
CA GLN A 104 -8.66 7.37 1.81
C GLN A 104 -9.52 8.65 1.77
N MET A 105 -9.84 9.26 2.92
CA MET A 105 -10.56 10.54 2.97
C MET A 105 -9.95 11.50 3.99
N THR A 106 -8.84 12.15 3.62
CA THR A 106 -8.13 13.18 4.42
C THR A 106 -7.45 14.28 3.58
N ARG A 107 -7.10 14.00 2.33
CA ARG A 107 -6.29 14.79 1.37
C ARG A 107 -5.07 15.49 2.01
N ASN A 108 -4.29 14.74 2.80
CA ASN A 108 -3.20 15.26 3.64
C ASN A 108 -1.81 15.12 3.00
N VAL A 109 -0.87 15.99 3.36
CA VAL A 109 0.52 16.06 2.87
C VAL A 109 1.45 16.37 4.04
N ASN A 110 2.57 15.65 4.18
CA ASN A 110 3.47 15.80 5.33
C ASN A 110 4.35 17.07 5.28
N ASN A 111 5.20 17.21 4.25
CA ASN A 111 6.08 18.37 4.04
C ASN A 111 6.26 18.67 2.53
N ASN A 112 6.73 19.88 2.23
CA ASN A 112 7.12 20.36 0.90
C ASN A 112 8.25 19.54 0.22
N ASP A 113 9.23 19.06 1.00
CA ASP A 113 10.41 18.32 0.53
C ASP A 113 10.98 17.36 1.60
N PHE A 114 12.01 16.58 1.25
CA PHE A 114 12.72 15.68 2.19
C PHE A 114 14.10 16.20 2.63
N SER A 115 14.55 15.75 3.80
CA SER A 115 15.95 15.83 4.28
C SER A 115 16.27 14.72 5.28
FE1 FES B . 5.28 5.01 5.72
FE2 FES B . 4.44 2.73 5.95
S1 FES B . 5.92 3.34 4.46
S2 FES B . 4.24 4.27 7.49
N GLY A 1 10.75 -15.55 -12.67
CA GLY A 1 11.50 -14.47 -12.01
C GLY A 1 11.28 -13.17 -12.75
N GLU A 2 11.10 -12.06 -12.01
CA GLU A 2 10.67 -10.75 -12.52
C GLU A 2 9.27 -10.78 -13.21
N GLU A 3 8.79 -9.61 -13.64
CA GLU A 3 7.46 -9.37 -14.20
C GLU A 3 6.31 -9.91 -13.34
N LEU A 4 6.29 -9.48 -12.07
CA LEU A 4 5.10 -9.49 -11.22
C LEU A 4 4.27 -8.23 -11.54
N LYS A 5 2.98 -8.19 -11.17
CA LYS A 5 2.16 -6.96 -11.30
C LYS A 5 1.32 -6.67 -10.06
N ILE A 6 1.02 -5.39 -9.87
CA ILE A 6 0.23 -4.80 -8.77
C ILE A 6 -0.93 -3.99 -9.35
N THR A 7 -2.14 -4.38 -8.99
CA THR A 7 -3.35 -3.59 -9.20
C THR A 7 -3.62 -2.74 -7.99
N PHE A 8 -3.82 -1.45 -8.20
CA PHE A 8 -4.33 -0.53 -7.22
C PHE A 8 -5.70 0.00 -7.67
N ILE A 9 -6.65 -0.04 -6.74
CA ILE A 9 -7.89 0.73 -6.84
C ILE A 9 -7.60 2.13 -6.29
N LEU A 10 -7.86 3.15 -7.09
CA LEU A 10 -7.59 4.55 -6.82
C LEU A 10 -8.68 5.16 -5.95
N LYS A 11 -8.41 6.28 -5.28
CA LYS A 11 -9.44 7.00 -4.49
C LYS A 11 -10.46 7.74 -5.36
N ASP A 12 -10.18 7.89 -6.66
CA ASP A 12 -11.17 8.26 -7.69
C ASP A 12 -12.04 7.06 -8.14
N GLY A 13 -11.68 5.83 -7.72
CA GLY A 13 -12.31 4.54 -8.05
C GLY A 13 -11.67 3.81 -9.24
N SER A 14 -10.77 4.46 -9.99
CA SER A 14 -10.00 3.90 -11.11
C SER A 14 -9.24 2.65 -10.70
N GLN A 15 -8.94 1.78 -11.66
CA GLN A 15 -7.97 0.72 -11.56
C GLN A 15 -6.77 1.04 -12.41
N LYS A 16 -5.62 0.70 -11.84
CA LYS A 16 -4.33 0.82 -12.49
C LYS A 16 -3.55 -0.42 -12.09
N THR A 17 -3.10 -1.15 -13.10
CA THR A 17 -2.35 -2.41 -12.94
C THR A 17 -1.00 -2.43 -13.66
N TYR A 18 0.07 -2.57 -12.86
CA TYR A 18 1.43 -2.07 -13.16
C TYR A 18 2.51 -3.13 -12.90
N GLU A 19 3.55 -3.20 -13.74
CA GLU A 19 4.59 -4.25 -13.64
C GLU A 19 5.82 -3.89 -12.78
N VAL A 20 6.09 -4.75 -11.78
CA VAL A 20 7.09 -4.60 -10.71
C VAL A 20 7.91 -5.88 -10.53
N CYS A 21 8.72 -5.89 -9.46
CA CYS A 21 9.62 -6.96 -9.04
C CYS A 21 9.33 -7.38 -7.59
N GLU A 22 10.03 -8.40 -7.07
CA GLU A 22 9.98 -8.73 -5.63
C GLU A 22 10.74 -7.72 -4.75
N GLY A 23 10.43 -7.67 -3.45
CA GLY A 23 11.00 -6.72 -2.50
C GLY A 23 10.47 -5.28 -2.62
N GLU A 24 9.80 -4.96 -3.73
CA GLU A 24 9.07 -3.70 -3.91
C GLU A 24 7.92 -3.58 -2.90
N THR A 25 7.62 -2.36 -2.48
CA THR A 25 6.73 -2.05 -1.34
C THR A 25 5.48 -1.33 -1.84
N ILE A 26 4.31 -1.57 -1.27
CA ILE A 26 3.02 -1.08 -1.82
C ILE A 26 2.90 0.46 -1.90
N LEU A 27 3.29 1.22 -0.86
CA LEU A 27 3.27 2.70 -0.93
C LEU A 27 4.42 3.22 -1.81
N ASP A 28 5.56 2.54 -1.76
CA ASP A 28 6.72 2.78 -2.63
C ASP A 28 6.43 2.54 -4.12
N ILE A 29 5.55 1.60 -4.50
CA ILE A 29 5.08 1.50 -5.90
C ILE A 29 4.07 2.60 -6.16
N ALA A 30 3.18 2.94 -5.24
CA ALA A 30 2.21 4.01 -5.50
C ALA A 30 2.90 5.35 -5.84
N GLN A 31 3.92 5.74 -5.08
CA GLN A 31 4.77 6.91 -5.37
C GLN A 31 5.98 6.68 -6.27
N GLY A 32 6.41 5.44 -6.51
CA GLY A 32 7.42 5.14 -7.52
C GLY A 32 6.86 5.04 -8.94
N HIS A 33 5.56 4.73 -9.08
CA HIS A 33 4.83 4.64 -10.34
C HIS A 33 3.93 5.88 -10.58
N ASN A 34 3.95 6.79 -9.60
CA ASN A 34 3.34 8.10 -9.61
C ASN A 34 1.82 8.11 -9.75
N LEU A 35 1.17 7.20 -9.02
CA LEU A 35 -0.29 7.17 -8.88
C LEU A 35 -0.82 8.50 -8.31
N ASP A 36 -1.89 9.00 -8.95
CA ASP A 36 -2.60 10.21 -8.53
C ASP A 36 -3.51 9.90 -7.35
N MET A 37 -2.89 9.96 -6.18
CA MET A 37 -3.37 9.36 -4.95
C MET A 37 -3.02 10.28 -3.77
N GLU A 38 -4.05 10.75 -3.06
CA GLU A 38 -3.93 11.60 -1.85
C GLU A 38 -3.01 10.94 -0.82
N GLY A 39 -1.78 11.47 -0.70
CA GLY A 39 -0.66 10.77 -0.07
C GLY A 39 -0.89 10.43 1.40
N ALA A 40 -1.15 9.15 1.67
CA ALA A 40 -1.40 8.62 3.01
C ALA A 40 -0.09 8.37 3.80
N CYS A 41 0.95 7.86 3.14
CA CYS A 41 2.32 7.77 3.63
C CYS A 41 3.31 7.52 2.49
N GLY A 42 4.29 6.63 2.71
CA GLY A 42 5.52 6.48 1.92
C GLY A 42 6.73 7.10 2.64
N GLY A 43 6.57 7.56 3.89
CA GLY A 43 7.60 8.22 4.69
C GLY A 43 7.63 9.76 4.57
N SER A 44 6.46 10.41 4.43
CA SER A 44 6.33 11.79 3.94
C SER A 44 7.01 12.88 4.80
N CYS A 45 7.06 12.72 6.14
CA CYS A 45 7.78 13.62 7.06
C CYS A 45 8.73 12.82 7.97
N ALA A 46 8.20 11.86 8.73
CA ALA A 46 8.93 10.67 9.18
C ALA A 46 8.28 9.42 8.58
N CYS A 47 7.10 9.02 9.09
CA CYS A 47 6.18 8.05 8.48
C CYS A 47 4.74 8.24 9.04
N SER A 48 3.74 7.88 8.25
CA SER A 48 2.34 8.35 8.34
C SER A 48 1.30 7.24 8.05
N THR A 49 0.06 7.63 7.79
CA THR A 49 -1.20 6.84 7.81
C THR A 49 -1.40 5.70 6.78
N CYS A 50 -0.39 5.37 5.96
CA CYS A 50 -0.28 4.22 5.04
C CYS A 50 -1.63 3.52 4.64
N HIS A 51 -2.36 4.03 3.64
CA HIS A 51 -3.70 3.49 3.32
C HIS A 51 -3.62 2.41 2.24
N VAL A 52 -3.68 1.14 2.65
CA VAL A 52 -4.03 0.00 1.78
C VAL A 52 -4.84 -1.12 2.44
N ILE A 53 -5.64 -1.79 1.61
CA ILE A 53 -6.27 -3.08 1.85
C ILE A 53 -5.96 -4.01 0.66
N VAL A 54 -5.76 -5.31 0.89
CA VAL A 54 -5.54 -6.35 -0.11
C VAL A 54 -6.79 -7.14 -0.47
N ASP A 55 -6.77 -7.71 -1.67
CA ASP A 55 -7.66 -8.81 -2.05
C ASP A 55 -7.57 -9.95 -1.01
N PRO A 56 -8.70 -10.58 -0.60
CA PRO A 56 -8.69 -11.78 0.25
C PRO A 56 -7.95 -12.99 -0.34
N ASP A 57 -7.62 -12.96 -1.64
CA ASP A 57 -6.77 -13.96 -2.31
C ASP A 57 -5.28 -13.76 -2.01
N TYR A 58 -4.76 -12.52 -1.99
CA TYR A 58 -3.32 -12.32 -1.95
C TYR A 58 -2.75 -12.04 -0.57
N TYR A 59 -3.54 -11.52 0.38
CA TYR A 59 -3.05 -11.51 1.77
C TYR A 59 -2.84 -12.93 2.29
N ASP A 60 -3.62 -13.86 1.78
CA ASP A 60 -3.84 -15.18 2.38
C ASP A 60 -2.58 -16.03 2.46
N ALA A 61 -1.64 -15.67 1.58
CA ALA A 61 -0.33 -16.29 1.40
C ALA A 61 0.80 -15.41 1.99
N LEU A 62 0.44 -14.39 2.78
CA LEU A 62 1.35 -13.36 3.32
C LEU A 62 1.22 -13.14 4.84
N PRO A 63 2.27 -12.64 5.50
CA PRO A 63 2.27 -12.25 6.91
C PRO A 63 1.60 -10.88 7.13
N GLU A 64 1.36 -10.54 8.40
CA GLU A 64 0.76 -9.29 8.86
C GLU A 64 1.72 -8.54 9.81
N PRO A 65 1.76 -7.19 9.84
CA PRO A 65 2.89 -6.47 10.43
C PRO A 65 2.83 -6.38 11.96
N GLU A 66 3.93 -5.91 12.54
CA GLU A 66 4.00 -5.47 13.95
C GLU A 66 2.94 -4.41 14.29
N ASP A 67 2.61 -4.23 15.58
CA ASP A 67 1.64 -3.20 15.98
C ASP A 67 2.12 -1.78 15.66
N ASP A 68 3.43 -1.49 15.69
CA ASP A 68 3.93 -0.15 15.34
C ASP A 68 3.79 0.11 13.82
N GLU A 69 3.72 -0.98 13.05
CA GLU A 69 3.64 -0.99 11.60
C GLU A 69 2.16 -0.96 11.13
N ASN A 70 1.29 -1.85 11.66
CA ASN A 70 -0.16 -1.98 11.39
C ASN A 70 -1.09 -0.97 12.07
N ASP A 71 -0.63 -0.26 13.10
CA ASP A 71 -1.39 0.82 13.76
C ASP A 71 -1.42 2.07 12.89
N MET A 72 -0.40 2.28 12.05
CA MET A 72 -0.37 3.35 11.05
C MET A 72 -1.53 3.23 10.06
N LEU A 73 -1.95 2.00 9.78
CA LEU A 73 -3.15 1.67 9.00
C LEU A 73 -4.41 2.13 9.75
N ASP A 74 -4.53 1.71 11.02
CA ASP A 74 -5.63 2.07 11.94
C ASP A 74 -5.89 3.59 12.12
N LEU A 75 -4.97 4.45 11.68
CA LEU A 75 -5.16 5.90 11.65
C LEU A 75 -6.09 6.34 10.51
N ALA A 76 -6.26 5.52 9.48
CA ALA A 76 -7.31 5.65 8.46
C ALA A 76 -8.70 5.33 9.02
N TYR A 77 -9.75 5.74 8.31
CA TYR A 77 -11.13 5.32 8.58
C TYR A 77 -11.37 3.87 8.18
N GLY A 78 -12.33 3.20 8.84
CA GLY A 78 -13.02 2.05 8.26
C GLY A 78 -12.14 0.86 7.87
N LEU A 79 -11.12 0.58 8.68
CA LEU A 79 -10.10 -0.42 8.38
C LEU A 79 -10.63 -1.88 8.41
N THR A 80 -10.19 -2.67 7.44
CA THR A 80 -10.73 -3.98 7.00
C THR A 80 -9.93 -5.18 7.55
N GLU A 81 -10.47 -6.39 7.45
CA GLU A 81 -9.82 -7.63 7.88
C GLU A 81 -8.50 -7.92 7.14
N THR A 82 -8.35 -7.42 5.90
CA THR A 82 -7.19 -7.61 5.02
C THR A 82 -6.47 -6.30 4.73
N SER A 83 -6.47 -5.38 5.69
CA SER A 83 -5.67 -4.18 5.58
C SER A 83 -4.18 -4.55 5.42
N ARG A 84 -3.48 -4.00 4.42
CA ARG A 84 -2.14 -4.43 4.00
C ARG A 84 -1.24 -3.22 3.93
N LEU A 85 -0.01 -3.36 4.42
CA LEU A 85 0.86 -2.23 4.70
C LEU A 85 1.74 -1.83 3.52
N GLY A 86 2.09 -0.53 3.46
CA GLY A 86 2.90 0.07 2.41
C GLY A 86 4.36 -0.36 2.36
N CYS A 87 4.97 -0.62 3.53
CA CYS A 87 6.39 -0.42 3.78
C CYS A 87 7.12 -1.60 4.43
N GLN A 88 6.46 -2.29 5.36
CA GLN A 88 7.01 -3.43 6.09
C GLN A 88 6.33 -4.75 5.68
N ILE A 89 5.67 -4.77 4.52
CA ILE A 89 5.35 -5.98 3.75
C ILE A 89 5.30 -5.65 2.25
N LYS A 90 5.79 -6.58 1.42
CA LYS A 90 6.36 -6.33 0.08
C LYS A 90 5.82 -7.30 -1.00
N MET A 91 6.49 -7.39 -2.16
CA MET A 91 6.23 -8.35 -3.24
C MET A 91 7.16 -9.58 -3.28
N SER A 92 6.69 -10.69 -3.85
CA SER A 92 7.37 -11.99 -4.06
C SER A 92 6.67 -12.82 -5.15
N LYS A 93 7.18 -14.00 -5.52
CA LYS A 93 6.60 -14.88 -6.56
C LYS A 93 5.15 -15.32 -6.31
N ASP A 94 4.65 -15.23 -5.08
CA ASP A 94 3.25 -15.52 -4.73
C ASP A 94 2.27 -14.43 -5.22
N ILE A 95 2.74 -13.20 -5.43
CA ILE A 95 1.90 -12.00 -5.70
C ILE A 95 1.50 -11.86 -7.17
N ASP A 96 1.63 -12.90 -7.99
CA ASP A 96 1.63 -12.87 -9.46
C ASP A 96 0.27 -12.46 -10.08
N GLY A 97 -0.06 -11.17 -9.90
CA GLY A 97 -1.37 -10.55 -10.20
C GLY A 97 -2.08 -9.82 -9.04
N ILE A 98 -1.42 -9.57 -7.91
CA ILE A 98 -1.96 -9.00 -6.66
C ILE A 98 -2.74 -7.69 -6.82
N ARG A 99 -3.83 -7.54 -6.07
CA ARG A 99 -4.55 -6.27 -5.86
C ARG A 99 -4.33 -5.72 -4.48
N VAL A 100 -4.44 -4.41 -4.42
CA VAL A 100 -4.87 -3.67 -3.24
C VAL A 100 -5.89 -2.59 -3.61
N ALA A 101 -6.67 -2.12 -2.63
CA ALA A 101 -7.44 -0.89 -2.78
C ALA A 101 -6.84 0.20 -1.88
N LEU A 102 -6.79 1.43 -2.38
CA LEU A 102 -6.17 2.58 -1.75
C LEU A 102 -7.18 3.48 -0.97
N PRO A 103 -8.46 3.62 -1.37
CA PRO A 103 -9.52 4.04 -0.45
C PRO A 103 -10.08 2.84 0.34
N GLN A 104 -10.90 3.11 1.37
CA GLN A 104 -11.77 2.08 1.97
C GLN A 104 -13.20 2.15 1.41
N MET A 105 -13.96 1.06 1.51
CA MET A 105 -15.35 0.98 1.03
C MET A 105 -16.25 1.97 1.78
N THR A 106 -17.02 2.76 1.02
CA THR A 106 -17.75 3.97 1.48
C THR A 106 -16.85 4.93 2.29
N ARG A 107 -15.88 5.56 1.61
CA ARG A 107 -14.77 6.32 2.21
C ARG A 107 -15.16 7.44 3.17
N ASN A 108 -14.22 7.79 4.06
CA ASN A 108 -14.18 9.00 4.90
C ASN A 108 -12.71 9.34 5.26
N VAL A 109 -12.42 10.57 5.68
CA VAL A 109 -11.06 11.09 5.90
C VAL A 109 -10.42 10.58 7.21
N ASN A 110 -9.11 10.28 7.13
CA ASN A 110 -8.25 9.78 8.22
C ASN A 110 -8.09 10.72 9.43
N ASN A 111 -7.55 10.19 10.54
CA ASN A 111 -7.15 10.98 11.71
C ASN A 111 -5.99 11.94 11.38
N ASN A 112 -6.00 13.14 11.95
CA ASN A 112 -5.09 14.25 11.64
C ASN A 112 -3.63 14.06 12.10
N ASP A 113 -3.37 13.18 13.07
CA ASP A 113 -2.06 12.99 13.70
C ASP A 113 -1.57 11.53 13.69
N PHE A 114 -0.27 11.38 13.47
CA PHE A 114 0.45 10.13 13.21
C PHE A 114 1.89 10.17 13.78
N SER A 115 2.16 11.12 14.68
CA SER A 115 3.48 11.49 15.24
C SER A 115 4.56 11.74 14.17
FE1 FES B . 5.05 4.82 6.25
FE2 FES B . 3.97 2.73 5.49
S1 FES B . 5.43 3.88 4.33
S2 FES B . 3.76 3.56 7.50
#